data_5L4H
#
_entry.id   5L4H
#
_cell.length_a   177.145
_cell.length_b   127.942
_cell.length_c   159.700
_cell.angle_alpha   90.00
_cell.angle_beta   101.03
_cell.angle_gamma   90.00
#
_symmetry.space_group_name_H-M   'C 1 2 1'
#
loop_
_entity.id
_entity.type
_entity.pdbx_description
1 polymer 'Proton-gated ion channel'
2 non-polymer 'CHLORIDE ION'
3 non-polymer DODECYL-BETA-D-MALTOSIDE
4 non-polymer 5-(2-bromoethyl)-5-ethyl-1,3-diazinane-2,4,6-trione
5 water water
#
_entity_poly.entity_id   1
_entity_poly.type   'polypeptide(L)'
_entity_poly.pdbx_seq_one_letter_code
;GQDMVSPPPPIADEPLTVNTGIYLIESYSLDDCAETFKVNAFLSLSWKDRRLAFDPVRSGVRVKTYEPEAIWIPEIRFVN
VENARDADVVDISVSPDGTVQYLERFSARVLSPLDFRRYPFDSQTLHIYLIVRSVDTRNIVLAVDLEKVGKNDDVFLTGW
DIESFTAVVKPANFALEDRLESKLDYQLRISRQYFSYIPNIILPMLFILFISWTAFWSTSYEANVTLVVSTLIAHIAFNI
LVETNCPKTPYMTYTGAIIFMIYLFYFVAVIEVTVQHYLKVESQPARAASITRASRIAFPVVFLLANIILAFLFFGF
;
_entity_poly.pdbx_strand_id   A,B,C,D,E
#
loop_
_chem_comp.id
_chem_comp.type
_chem_comp.name
_chem_comp.formula
6JW non-polymer 5-(2-bromoethyl)-5-ethyl-1,3-diazinane-2,4,6-trione 'C8 H11 Br N2 O3'
CL non-polymer 'CHLORIDE ION' 'Cl -1'
LMT D-saccharide DODECYL-BETA-D-MALTOSIDE 'C24 H46 O11'
#
# COMPACT_ATOMS: atom_id res chain seq x y z
N VAL A 5 -34.21 -9.21 -27.36
CA VAL A 5 -33.78 -8.83 -26.02
C VAL A 5 -34.78 -9.32 -24.94
N SER A 6 -35.12 -10.61 -25.04
CA SER A 6 -35.96 -11.43 -24.15
C SER A 6 -35.31 -12.82 -24.27
N PRO A 7 -35.36 -13.75 -23.29
CA PRO A 7 -34.67 -15.04 -23.49
C PRO A 7 -35.23 -15.91 -24.61
N PRO A 8 -34.43 -16.81 -25.24
CA PRO A 8 -34.98 -17.65 -26.32
C PRO A 8 -36.13 -18.53 -25.84
N PRO A 9 -37.16 -18.78 -26.65
CA PRO A 9 -38.28 -19.63 -26.19
C PRO A 9 -38.00 -21.12 -26.23
N PRO A 10 -38.52 -21.88 -25.22
CA PRO A 10 -38.23 -23.32 -25.17
C PRO A 10 -39.01 -24.15 -26.16
N ILE A 11 -38.27 -24.96 -26.97
CA ILE A 11 -38.83 -25.86 -28.02
C ILE A 11 -39.80 -26.88 -27.40
N ALA A 12 -39.42 -27.43 -26.24
CA ALA A 12 -40.18 -28.26 -25.32
C ALA A 12 -39.97 -27.49 -23.99
N ASP A 13 -40.56 -27.92 -22.86
CA ASP A 13 -40.47 -27.19 -21.56
C ASP A 13 -39.04 -26.80 -21.07
N GLU A 14 -38.09 -27.78 -21.06
CA GLU A 14 -36.72 -27.78 -20.51
C GLU A 14 -35.94 -26.41 -20.56
N PRO A 15 -35.08 -26.21 -19.52
CA PRO A 15 -34.33 -24.96 -19.37
C PRO A 15 -33.22 -24.77 -20.39
N LEU A 16 -32.76 -23.51 -20.48
CA LEU A 16 -31.70 -23.13 -21.39
C LEU A 16 -30.34 -23.57 -20.85
N THR A 17 -29.58 -24.29 -21.68
CA THR A 17 -28.27 -24.75 -21.31
C THR A 17 -27.24 -23.82 -21.89
N VAL A 18 -26.47 -23.20 -21.00
CA VAL A 18 -25.39 -22.29 -21.38
C VAL A 18 -24.08 -23.03 -21.16
N ASN A 19 -23.44 -23.40 -22.26
CA ASN A 19 -22.19 -24.11 -22.24
C ASN A 19 -21.07 -23.15 -21.98
N THR A 20 -20.23 -23.46 -20.97
CA THR A 20 -19.14 -22.60 -20.54
C THR A 20 -17.75 -23.20 -20.78
N GLY A 21 -16.76 -22.34 -20.69
CA GLY A 21 -15.35 -22.67 -20.82
C GLY A 21 -14.45 -21.51 -20.44
N ILE A 22 -13.53 -21.78 -19.53
CA ILE A 22 -12.56 -20.77 -19.10
C ILE A 22 -11.19 -21.20 -19.63
N TYR A 23 -10.45 -20.26 -20.21
CA TYR A 23 -9.10 -20.58 -20.68
C TYR A 23 -8.12 -19.58 -20.10
N LEU A 24 -7.30 -20.03 -19.11
CA LEU A 24 -6.30 -19.19 -18.43
C LEU A 24 -5.26 -18.67 -19.37
N ILE A 25 -5.14 -17.34 -19.41
CA ILE A 25 -4.15 -16.68 -20.23
C ILE A 25 -2.99 -16.36 -19.33
N GLU A 26 -3.28 -15.67 -18.22
CA GLU A 26 -2.30 -15.28 -17.21
C GLU A 26 -2.89 -15.44 -15.82
N SER A 27 -2.03 -15.85 -14.90
CA SER A 27 -2.31 -15.97 -13.49
C SER A 27 -1.20 -15.19 -12.84
N TYR A 28 -1.56 -14.23 -11.99
CA TYR A 28 -0.56 -13.43 -11.29
C TYR A 28 -1.09 -13.02 -9.91
N SER A 29 -0.36 -12.12 -9.24
CA SER A 29 -0.69 -11.57 -7.94
C SER A 29 -1.41 -12.53 -6.99
N LEU A 30 -0.80 -13.69 -6.64
CA LEU A 30 -1.41 -14.55 -5.64
C LEU A 30 -0.97 -14.00 -4.28
N ASP A 31 -1.92 -13.38 -3.56
CA ASP A 31 -1.70 -12.81 -2.24
C ASP A 31 -2.18 -13.82 -1.20
N ASP A 32 -1.22 -14.46 -0.53
CA ASP A 32 -1.47 -15.47 0.48
C ASP A 32 -2.22 -14.91 1.66
N CYS A 33 -1.87 -13.69 2.07
CA CYS A 33 -2.47 -12.98 3.19
C CYS A 33 -3.89 -12.57 2.91
N ALA A 34 -4.16 -11.99 1.73
CA ALA A 34 -5.50 -11.58 1.35
C ALA A 34 -6.38 -12.73 0.91
N GLU A 35 -5.76 -13.90 0.58
CA GLU A 35 -6.41 -15.11 0.07
C GLU A 35 -7.09 -14.79 -1.26
N THR A 36 -6.40 -13.97 -2.09
CA THR A 36 -6.88 -13.56 -3.41
C THR A 36 -5.80 -13.80 -4.43
N PHE A 37 -6.22 -13.93 -5.68
CA PHE A 37 -5.34 -14.09 -6.83
C PHE A 37 -5.97 -13.39 -8.00
N LYS A 38 -5.15 -12.77 -8.82
CA LYS A 38 -5.64 -12.08 -9.99
C LYS A 38 -5.47 -12.99 -11.19
N VAL A 39 -6.50 -13.01 -12.05
CA VAL A 39 -6.50 -13.88 -13.22
C VAL A 39 -6.95 -13.15 -14.49
N ASN A 40 -6.29 -13.47 -15.61
CA ASN A 40 -6.62 -12.95 -16.94
C ASN A 40 -6.92 -14.18 -17.81
N ALA A 41 -8.17 -14.27 -18.34
CA ALA A 41 -8.60 -15.44 -19.08
C ALA A 41 -9.69 -15.14 -20.08
N PHE A 42 -10.05 -16.18 -20.86
CA PHE A 42 -11.11 -16.15 -21.87
C PHE A 42 -12.34 -16.80 -21.27
N LEU A 43 -13.53 -16.24 -21.52
CA LEU A 43 -14.77 -16.88 -21.11
C LEU A 43 -15.57 -17.16 -22.37
N SER A 44 -15.79 -18.45 -22.65
CA SER A 44 -16.55 -18.89 -23.80
C SER A 44 -17.98 -19.27 -23.36
N LEU A 45 -18.99 -18.82 -24.10
CA LEU A 45 -20.38 -19.12 -23.80
C LEU A 45 -21.13 -19.57 -25.05
N SER A 46 -21.86 -20.69 -24.95
CA SER A 46 -22.62 -21.25 -26.06
C SER A 46 -24.04 -21.56 -25.62
N TRP A 47 -25.04 -21.05 -26.37
CA TRP A 47 -26.45 -21.34 -26.13
C TRP A 47 -27.22 -21.27 -27.45
N LYS A 48 -28.35 -22.01 -27.55
CA LYS A 48 -29.18 -21.99 -28.77
C LYS A 48 -30.38 -21.04 -28.61
N ASP A 49 -30.56 -20.19 -29.62
CA ASP A 49 -31.68 -19.29 -29.73
C ASP A 49 -32.20 -19.45 -31.13
N ARG A 50 -33.38 -20.06 -31.27
CA ARG A 50 -33.95 -20.34 -32.59
C ARG A 50 -34.50 -19.08 -33.27
N ARG A 51 -34.70 -17.98 -32.55
CA ARG A 51 -35.11 -16.69 -33.13
C ARG A 51 -33.98 -16.10 -34.01
N LEU A 52 -32.75 -16.57 -33.78
CA LEU A 52 -31.55 -16.17 -34.51
C LEU A 52 -31.15 -17.23 -35.56
N ALA A 53 -31.94 -18.34 -35.67
CA ALA A 53 -31.72 -19.39 -36.66
C ALA A 53 -32.09 -18.85 -38.04
N PHE A 54 -31.36 -19.28 -39.06
CA PHE A 54 -31.58 -18.81 -40.43
C PHE A 54 -31.23 -19.90 -41.44
N ASP A 55 -31.73 -19.75 -42.68
CA ASP A 55 -31.42 -20.69 -43.77
C ASP A 55 -30.19 -20.11 -44.50
N PRO A 56 -29.05 -20.86 -44.56
CA PRO A 56 -27.85 -20.31 -45.23
C PRO A 56 -27.99 -20.10 -46.74
N VAL A 57 -28.84 -20.91 -47.40
CA VAL A 57 -29.13 -20.88 -48.85
C VAL A 57 -29.76 -19.54 -49.29
N ARG A 58 -30.63 -18.95 -48.44
CA ARG A 58 -31.30 -17.67 -48.70
C ARG A 58 -30.51 -16.47 -48.15
N SER A 59 -29.97 -16.61 -46.92
CA SER A 59 -29.20 -15.59 -46.21
C SER A 59 -27.82 -15.33 -46.82
N GLY A 60 -27.16 -16.42 -47.22
CA GLY A 60 -25.84 -16.41 -47.85
C GLY A 60 -24.66 -15.93 -47.03
N VAL A 61 -24.55 -16.46 -45.79
CA VAL A 61 -23.47 -16.18 -44.85
C VAL A 61 -23.07 -17.46 -44.11
N ARG A 62 -21.76 -17.61 -43.81
CA ARG A 62 -21.19 -18.76 -43.07
C ARG A 62 -21.84 -18.76 -41.66
N VAL A 63 -21.65 -17.65 -40.93
CA VAL A 63 -22.17 -17.36 -39.61
C VAL A 63 -22.47 -15.87 -39.56
N LYS A 64 -23.47 -15.47 -38.78
CA LYS A 64 -23.80 -14.05 -38.64
C LYS A 64 -23.15 -13.51 -37.37
N THR A 65 -22.35 -12.44 -37.50
CA THR A 65 -21.68 -11.80 -36.36
C THR A 65 -22.58 -10.70 -35.84
N TYR A 66 -22.75 -10.62 -34.51
CA TYR A 66 -23.59 -9.62 -33.88
C TYR A 66 -22.85 -8.81 -32.83
N GLU A 67 -23.41 -7.62 -32.52
CA GLU A 67 -22.93 -6.74 -31.48
C GLU A 67 -23.63 -7.18 -30.18
N PRO A 68 -22.97 -7.10 -29.01
CA PRO A 68 -23.60 -7.57 -27.76
C PRO A 68 -24.99 -6.99 -27.49
N GLU A 69 -25.16 -5.73 -27.89
CA GLU A 69 -26.37 -4.95 -27.73
C GLU A 69 -27.51 -5.49 -28.61
N ALA A 70 -27.14 -6.00 -29.82
CA ALA A 70 -28.05 -6.54 -30.84
C ALA A 70 -28.86 -7.75 -30.41
N ILE A 71 -28.24 -8.70 -29.69
CA ILE A 71 -28.90 -9.95 -29.29
C ILE A 71 -29.00 -10.14 -27.77
N TRP A 72 -29.73 -11.21 -27.36
CA TRP A 72 -29.89 -11.61 -25.97
C TRP A 72 -28.70 -12.45 -25.59
N ILE A 73 -28.00 -12.06 -24.50
CA ILE A 73 -26.85 -12.78 -23.97
C ILE A 73 -27.08 -13.04 -22.48
N PRO A 74 -26.90 -14.31 -22.01
CA PRO A 74 -27.09 -14.59 -20.57
C PRO A 74 -26.16 -13.79 -19.66
N GLU A 75 -26.67 -13.39 -18.50
CA GLU A 75 -25.85 -12.64 -17.55
C GLU A 75 -25.05 -13.63 -16.66
N ILE A 76 -23.81 -13.96 -17.09
CA ILE A 76 -22.92 -14.82 -16.31
C ILE A 76 -22.07 -13.96 -15.40
N ARG A 77 -22.10 -14.25 -14.10
CA ARG A 77 -21.37 -13.53 -13.08
C ARG A 77 -20.50 -14.51 -12.32
N PHE A 78 -19.56 -13.97 -11.52
CA PHE A 78 -18.67 -14.79 -10.72
C PHE A 78 -19.10 -14.60 -9.29
N VAL A 79 -19.11 -15.70 -8.52
CA VAL A 79 -19.54 -15.67 -7.12
C VAL A 79 -18.48 -15.05 -6.23
N ASN A 80 -17.25 -15.59 -6.27
CA ASN A 80 -16.16 -15.19 -5.41
C ASN A 80 -15.23 -14.14 -6.01
N VAL A 81 -15.77 -13.00 -6.46
CA VAL A 81 -14.92 -11.93 -6.97
C VAL A 81 -15.07 -10.67 -6.09
N GLU A 82 -13.98 -9.83 -6.03
CA GLU A 82 -13.96 -8.58 -5.25
C GLU A 82 -15.04 -7.64 -5.84
N ASN A 83 -14.88 -7.26 -7.12
CA ASN A 83 -15.84 -6.48 -7.90
C ASN A 83 -16.05 -7.25 -9.18
N ALA A 84 -17.01 -6.82 -10.01
CA ALA A 84 -17.25 -7.51 -11.27
C ALA A 84 -16.01 -7.47 -12.15
N ARG A 85 -15.76 -8.58 -12.88
CA ARG A 85 -14.62 -8.73 -13.80
C ARG A 85 -14.57 -7.64 -14.86
N ASP A 86 -13.37 -7.27 -15.31
CA ASP A 86 -13.22 -6.32 -16.40
C ASP A 86 -13.24 -7.19 -17.62
N ALA A 87 -14.36 -7.17 -18.32
CA ALA A 87 -14.56 -7.99 -19.48
C ALA A 87 -14.59 -7.18 -20.74
N ASP A 88 -14.15 -7.81 -21.83
CA ASP A 88 -14.15 -7.23 -23.15
C ASP A 88 -14.54 -8.33 -24.12
N VAL A 89 -15.73 -8.17 -24.77
CA VAL A 89 -16.28 -9.13 -25.73
C VAL A 89 -15.36 -9.17 -26.94
N VAL A 90 -14.81 -10.37 -27.23
CA VAL A 90 -13.89 -10.60 -28.32
C VAL A 90 -14.67 -10.89 -29.60
N ASP A 91 -15.67 -11.80 -29.56
CA ASP A 91 -16.48 -12.19 -30.73
C ASP A 91 -17.82 -12.84 -30.35
N ILE A 92 -18.85 -12.62 -31.18
CA ILE A 92 -20.19 -13.22 -31.09
C ILE A 92 -20.51 -13.80 -32.46
N SER A 93 -20.70 -15.12 -32.55
CA SER A 93 -20.99 -15.80 -33.83
C SER A 93 -22.26 -16.64 -33.75
N VAL A 94 -23.19 -16.46 -34.73
CA VAL A 94 -24.45 -17.21 -34.78
C VAL A 94 -24.50 -18.13 -36.00
N SER A 95 -24.55 -19.45 -35.75
CA SER A 95 -24.63 -20.47 -36.79
C SER A 95 -26.09 -20.61 -37.27
N PRO A 96 -26.34 -21.17 -38.50
CA PRO A 96 -27.73 -21.29 -39.01
C PRO A 96 -28.79 -21.88 -38.07
N ASP A 97 -28.43 -22.84 -37.18
CA ASP A 97 -29.38 -23.48 -36.25
C ASP A 97 -29.78 -22.60 -35.03
N GLY A 98 -29.13 -21.43 -34.91
CA GLY A 98 -29.34 -20.46 -33.84
C GLY A 98 -28.39 -20.58 -32.66
N THR A 99 -27.31 -21.40 -32.80
CA THR A 99 -26.31 -21.58 -31.74
C THR A 99 -25.35 -20.39 -31.67
N VAL A 100 -25.48 -19.60 -30.60
CA VAL A 100 -24.62 -18.45 -30.37
C VAL A 100 -23.33 -18.90 -29.70
N GLN A 101 -22.21 -18.41 -30.25
CA GLN A 101 -20.87 -18.67 -29.77
C GLN A 101 -20.30 -17.31 -29.34
N TYR A 102 -20.32 -17.09 -28.04
CA TYR A 102 -19.85 -15.88 -27.41
C TYR A 102 -18.46 -16.14 -26.83
N LEU A 103 -17.59 -15.13 -26.91
CA LEU A 103 -16.25 -15.17 -26.35
C LEU A 103 -15.86 -13.78 -25.89
N GLU A 104 -15.32 -13.71 -24.67
CA GLU A 104 -14.85 -12.49 -24.06
C GLU A 104 -13.51 -12.73 -23.38
N ARG A 105 -12.72 -11.67 -23.19
CA ARG A 105 -11.47 -11.73 -22.45
C ARG A 105 -11.63 -10.88 -21.19
N PHE A 106 -11.54 -11.54 -20.01
CA PHE A 106 -11.77 -10.89 -18.73
C PHE A 106 -10.57 -10.93 -17.79
N SER A 107 -10.53 -10.00 -16.84
CA SER A 107 -9.52 -9.95 -15.80
C SER A 107 -10.30 -9.79 -14.50
N ALA A 108 -9.97 -10.61 -13.46
CA ALA A 108 -10.68 -10.59 -12.20
C ALA A 108 -9.80 -10.88 -11.01
N ARG A 109 -10.13 -10.29 -9.83
CA ARG A 109 -9.44 -10.57 -8.56
C ARG A 109 -10.38 -11.49 -7.80
N VAL A 110 -9.99 -12.75 -7.78
CA VAL A 110 -10.77 -13.84 -7.23
C VAL A 110 -10.40 -14.09 -5.76
N LEU A 111 -11.42 -14.12 -4.89
CA LEU A 111 -11.26 -14.42 -3.49
C LEU A 111 -11.42 -15.96 -3.29
N SER A 112 -10.30 -16.63 -3.01
CA SER A 112 -10.29 -18.07 -2.76
C SER A 112 -9.51 -18.39 -1.45
N PRO A 113 -10.19 -18.91 -0.38
CA PRO A 113 -9.47 -19.22 0.88
C PRO A 113 -8.32 -20.22 0.72
N LEU A 114 -7.30 -20.09 1.59
CA LEU A 114 -6.11 -20.94 1.59
C LEU A 114 -5.85 -21.56 2.95
N ASP A 115 -5.45 -22.85 2.96
CA ASP A 115 -5.13 -23.60 4.19
C ASP A 115 -3.62 -23.68 4.40
N PHE A 116 -3.14 -22.93 5.39
CA PHE A 116 -1.73 -22.81 5.75
C PHE A 116 -1.25 -23.81 6.80
N ARG A 117 -2.13 -24.75 7.24
CA ARG A 117 -1.76 -25.78 8.22
C ARG A 117 -0.44 -26.51 7.81
N ARG A 118 -0.26 -26.92 6.53
CA ARG A 118 0.97 -27.61 6.13
C ARG A 118 2.02 -26.75 5.41
N TYR A 119 1.97 -25.41 5.57
CA TYR A 119 2.91 -24.46 4.98
C TYR A 119 4.32 -24.76 5.56
N PRO A 120 5.41 -24.71 4.75
CA PRO A 120 5.49 -24.37 3.32
C PRO A 120 5.42 -25.58 2.39
N PHE A 121 4.95 -26.71 2.90
CA PHE A 121 4.85 -27.96 2.15
C PHE A 121 3.46 -28.17 1.54
N ASP A 122 2.58 -27.19 1.78
CA ASP A 122 1.19 -27.16 1.31
C ASP A 122 1.01 -27.15 -0.19
N SER A 123 -0.23 -27.48 -0.58
CA SER A 123 -0.79 -27.47 -1.93
C SER A 123 -2.17 -26.87 -1.77
N GLN A 124 -2.64 -26.13 -2.78
CA GLN A 124 -3.94 -25.44 -2.72
C GLN A 124 -4.77 -25.67 -3.96
N THR A 125 -6.09 -25.50 -3.82
CA THR A 125 -7.07 -25.60 -4.91
C THR A 125 -7.80 -24.27 -4.98
N LEU A 126 -7.49 -23.52 -6.03
CA LEU A 126 -8.09 -22.21 -6.27
C LEU A 126 -9.40 -22.37 -7.01
N HIS A 127 -10.46 -21.75 -6.49
CA HIS A 127 -11.79 -21.82 -7.06
C HIS A 127 -12.23 -20.56 -7.78
N ILE A 128 -13.01 -20.73 -8.86
CA ILE A 128 -13.62 -19.66 -9.65
C ILE A 128 -15.04 -20.16 -9.86
N TYR A 129 -16.03 -19.48 -9.26
CA TYR A 129 -17.41 -19.92 -9.37
C TYR A 129 -18.21 -19.10 -10.35
N LEU A 130 -18.69 -19.76 -11.42
CA LEU A 130 -19.55 -19.16 -12.44
C LEU A 130 -20.99 -19.30 -12.01
N ILE A 131 -21.80 -18.28 -12.23
CA ILE A 131 -23.19 -18.32 -11.80
C ILE A 131 -24.10 -17.63 -12.82
N VAL A 132 -25.32 -18.14 -12.97
CA VAL A 132 -26.37 -17.58 -13.83
C VAL A 132 -27.73 -17.62 -13.11
N ARG A 133 -28.41 -16.47 -13.06
CA ARG A 133 -29.72 -16.42 -12.44
C ARG A 133 -30.78 -16.54 -13.50
N SER A 134 -31.68 -17.54 -13.34
CA SER A 134 -32.79 -17.85 -14.23
C SER A 134 -33.77 -16.71 -14.35
N VAL A 135 -34.41 -16.60 -15.52
CA VAL A 135 -35.36 -15.54 -15.84
C VAL A 135 -36.80 -16.01 -15.69
N ASP A 136 -37.75 -15.07 -15.82
CA ASP A 136 -39.20 -15.25 -15.70
C ASP A 136 -39.72 -16.25 -16.73
N THR A 137 -39.48 -15.99 -18.00
CA THR A 137 -39.95 -16.86 -19.08
C THR A 137 -39.32 -18.25 -19.05
N ARG A 138 -38.01 -18.39 -18.71
CA ARG A 138 -37.42 -19.72 -18.66
C ARG A 138 -36.21 -19.86 -17.72
N ASN A 139 -36.01 -21.08 -17.19
CA ASN A 139 -34.88 -21.39 -16.33
C ASN A 139 -33.61 -21.51 -17.15
N ILE A 140 -32.49 -21.08 -16.54
CA ILE A 140 -31.16 -21.12 -17.15
C ILE A 140 -30.29 -22.02 -16.29
N VAL A 141 -29.60 -23.00 -16.96
CA VAL A 141 -28.68 -23.98 -16.39
C VAL A 141 -27.33 -23.96 -17.12
N LEU A 142 -26.21 -23.99 -16.35
CA LEU A 142 -24.82 -23.98 -16.85
C LEU A 142 -24.29 -25.38 -17.16
N ALA A 143 -23.35 -25.46 -18.11
CA ALA A 143 -22.74 -26.72 -18.54
C ALA A 143 -21.28 -26.46 -18.84
N VAL A 144 -20.46 -27.52 -18.95
CA VAL A 144 -19.03 -27.37 -19.25
C VAL A 144 -18.67 -27.91 -20.65
N ASP A 145 -18.15 -27.05 -21.55
CA ASP A 145 -17.63 -27.50 -22.86
C ASP A 145 -16.16 -27.77 -22.58
N LEU A 146 -15.83 -29.05 -22.34
CA LEU A 146 -14.49 -29.48 -21.93
C LEU A 146 -13.41 -29.19 -22.93
N GLU A 147 -13.80 -28.94 -24.18
CA GLU A 147 -12.89 -28.60 -25.26
C GLU A 147 -12.43 -27.16 -25.10
N LYS A 148 -13.29 -26.34 -24.47
CA LYS A 148 -13.08 -24.90 -24.27
C LYS A 148 -12.55 -24.52 -22.85
N VAL A 149 -12.15 -25.51 -22.03
CA VAL A 149 -11.57 -25.34 -20.70
C VAL A 149 -10.09 -25.74 -20.78
N GLY A 150 -9.21 -24.80 -20.45
CA GLY A 150 -7.76 -25.02 -20.46
C GLY A 150 -6.94 -23.88 -19.90
N LYS A 151 -5.62 -23.91 -20.16
CA LYS A 151 -4.69 -22.88 -19.70
C LYS A 151 -3.50 -22.78 -20.62
N ASN A 152 -2.95 -21.56 -20.74
CA ASN A 152 -1.77 -21.23 -21.55
C ASN A 152 -0.60 -21.96 -20.90
N ASP A 153 0.27 -22.61 -21.69
CA ASP A 153 1.43 -23.35 -21.18
C ASP A 153 2.34 -22.46 -20.34
N ASP A 154 2.47 -21.20 -20.76
CA ASP A 154 3.29 -20.19 -20.12
C ASP A 154 2.70 -19.61 -18.82
N VAL A 155 1.48 -20.04 -18.38
CA VAL A 155 0.82 -19.58 -17.16
C VAL A 155 1.73 -19.94 -15.96
N PHE A 156 2.07 -18.94 -15.12
CA PHE A 156 2.98 -19.14 -14.01
C PHE A 156 2.62 -18.33 -12.76
N LEU A 157 2.91 -18.93 -11.60
CA LEU A 157 2.81 -18.31 -10.28
C LEU A 157 4.15 -18.60 -9.67
N THR A 158 4.94 -17.54 -9.42
CA THR A 158 6.27 -17.71 -8.83
C THR A 158 6.15 -18.37 -7.47
N GLY A 159 6.89 -19.44 -7.31
CA GLY A 159 6.89 -20.24 -6.08
C GLY A 159 5.84 -21.32 -6.03
N TRP A 160 5.15 -21.58 -7.15
CA TRP A 160 4.12 -22.61 -7.20
C TRP A 160 4.25 -23.45 -8.43
N ASP A 161 3.88 -24.73 -8.31
CA ASP A 161 3.85 -25.65 -9.42
C ASP A 161 2.37 -25.80 -9.79
N ILE A 162 1.96 -25.23 -10.97
CA ILE A 162 0.56 -25.26 -11.44
C ILE A 162 0.30 -26.65 -11.99
N GLU A 163 -0.36 -27.47 -11.17
CA GLU A 163 -0.70 -28.86 -11.49
C GLU A 163 -1.72 -28.95 -12.63
N SER A 164 -2.96 -28.42 -12.40
CA SER A 164 -4.05 -28.53 -13.37
C SER A 164 -5.08 -27.44 -13.28
N PHE A 165 -5.78 -27.20 -14.42
CA PHE A 165 -6.92 -26.30 -14.54
C PHE A 165 -8.11 -27.06 -15.10
N THR A 166 -9.01 -27.51 -14.19
CA THR A 166 -10.18 -28.31 -14.54
C THR A 166 -11.50 -27.66 -14.03
N ALA A 167 -12.64 -28.27 -14.39
CA ALA A 167 -13.94 -27.81 -13.93
C ALA A 167 -14.83 -28.97 -13.52
N VAL A 168 -15.63 -28.77 -12.46
CA VAL A 168 -16.61 -29.73 -11.94
C VAL A 168 -17.86 -29.60 -12.83
N VAL A 169 -17.95 -30.49 -13.84
CA VAL A 169 -18.94 -30.58 -14.92
C VAL A 169 -20.39 -30.49 -14.46
N LYS A 170 -20.73 -31.13 -13.35
CA LYS A 170 -22.11 -31.08 -12.87
C LYS A 170 -22.32 -29.80 -12.06
N PRO A 171 -23.21 -28.90 -12.53
CA PRO A 171 -23.44 -27.65 -11.79
C PRO A 171 -24.26 -27.80 -10.52
N ALA A 172 -24.13 -26.83 -9.63
CA ALA A 172 -24.83 -26.79 -8.37
C ALA A 172 -26.02 -25.87 -8.53
N ASN A 173 -27.21 -26.46 -8.84
CA ASN A 173 -28.46 -25.73 -9.06
C ASN A 173 -29.21 -25.60 -7.75
N PHE A 174 -29.65 -24.39 -7.42
CA PHE A 174 -30.28 -24.11 -6.14
C PHE A 174 -31.11 -22.85 -6.22
N ALA A 175 -32.00 -22.65 -5.23
CA ALA A 175 -32.88 -21.49 -5.20
C ALA A 175 -32.30 -20.39 -4.39
N LEU A 176 -32.35 -19.17 -4.93
CA LEU A 176 -31.85 -17.96 -4.30
C LEU A 176 -32.69 -16.75 -4.74
N GLU A 177 -33.31 -16.07 -3.75
CA GLU A 177 -34.21 -14.91 -3.91
C GLU A 177 -35.34 -15.21 -4.94
N ASP A 178 -35.99 -16.35 -4.73
CA ASP A 178 -37.12 -16.92 -5.48
C ASP A 178 -36.79 -17.28 -6.92
N ARG A 179 -35.51 -17.57 -7.25
CA ARG A 179 -35.13 -18.00 -8.61
C ARG A 179 -34.08 -19.08 -8.55
N LEU A 180 -33.97 -19.88 -9.62
CA LEU A 180 -33.00 -20.97 -9.75
C LEU A 180 -31.66 -20.38 -10.18
N GLU A 181 -30.60 -20.78 -9.49
CA GLU A 181 -29.24 -20.37 -9.85
C GLU A 181 -28.42 -21.61 -10.11
N SER A 182 -27.77 -21.65 -11.25
CA SER A 182 -26.90 -22.72 -11.67
C SER A 182 -25.47 -22.20 -11.48
N LYS A 183 -24.67 -22.90 -10.64
CA LYS A 183 -23.30 -22.55 -10.27
C LYS A 183 -22.28 -23.61 -10.73
N LEU A 184 -21.21 -23.17 -11.39
CA LEU A 184 -20.15 -24.08 -11.81
C LEU A 184 -18.86 -23.82 -11.03
N ASP A 185 -17.99 -24.84 -10.94
CA ASP A 185 -16.74 -24.73 -10.18
C ASP A 185 -15.52 -25.03 -11.05
N TYR A 186 -14.69 -24.00 -11.27
CA TYR A 186 -13.42 -24.09 -12.01
C TYR A 186 -12.29 -24.10 -11.00
N GLN A 187 -11.50 -25.19 -10.99
CA GLN A 187 -10.42 -25.41 -10.06
C GLN A 187 -9.02 -25.35 -10.66
N LEU A 188 -8.15 -24.59 -9.99
CA LEU A 188 -6.74 -24.43 -10.32
C LEU A 188 -5.96 -25.06 -9.16
N ARG A 189 -5.30 -26.22 -9.41
CA ARG A 189 -4.52 -26.91 -8.39
C ARG A 189 -3.09 -26.54 -8.51
N ILE A 190 -2.54 -26.07 -7.39
CA ILE A 190 -1.18 -25.56 -7.28
C ILE A 190 -0.53 -26.23 -6.07
N SER A 191 0.79 -26.42 -6.13
CA SER A 191 1.59 -26.98 -5.03
C SER A 191 2.82 -26.08 -4.83
N ARG A 192 3.15 -25.75 -3.57
CA ARG A 192 4.23 -24.83 -3.24
C ARG A 192 5.65 -25.33 -3.56
N GLN A 193 6.57 -24.41 -3.93
CA GLN A 193 7.99 -24.63 -4.21
C GLN A 193 8.85 -24.23 -2.96
N TYR A 194 8.79 -25.11 -1.95
CA TYR A 194 9.42 -24.97 -0.63
C TYR A 194 10.96 -25.15 -0.57
N PHE A 195 11.68 -25.18 -1.71
CA PHE A 195 13.11 -25.43 -1.64
C PHE A 195 13.87 -24.44 -0.78
N SER A 196 13.85 -23.17 -1.17
CA SER A 196 14.56 -22.09 -0.51
C SER A 196 14.29 -21.95 0.97
N TYR A 197 13.14 -22.42 1.43
CA TYR A 197 12.77 -22.35 2.82
C TYR A 197 13.77 -22.99 3.75
N ILE A 198 14.35 -24.14 3.35
CA ILE A 198 15.33 -24.85 4.19
C ILE A 198 16.60 -23.95 4.42
N PRO A 199 17.43 -23.63 3.39
CA PRO A 199 18.60 -22.79 3.64
C PRO A 199 18.28 -21.36 4.10
N ASN A 200 17.06 -20.89 3.82
CA ASN A 200 16.71 -19.52 4.09
C ASN A 200 16.00 -19.27 5.42
N ILE A 201 15.19 -20.23 5.90
CA ILE A 201 14.46 -20.05 7.17
C ILE A 201 14.80 -21.13 8.19
N ILE A 202 14.60 -22.42 7.82
CA ILE A 202 14.82 -23.55 8.73
C ILE A 202 16.25 -23.57 9.30
N LEU A 203 17.23 -23.78 8.44
CA LEU A 203 18.62 -23.87 8.86
C LEU A 203 19.19 -22.67 9.68
N PRO A 204 19.04 -21.35 9.35
CA PRO A 204 19.61 -20.33 10.24
C PRO A 204 18.83 -20.25 11.56
N MET A 205 17.50 -20.59 11.55
CA MET A 205 16.72 -20.57 12.78
C MET A 205 17.18 -21.65 13.74
N LEU A 206 17.54 -22.83 13.20
CA LEU A 206 18.03 -23.94 14.00
C LEU A 206 19.43 -23.63 14.58
N PHE A 207 20.33 -22.97 13.80
CA PHE A 207 21.66 -22.61 14.29
C PHE A 207 21.58 -21.76 15.57
N ILE A 208 20.68 -20.74 15.59
CA ILE A 208 20.50 -19.83 16.74
C ILE A 208 20.12 -20.60 18.00
N LEU A 209 19.21 -21.60 17.85
CA LEU A 209 18.75 -22.50 18.91
C LEU A 209 19.91 -23.36 19.42
N PHE A 210 20.72 -23.90 18.50
CA PHE A 210 21.89 -24.72 18.82
C PHE A 210 22.91 -23.90 19.61
N ILE A 211 23.17 -22.64 19.20
CA ILE A 211 24.09 -21.74 19.90
C ILE A 211 23.71 -21.64 21.38
N SER A 212 22.40 -21.57 21.68
CA SER A 212 21.89 -21.52 23.06
C SER A 212 22.23 -22.79 23.84
N TRP A 213 22.32 -23.95 23.17
CA TRP A 213 22.64 -25.22 23.81
C TRP A 213 24.10 -25.35 24.24
N THR A 214 24.99 -24.40 23.79
CA THR A 214 26.38 -24.47 24.22
C THR A 214 26.50 -24.11 25.72
N ALA A 215 25.43 -23.52 26.31
CA ALA A 215 25.34 -23.20 27.74
C ALA A 215 25.33 -24.45 28.64
N PHE A 216 25.33 -25.65 28.02
CA PHE A 216 25.37 -26.94 28.72
C PHE A 216 26.82 -27.45 28.82
N TRP A 217 27.77 -26.73 28.21
CA TRP A 217 29.20 -27.05 28.27
C TRP A 217 29.95 -25.90 28.92
N SER A 218 29.22 -25.12 29.76
CA SER A 218 29.76 -23.99 30.51
C SER A 218 29.19 -23.97 31.92
N THR A 219 29.99 -23.44 32.86
CA THR A 219 29.62 -23.26 34.26
C THR A 219 29.53 -21.76 34.58
N SER A 220 29.96 -20.90 33.64
CA SER A 220 29.92 -19.45 33.80
C SER A 220 28.51 -18.93 33.59
N TYR A 221 27.85 -18.54 34.71
CA TYR A 221 26.47 -18.01 34.70
C TYR A 221 26.35 -16.75 33.89
N GLU A 222 27.39 -15.89 33.91
CA GLU A 222 27.39 -14.67 33.11
C GLU A 222 27.43 -15.03 31.63
N ALA A 223 28.33 -15.97 31.21
CA ALA A 223 28.44 -16.43 29.82
C ALA A 223 27.15 -17.14 29.37
N ASN A 224 26.54 -17.95 30.27
CA ASN A 224 25.30 -18.69 30.01
C ASN A 224 24.09 -17.79 29.80
N VAL A 225 23.88 -16.76 30.67
CA VAL A 225 22.79 -15.78 30.55
C VAL A 225 22.94 -15.09 29.20
N THR A 226 24.16 -14.61 28.89
CA THR A 226 24.49 -13.97 27.62
C THR A 226 24.20 -14.93 26.44
N LEU A 227 24.53 -16.25 26.57
CA LEU A 227 24.21 -17.21 25.51
C LEU A 227 22.72 -17.39 25.25
N VAL A 228 21.93 -17.89 26.23
CA VAL A 228 20.49 -18.11 26.00
C VAL A 228 19.69 -16.78 25.75
N VAL A 229 19.91 -15.70 26.50
CA VAL A 229 19.11 -14.50 26.28
C VAL A 229 19.51 -13.81 24.96
N SER A 230 20.81 -13.67 24.65
CA SER A 230 21.21 -13.06 23.37
C SER A 230 20.71 -13.86 22.18
N THR A 231 20.71 -15.22 22.25
CA THR A 231 20.19 -16.05 21.17
C THR A 231 18.67 -15.90 21.06
N LEU A 232 17.95 -15.75 22.22
CA LEU A 232 16.51 -15.51 22.20
C LEU A 232 16.24 -14.20 21.40
N ILE A 233 17.02 -13.11 21.66
CA ILE A 233 16.94 -11.85 20.91
C ILE A 233 17.21 -12.08 19.41
N ALA A 234 18.30 -12.80 19.09
CA ALA A 234 18.64 -13.14 17.70
C ALA A 234 17.53 -13.97 17.03
N HIS A 235 16.83 -14.85 17.80
CA HIS A 235 15.73 -15.65 17.28
C HIS A 235 14.59 -14.73 16.86
N ILE A 236 14.13 -13.84 17.78
CA ILE A 236 13.07 -12.86 17.54
C ILE A 236 13.45 -11.96 16.36
N ALA A 237 14.71 -11.43 16.37
CA ALA A 237 15.23 -10.59 15.30
C ALA A 237 15.19 -11.35 13.98
N PHE A 238 15.56 -12.65 13.98
CA PHE A 238 15.52 -13.45 12.76
C PHE A 238 14.11 -13.59 12.27
N ASN A 239 13.17 -13.85 13.17
CA ASN A 239 11.75 -13.97 12.83
C ASN A 239 11.16 -12.68 12.25
N ILE A 240 11.62 -11.48 12.73
CA ILE A 240 11.21 -10.19 12.20
C ILE A 240 11.70 -10.11 10.76
N LEU A 241 12.96 -10.56 10.50
CA LEU A 241 13.59 -10.57 9.17
C LEU A 241 12.87 -11.49 8.18
N VAL A 242 12.61 -12.77 8.54
CA VAL A 242 11.97 -13.74 7.66
C VAL A 242 10.41 -13.79 7.82
N GLU A 243 9.82 -12.74 8.45
CA GLU A 243 8.38 -12.59 8.70
C GLU A 243 7.57 -12.79 7.44
N THR A 244 6.53 -13.67 7.53
CA THR A 244 5.63 -14.04 6.43
C THR A 244 4.95 -12.84 5.72
N ASN A 245 4.78 -11.66 6.43
CA ASN A 245 4.07 -10.41 6.04
C ASN A 245 2.53 -10.60 6.23
N CYS A 246 2.14 -11.87 6.58
CA CYS A 246 0.78 -12.36 6.82
C CYS A 246 0.40 -12.20 8.29
N PRO A 247 -0.69 -11.40 8.54
CA PRO A 247 -1.19 -11.27 9.92
C PRO A 247 -1.54 -12.67 10.42
N LYS A 248 -1.22 -12.95 11.68
CA LYS A 248 -1.42 -14.27 12.25
C LYS A 248 -2.74 -14.95 11.85
N THR A 249 -2.56 -16.21 11.52
CA THR A 249 -3.55 -17.19 11.12
C THR A 249 -4.39 -17.56 12.36
N PRO A 250 -5.73 -17.58 12.26
CA PRO A 250 -6.56 -17.95 13.42
C PRO A 250 -6.43 -19.38 13.95
N TYR A 251 -5.99 -20.31 13.06
CA TYR A 251 -5.77 -21.74 13.32
C TYR A 251 -4.32 -22.09 13.54
N MET A 252 -4.05 -23.26 14.16
CA MET A 252 -2.69 -23.69 14.45
C MET A 252 -2.08 -24.41 13.26
N THR A 253 -0.98 -23.84 12.79
CA THR A 253 -0.19 -24.30 11.66
C THR A 253 0.98 -25.14 12.15
N TYR A 254 1.56 -25.96 11.26
CA TYR A 254 2.73 -26.78 11.54
C TYR A 254 3.87 -25.86 11.96
N THR A 255 4.14 -24.83 11.15
CA THR A 255 5.17 -23.81 11.35
C THR A 255 4.95 -23.11 12.68
N GLY A 256 3.71 -22.74 12.96
CA GLY A 256 3.32 -22.07 14.19
C GLY A 256 3.61 -22.87 15.44
N ALA A 257 3.37 -24.20 15.38
CA ALA A 257 3.61 -25.15 16.47
C ALA A 257 5.10 -25.23 16.81
N ILE A 258 5.95 -25.36 15.76
CA ILE A 258 7.40 -25.41 15.88
C ILE A 258 7.97 -24.13 16.47
N ILE A 259 7.57 -22.97 15.94
CA ILE A 259 8.00 -21.68 16.51
C ILE A 259 7.65 -21.62 18.01
N PHE A 260 6.39 -22.01 18.39
CA PHE A 260 5.97 -22.07 19.78
C PHE A 260 6.90 -22.95 20.59
N MET A 261 7.21 -24.14 20.04
CA MET A 261 8.10 -25.12 20.65
C MET A 261 9.52 -24.53 20.91
N ILE A 262 10.06 -23.75 19.92
CA ILE A 262 11.35 -23.06 20.03
C ILE A 262 11.32 -22.03 21.19
N TYR A 263 10.24 -21.21 21.31
CA TYR A 263 10.10 -20.26 22.43
C TYR A 263 10.06 -20.97 23.78
N LEU A 264 9.42 -22.16 23.82
CA LEU A 264 9.37 -23.00 25.03
C LEU A 264 10.78 -23.50 25.40
N PHE A 265 11.56 -23.96 24.39
CA PHE A 265 12.94 -24.41 24.55
C PHE A 265 13.85 -23.28 25.07
N TYR A 266 13.62 -22.00 24.65
CA TYR A 266 14.40 -20.87 25.15
C TYR A 266 14.11 -20.67 26.61
N PHE A 267 12.82 -20.83 27.00
CA PHE A 267 12.42 -20.70 28.38
C PHE A 267 12.94 -21.82 29.25
N VAL A 268 12.88 -23.08 28.76
CA VAL A 268 13.36 -24.26 29.50
C VAL A 268 14.89 -24.19 29.70
N ALA A 269 15.64 -23.76 28.66
CA ALA A 269 17.10 -23.59 28.74
C ALA A 269 17.45 -22.52 29.75
N VAL A 270 16.64 -21.43 29.88
CA VAL A 270 16.87 -20.41 30.91
C VAL A 270 16.64 -21.06 32.29
N ILE A 271 15.53 -21.82 32.47
CA ILE A 271 15.27 -22.52 33.73
C ILE A 271 16.50 -23.34 34.17
N GLU A 272 17.02 -24.19 33.24
CA GLU A 272 18.20 -25.05 33.43
C GLU A 272 19.35 -24.21 33.96
N VAL A 273 19.77 -23.16 33.19
CA VAL A 273 20.84 -22.22 33.51
C VAL A 273 20.63 -21.61 34.90
N THR A 274 19.37 -21.26 35.20
CA THR A 274 19.02 -20.69 36.49
C THR A 274 19.22 -21.74 37.63
N VAL A 275 18.64 -22.95 37.45
CA VAL A 275 18.73 -24.07 38.39
C VAL A 275 20.19 -24.42 38.66
N GLN A 276 20.99 -24.74 37.58
CA GLN A 276 22.40 -25.09 37.65
C GLN A 276 23.21 -24.13 38.54
N HIS A 277 23.11 -22.83 38.28
CA HIS A 277 23.80 -21.79 39.03
C HIS A 277 23.35 -21.75 40.48
N TYR A 278 22.02 -21.83 40.73
CA TYR A 278 21.50 -21.81 42.10
C TYR A 278 21.98 -23.00 42.91
N LEU A 279 22.03 -24.21 42.31
CA LEU A 279 22.55 -25.42 42.97
C LEU A 279 24.04 -25.29 43.30
N LYS A 280 24.83 -24.75 42.35
CA LYS A 280 26.25 -24.51 42.52
C LYS A 280 26.48 -23.57 43.69
N VAL A 281 25.75 -22.42 43.71
CA VAL A 281 25.83 -21.42 44.78
C VAL A 281 25.25 -21.98 46.11
N GLU A 282 24.28 -22.91 46.04
CA GLU A 282 23.70 -23.55 47.23
C GLU A 282 24.40 -24.85 47.60
N SER A 283 25.74 -24.83 47.49
CA SER A 283 26.66 -25.90 47.84
C SER A 283 26.17 -27.31 47.45
N GLN A 284 25.79 -27.48 46.19
CA GLN A 284 25.32 -28.77 45.66
C GLN A 284 25.88 -28.95 44.23
N PRO A 285 27.22 -28.88 44.01
CA PRO A 285 27.74 -28.97 42.63
C PRO A 285 27.63 -30.35 41.97
N ALA A 286 27.17 -31.35 42.71
CA ALA A 286 26.99 -32.69 42.16
C ALA A 286 25.73 -32.70 41.30
N ARG A 287 24.60 -32.16 41.85
CA ARG A 287 23.29 -32.09 41.16
C ARG A 287 23.37 -31.12 39.99
N ALA A 288 23.96 -29.92 40.23
CA ALA A 288 24.16 -28.90 39.21
C ALA A 288 24.82 -29.54 37.99
N ALA A 289 26.01 -30.18 38.17
CA ALA A 289 26.76 -30.84 37.08
C ALA A 289 26.02 -31.98 36.42
N SER A 290 25.23 -32.77 37.17
CA SER A 290 24.50 -33.88 36.56
C SER A 290 23.32 -33.40 35.68
N ILE A 291 22.66 -32.28 36.07
CA ILE A 291 21.55 -31.66 35.33
C ILE A 291 22.09 -31.15 34.01
N THR A 292 23.23 -30.42 34.05
CA THR A 292 23.89 -29.84 32.87
C THR A 292 24.31 -30.93 31.89
N ARG A 293 24.94 -31.99 32.42
CA ARG A 293 25.37 -33.15 31.63
C ARG A 293 24.20 -33.86 30.96
N ALA A 294 23.05 -33.96 31.66
CA ALA A 294 21.82 -34.57 31.15
C ALA A 294 21.23 -33.74 29.98
N SER A 295 21.09 -32.42 30.19
CA SER A 295 20.59 -31.43 29.26
C SER A 295 21.28 -31.50 27.90
N ARG A 296 22.61 -31.73 27.90
CA ARG A 296 23.44 -31.93 26.69
C ARG A 296 22.85 -32.99 25.73
N ILE A 297 22.20 -34.03 26.31
CA ILE A 297 21.57 -35.12 25.55
C ILE A 297 20.06 -34.89 25.48
N ALA A 298 19.43 -34.54 26.64
CA ALA A 298 18.00 -34.30 26.79
C ALA A 298 17.45 -33.30 25.80
N PHE A 299 18.04 -32.08 25.74
CA PHE A 299 17.63 -30.99 24.86
C PHE A 299 17.57 -31.41 23.39
N PRO A 300 18.66 -31.88 22.73
CA PRO A 300 18.52 -32.30 21.32
C PRO A 300 17.59 -33.50 21.10
N VAL A 301 17.62 -34.49 22.00
CA VAL A 301 16.76 -35.68 21.88
C VAL A 301 15.27 -35.31 21.96
N VAL A 302 14.85 -34.56 23.03
CA VAL A 302 13.46 -34.08 23.21
C VAL A 302 13.04 -33.22 22.00
N PHE A 303 13.95 -32.36 21.51
CA PHE A 303 13.71 -31.53 20.34
C PHE A 303 13.43 -32.40 19.11
N LEU A 304 14.33 -33.36 18.80
CA LEU A 304 14.17 -34.26 17.66
C LEU A 304 12.88 -35.08 17.71
N LEU A 305 12.52 -35.59 18.91
CA LEU A 305 11.30 -36.38 19.11
C LEU A 305 10.03 -35.55 18.94
N ALA A 306 9.94 -34.42 19.69
CA ALA A 306 8.82 -33.48 19.62
C ALA A 306 8.57 -32.98 18.19
N ASN A 307 9.67 -32.76 17.43
CA ASN A 307 9.61 -32.36 16.03
C ASN A 307 8.99 -33.43 15.14
N ILE A 308 9.37 -34.71 15.36
CA ILE A 308 8.85 -35.88 14.66
C ILE A 308 7.36 -36.03 14.94
N ILE A 309 6.95 -35.93 16.23
CA ILE A 309 5.53 -35.98 16.65
C ILE A 309 4.72 -34.91 15.91
N LEU A 310 5.25 -33.65 15.85
CA LEU A 310 4.60 -32.52 15.15
C LEU A 310 4.49 -32.78 13.66
N ALA A 311 5.62 -33.20 13.02
CA ALA A 311 5.64 -33.52 11.59
C ALA A 311 4.63 -34.62 11.30
N PHE A 312 4.50 -35.61 12.21
CA PHE A 312 3.54 -36.70 12.05
C PHE A 312 2.11 -36.22 12.16
N LEU A 313 1.80 -35.43 13.20
CA LEU A 313 0.46 -34.91 13.40
C LEU A 313 -0.01 -34.01 12.26
N PHE A 314 0.90 -33.27 11.60
CA PHE A 314 0.52 -32.38 10.52
C PHE A 314 0.53 -33.05 9.16
N PHE A 315 1.37 -34.08 8.95
CA PHE A 315 1.47 -34.78 7.65
C PHE A 315 1.36 -36.31 7.81
N VAL B 5 -18.08 -1.83 -40.07
CA VAL B 5 -17.76 -2.39 -38.75
C VAL B 5 -17.86 -3.97 -38.74
N SER B 6 -17.25 -4.55 -39.78
CA SER B 6 -17.07 -5.98 -40.08
C SER B 6 -15.67 -6.03 -40.73
N PRO B 7 -14.87 -7.10 -40.67
CA PRO B 7 -13.52 -7.03 -41.28
C PRO B 7 -13.49 -6.82 -42.79
N PRO B 8 -12.41 -6.22 -43.37
CA PRO B 8 -12.37 -6.02 -44.84
C PRO B 8 -12.44 -7.35 -45.58
N PRO B 9 -13.15 -7.41 -46.71
CA PRO B 9 -13.31 -8.71 -47.39
C PRO B 9 -12.08 -9.13 -48.20
N PRO B 10 -11.69 -10.43 -48.15
CA PRO B 10 -10.49 -10.84 -48.90
C PRO B 10 -10.72 -10.93 -50.40
N ILE B 11 -9.77 -10.37 -51.19
CA ILE B 11 -9.83 -10.40 -52.66
C ILE B 11 -9.80 -11.87 -53.14
N ALA B 12 -8.70 -12.56 -52.80
CA ALA B 12 -8.42 -13.94 -53.16
C ALA B 12 -8.08 -14.81 -51.93
N ASP B 13 -8.98 -14.81 -50.91
CA ASP B 13 -8.85 -15.63 -49.69
C ASP B 13 -7.60 -15.35 -48.76
N GLU B 14 -6.74 -14.34 -49.08
CA GLU B 14 -5.53 -13.96 -48.33
C GLU B 14 -5.79 -13.48 -46.84
N PRO B 15 -4.92 -13.75 -45.82
CA PRO B 15 -5.23 -13.21 -44.49
C PRO B 15 -4.85 -11.75 -44.42
N LEU B 16 -5.52 -11.00 -43.52
CA LEU B 16 -5.21 -9.58 -43.34
C LEU B 16 -3.90 -9.44 -42.55
N THR B 17 -2.95 -8.67 -43.11
CA THR B 17 -1.66 -8.41 -42.45
C THR B 17 -1.74 -7.08 -41.75
N VAL B 18 -1.59 -7.13 -40.44
CA VAL B 18 -1.63 -5.95 -39.60
C VAL B 18 -0.18 -5.64 -39.22
N ASN B 19 0.38 -4.60 -39.84
CA ASN B 19 1.72 -4.15 -39.56
C ASN B 19 1.71 -3.34 -38.27
N THR B 20 2.48 -3.82 -37.30
CA THR B 20 2.56 -3.23 -35.98
C THR B 20 3.81 -2.33 -35.81
N GLY B 21 4.06 -1.96 -34.57
CA GLY B 21 5.15 -1.11 -34.12
C GLY B 21 4.83 -0.55 -32.76
N ILE B 22 5.84 -0.58 -31.87
CA ILE B 22 5.74 -0.05 -30.52
C ILE B 22 6.90 0.90 -30.36
N TYR B 23 6.64 2.11 -29.85
CA TYR B 23 7.69 3.09 -29.60
C TYR B 23 7.63 3.56 -28.15
N LEU B 24 8.61 3.12 -27.32
CA LEU B 24 8.69 3.46 -25.90
C LEU B 24 8.83 4.92 -25.68
N ILE B 25 7.91 5.49 -24.90
CA ILE B 25 7.93 6.90 -24.54
C ILE B 25 8.51 6.97 -23.17
N GLU B 26 7.95 6.20 -22.22
CA GLU B 26 8.39 6.12 -20.82
C GLU B 26 8.30 4.68 -20.34
N SER B 27 9.26 4.32 -19.50
CA SER B 27 9.32 3.04 -18.81
C SER B 27 9.52 3.44 -17.38
N TYR B 28 8.70 2.91 -16.49
CA TYR B 28 8.80 3.24 -15.07
C TYR B 28 8.32 2.05 -14.23
N SER B 29 8.18 2.27 -12.92
CA SER B 29 7.71 1.30 -11.94
C SER B 29 8.11 -0.16 -12.23
N LEU B 30 9.41 -0.45 -12.29
CA LEU B 30 9.80 -1.86 -12.44
C LEU B 30 9.82 -2.43 -11.03
N ASP B 31 8.84 -3.29 -10.74
CA ASP B 31 8.68 -3.97 -9.46
C ASP B 31 9.27 -5.36 -9.59
N ASP B 32 10.45 -5.53 -8.98
CA ASP B 32 11.20 -6.78 -9.01
C ASP B 32 10.43 -7.91 -8.35
N CYS B 33 9.76 -7.60 -7.24
CA CYS B 33 8.97 -8.54 -6.46
C CYS B 33 7.75 -9.02 -7.20
N ALA B 34 6.99 -8.09 -7.80
CA ALA B 34 5.80 -8.42 -8.56
C ALA B 34 6.10 -8.97 -9.93
N GLU B 35 7.34 -8.77 -10.44
CA GLU B 35 7.81 -9.17 -11.79
C GLU B 35 6.97 -8.42 -12.85
N THR B 36 6.67 -7.13 -12.56
CA THR B 36 5.90 -6.27 -13.43
C THR B 36 6.63 -4.98 -13.64
N PHE B 37 6.34 -4.32 -14.76
CA PHE B 37 6.88 -3.02 -15.12
C PHE B 37 5.81 -2.25 -15.84
N LYS B 38 5.75 -0.96 -15.59
CA LYS B 38 4.74 -0.14 -16.21
C LYS B 38 5.38 0.56 -17.38
N VAL B 39 4.64 0.63 -18.50
CA VAL B 39 5.14 1.20 -19.74
C VAL B 39 4.15 2.18 -20.38
N ASN B 40 4.67 3.28 -20.94
CA ASN B 40 3.91 4.29 -21.68
C ASN B 40 4.55 4.38 -23.08
N ALA B 41 3.78 4.07 -24.11
CA ALA B 41 4.31 4.00 -25.48
C ALA B 41 3.28 4.26 -26.55
N PHE B 42 3.74 4.28 -27.81
CA PHE B 42 2.92 4.44 -28.99
C PHE B 42 2.68 3.08 -29.60
N LEU B 43 1.46 2.82 -30.07
CA LEU B 43 1.19 1.60 -30.81
C LEU B 43 0.76 2.04 -32.18
N SER B 44 1.54 1.65 -33.18
CA SER B 44 1.23 1.95 -34.58
C SER B 44 0.67 0.67 -35.22
N LEU B 45 -0.41 0.82 -36.00
CA LEU B 45 -1.05 -0.30 -36.69
C LEU B 45 -1.39 0.08 -38.13
N SER B 46 -1.08 -0.79 -39.10
CA SER B 46 -1.47 -0.52 -40.49
C SER B 46 -1.97 -1.77 -41.21
N TRP B 47 -3.07 -1.63 -41.95
CA TRP B 47 -3.74 -2.69 -42.69
C TRP B 47 -4.51 -2.05 -43.86
N LYS B 48 -4.95 -2.88 -44.84
CA LYS B 48 -5.72 -2.36 -45.98
C LYS B 48 -7.19 -2.71 -45.85
N ASP B 49 -8.03 -1.67 -45.81
CA ASP B 49 -9.47 -1.81 -45.83
C ASP B 49 -9.88 -1.06 -47.08
N ARG B 50 -10.06 -1.81 -48.20
CA ARG B 50 -10.41 -1.22 -49.48
C ARG B 50 -11.77 -0.56 -49.48
N ARG B 51 -12.65 -0.89 -48.47
CA ARG B 51 -13.99 -0.29 -48.35
C ARG B 51 -13.91 1.22 -48.09
N LEU B 52 -12.75 1.66 -47.59
CA LEU B 52 -12.47 3.05 -47.28
C LEU B 52 -11.75 3.79 -48.42
N ALA B 53 -11.47 3.09 -49.56
CA ALA B 53 -10.78 3.67 -50.71
C ALA B 53 -11.53 4.87 -51.23
N PHE B 54 -10.76 5.86 -51.69
CA PHE B 54 -11.28 7.11 -52.22
C PHE B 54 -10.39 7.63 -53.36
N ASP B 55 -10.93 8.54 -54.19
CA ASP B 55 -10.19 9.19 -55.27
C ASP B 55 -9.83 10.58 -54.75
N PRO B 56 -8.52 10.87 -54.63
CA PRO B 56 -8.11 12.17 -54.09
C PRO B 56 -8.56 13.38 -54.90
N VAL B 57 -8.89 13.19 -56.19
CA VAL B 57 -9.33 14.26 -57.10
C VAL B 57 -10.74 14.72 -56.73
N ARG B 58 -11.70 13.78 -56.69
CA ARG B 58 -13.09 14.06 -56.32
C ARG B 58 -13.19 14.50 -54.84
N SER B 59 -12.34 13.88 -53.97
CA SER B 59 -12.30 14.13 -52.52
C SER B 59 -11.68 15.47 -52.16
N GLY B 60 -10.72 15.91 -52.97
CA GLY B 60 -9.98 17.15 -52.75
C GLY B 60 -8.86 17.01 -51.72
N VAL B 61 -8.82 15.85 -51.03
CA VAL B 61 -7.84 15.51 -50.01
C VAL B 61 -6.97 14.34 -50.47
N ARG B 62 -5.69 14.40 -50.17
CA ARG B 62 -4.75 13.35 -50.56
C ARG B 62 -4.77 12.16 -49.57
N VAL B 63 -5.26 12.40 -48.33
CA VAL B 63 -5.42 11.47 -47.20
C VAL B 63 -6.73 11.81 -46.47
N LYS B 64 -7.42 10.81 -45.88
CA LYS B 64 -8.64 11.02 -45.12
C LYS B 64 -8.44 10.62 -43.65
N THR B 65 -9.01 11.41 -42.72
CA THR B 65 -8.93 11.13 -41.28
C THR B 65 -10.28 10.66 -40.79
N TYR B 66 -10.30 9.58 -39.98
CA TYR B 66 -11.53 8.99 -39.45
C TYR B 66 -11.50 8.86 -37.96
N GLU B 67 -12.70 8.79 -37.38
CA GLU B 67 -12.90 8.58 -35.95
C GLU B 67 -12.89 7.07 -35.71
N PRO B 68 -12.38 6.58 -34.56
CA PRO B 68 -12.33 5.12 -34.34
C PRO B 68 -13.63 4.37 -34.54
N GLU B 69 -14.73 5.05 -34.19
CA GLU B 69 -16.11 4.58 -34.29
C GLU B 69 -16.52 4.41 -35.74
N ALA B 70 -16.05 5.32 -36.62
CA ALA B 70 -16.36 5.37 -38.06
C ALA B 70 -15.92 4.15 -38.86
N ILE B 71 -14.73 3.61 -38.59
CA ILE B 71 -14.18 2.48 -39.37
C ILE B 71 -13.91 1.21 -38.55
N TRP B 72 -13.57 0.11 -39.25
CA TRP B 72 -13.21 -1.17 -38.62
C TRP B 72 -11.76 -1.10 -38.20
N ILE B 73 -11.47 -1.46 -36.94
CA ILE B 73 -10.09 -1.47 -36.41
C ILE B 73 -9.80 -2.84 -35.78
N PRO B 74 -8.68 -3.51 -36.14
CA PRO B 74 -8.39 -4.83 -35.55
C PRO B 74 -8.31 -4.82 -34.03
N GLU B 75 -8.77 -5.90 -33.41
CA GLU B 75 -8.73 -6.01 -31.96
C GLU B 75 -7.34 -6.54 -31.52
N ILE B 76 -6.38 -5.60 -31.30
CA ILE B 76 -5.05 -5.97 -30.82
C ILE B 76 -5.08 -5.91 -29.30
N ARG B 77 -4.66 -7.00 -28.67
CA ARG B 77 -4.58 -7.13 -27.22
C ARG B 77 -3.12 -7.52 -26.86
N PHE B 78 -2.75 -7.39 -25.59
CA PHE B 78 -1.44 -7.81 -25.13
C PHE B 78 -1.69 -9.07 -24.32
N VAL B 79 -0.79 -10.06 -24.42
CA VAL B 79 -0.95 -11.33 -23.73
C VAL B 79 -0.65 -11.22 -22.26
N ASN B 80 0.55 -10.70 -21.92
CA ASN B 80 1.05 -10.59 -20.55
C ASN B 80 0.76 -9.24 -19.88
N VAL B 81 -0.50 -8.79 -19.86
CA VAL B 81 -0.84 -7.56 -19.16
C VAL B 81 -1.79 -7.85 -18.01
N GLU B 82 -1.75 -6.98 -16.93
CA GLU B 82 -2.61 -7.12 -15.75
C GLU B 82 -4.08 -6.94 -16.22
N ASN B 83 -4.39 -5.77 -16.76
CA ASN B 83 -5.70 -5.50 -17.36
C ASN B 83 -5.41 -4.95 -18.76
N ALA B 84 -6.44 -4.73 -19.57
CA ALA B 84 -6.21 -4.15 -20.89
C ALA B 84 -5.63 -2.75 -20.74
N ARG B 85 -4.69 -2.40 -21.63
CA ARG B 85 -3.99 -1.11 -21.66
C ARG B 85 -4.92 0.09 -21.69
N ASP B 86 -4.49 1.22 -21.10
CA ASP B 86 -5.26 2.46 -21.16
C ASP B 86 -4.74 3.09 -22.44
N ALA B 87 -5.57 3.01 -23.48
CA ALA B 87 -5.21 3.50 -24.77
C ALA B 87 -5.99 4.73 -25.14
N ASP B 88 -5.36 5.57 -25.94
CA ASP B 88 -5.96 6.79 -26.43
C ASP B 88 -5.50 6.96 -27.86
N VAL B 89 -6.45 6.87 -28.81
CA VAL B 89 -6.20 6.96 -30.23
C VAL B 89 -5.74 8.35 -30.55
N VAL B 90 -4.54 8.46 -31.11
CA VAL B 90 -3.89 9.71 -31.46
C VAL B 90 -4.33 10.12 -32.89
N ASP B 91 -4.22 9.20 -33.86
CA ASP B 91 -4.57 9.47 -35.27
C ASP B 91 -4.91 8.22 -36.08
N ILE B 92 -5.86 8.38 -37.02
CA ILE B 92 -6.27 7.36 -38.00
C ILE B 92 -6.22 8.05 -39.37
N SER B 93 -5.34 7.56 -40.28
CA SER B 93 -5.16 8.14 -41.61
C SER B 93 -5.31 7.08 -42.67
N VAL B 94 -6.18 7.36 -43.68
CA VAL B 94 -6.53 6.50 -44.81
C VAL B 94 -6.04 7.11 -46.11
N SER B 95 -5.24 6.35 -46.88
CA SER B 95 -4.75 6.79 -48.19
C SER B 95 -5.71 6.28 -49.32
N PRO B 96 -5.65 6.81 -50.57
CA PRO B 96 -6.66 6.45 -51.59
C PRO B 96 -6.87 4.97 -51.87
N ASP B 97 -5.80 4.14 -51.73
CA ASP B 97 -5.85 2.69 -51.91
C ASP B 97 -6.61 2.00 -50.79
N GLY B 98 -6.92 2.77 -49.73
CA GLY B 98 -7.60 2.32 -48.53
C GLY B 98 -6.67 1.75 -47.49
N THR B 99 -5.44 2.31 -47.37
CA THR B 99 -4.49 1.83 -46.35
C THR B 99 -4.61 2.69 -45.11
N VAL B 100 -5.03 2.05 -44.01
CA VAL B 100 -5.21 2.67 -42.72
C VAL B 100 -3.91 2.68 -41.96
N GLN B 101 -3.57 3.84 -41.38
CA GLN B 101 -2.44 4.11 -40.52
C GLN B 101 -3.06 4.56 -39.20
N TYR B 102 -3.05 3.65 -38.25
CA TYR B 102 -3.60 3.86 -36.92
C TYR B 102 -2.44 4.09 -35.95
N LEU B 103 -2.65 5.00 -35.00
CA LEU B 103 -1.69 5.32 -33.96
C LEU B 103 -2.44 5.68 -32.68
N GLU B 104 -2.01 5.09 -31.55
CA GLU B 104 -2.58 5.29 -30.25
C GLU B 104 -1.46 5.40 -29.27
N ARG B 105 -1.70 6.11 -28.18
CA ARG B 105 -0.73 6.20 -27.09
C ARG B 105 -1.33 5.44 -25.91
N PHE B 106 -0.65 4.35 -25.49
CA PHE B 106 -1.14 3.49 -24.42
C PHE B 106 -0.22 3.43 -23.20
N SER B 107 -0.78 3.04 -22.06
CA SER B 107 -0.05 2.81 -20.81
C SER B 107 -0.51 1.45 -20.33
N ALA B 108 0.43 0.57 -19.96
CA ALA B 108 0.12 -0.79 -19.51
C ALA B 108 1.05 -1.30 -18.42
N ARG B 109 0.55 -2.18 -17.51
CA ARG B 109 1.36 -2.82 -16.50
C ARG B 109 1.58 -4.23 -17.02
N VAL B 110 2.81 -4.46 -17.48
CA VAL B 110 3.23 -5.69 -18.14
C VAL B 110 3.81 -6.68 -17.13
N LEU B 111 3.29 -7.90 -17.15
CA LEU B 111 3.80 -8.99 -16.32
C LEU B 111 4.89 -9.77 -17.10
N SER B 112 6.15 -9.59 -16.69
CA SER B 112 7.27 -10.28 -17.31
C SER B 112 8.17 -10.92 -16.21
N PRO B 113 8.30 -12.28 -16.16
CA PRO B 113 9.13 -12.92 -15.13
C PRO B 113 10.60 -12.48 -15.11
N LEU B 114 11.22 -12.51 -13.93
CA LEU B 114 12.62 -12.12 -13.74
C LEU B 114 13.43 -13.22 -13.03
N ASP B 115 14.69 -13.43 -13.49
CA ASP B 115 15.61 -14.40 -12.90
C ASP B 115 16.64 -13.70 -12.01
N PHE B 116 16.48 -13.90 -10.70
CA PHE B 116 17.30 -13.31 -9.65
C PHE B 116 18.50 -14.13 -9.23
N ARG B 117 18.74 -15.29 -9.89
CA ARG B 117 19.90 -16.15 -9.59
C ARG B 117 21.22 -15.36 -9.57
N ARG B 118 21.48 -14.44 -10.53
CA ARG B 118 22.73 -13.67 -10.54
C ARG B 118 22.64 -12.23 -9.99
N TYR B 119 21.58 -11.93 -9.18
CA TYR B 119 21.37 -10.62 -8.57
C TYR B 119 22.54 -10.33 -7.63
N PRO B 120 23.06 -9.09 -7.54
CA PRO B 120 22.69 -7.86 -8.26
C PRO B 120 23.47 -7.63 -9.56
N PHE B 121 24.12 -8.68 -10.08
CA PHE B 121 24.92 -8.60 -11.30
C PHE B 121 24.14 -9.03 -12.54
N ASP B 122 22.86 -9.38 -12.34
CA ASP B 122 21.92 -9.83 -13.36
C ASP B 122 21.61 -8.80 -14.43
N SER B 123 21.05 -9.33 -15.53
CA SER B 123 20.51 -8.64 -16.69
C SER B 123 19.22 -9.37 -17.01
N GLN B 124 18.21 -8.64 -17.53
CA GLN B 124 16.90 -9.20 -17.82
C GLN B 124 16.40 -8.83 -19.22
N THR B 125 15.48 -9.65 -19.76
CA THR B 125 14.79 -9.40 -21.05
C THR B 125 13.30 -9.32 -20.76
N LEU B 126 12.78 -8.11 -20.84
CA LEU B 126 11.37 -7.84 -20.61
C LEU B 126 10.57 -8.06 -21.90
N HIS B 127 9.49 -8.83 -21.81
CA HIS B 127 8.65 -9.15 -22.95
C HIS B 127 7.32 -8.42 -22.96
N ILE B 128 6.83 -8.12 -24.16
CA ILE B 128 5.54 -7.48 -24.43
C ILE B 128 4.99 -8.31 -25.58
N TYR B 129 3.92 -9.06 -25.36
CA TYR B 129 3.36 -9.90 -26.41
C TYR B 129 2.10 -9.31 -27.00
N LEU B 130 2.16 -8.96 -28.29
CA LEU B 130 1.01 -8.45 -29.05
C LEU B 130 0.22 -9.64 -29.61
N ILE B 131 -1.11 -9.58 -29.58
CA ILE B 131 -1.91 -10.70 -30.07
C ILE B 131 -3.17 -10.22 -30.80
N VAL B 132 -3.59 -10.98 -31.84
CA VAL B 132 -4.79 -10.73 -32.64
C VAL B 132 -5.51 -12.06 -32.93
N ARG B 133 -6.80 -12.11 -32.63
CA ARG B 133 -7.58 -13.31 -32.90
C ARG B 133 -8.29 -13.16 -34.23
N SER B 134 -8.13 -14.18 -35.11
CA SER B 134 -8.73 -14.24 -36.44
C SER B 134 -10.25 -14.33 -36.38
N VAL B 135 -10.89 -13.83 -37.44
CA VAL B 135 -12.36 -13.79 -37.55
C VAL B 135 -12.86 -14.97 -38.40
N ASP B 136 -14.18 -15.12 -38.42
CA ASP B 136 -14.94 -16.08 -39.21
C ASP B 136 -14.71 -15.74 -40.70
N THR B 137 -14.99 -14.48 -41.12
CA THR B 137 -14.85 -14.01 -42.51
C THR B 137 -13.41 -14.13 -43.04
N ARG B 138 -12.37 -13.74 -42.25
CA ARG B 138 -10.96 -13.90 -42.65
C ARG B 138 -9.97 -13.94 -41.48
N ASN B 139 -8.82 -14.58 -41.74
CA ASN B 139 -7.72 -14.71 -40.80
C ASN B 139 -6.91 -13.41 -40.68
N ILE B 140 -6.40 -13.12 -39.48
CA ILE B 140 -5.59 -11.92 -39.27
C ILE B 140 -4.22 -12.35 -38.76
N VAL B 141 -3.17 -11.87 -39.44
CA VAL B 141 -1.77 -12.14 -39.13
C VAL B 141 -1.02 -10.82 -38.87
N LEU B 142 -0.18 -10.78 -37.80
CA LEU B 142 0.64 -9.64 -37.38
C LEU B 142 1.99 -9.61 -38.11
N ALA B 143 2.53 -8.41 -38.27
CA ALA B 143 3.79 -8.12 -38.93
C ALA B 143 4.51 -7.01 -38.16
N VAL B 144 5.83 -6.89 -38.28
CA VAL B 144 6.57 -5.81 -37.62
C VAL B 144 7.06 -4.74 -38.63
N ASP B 145 6.64 -3.46 -38.46
CA ASP B 145 7.15 -2.38 -39.31
C ASP B 145 8.33 -1.86 -38.50
N LEU B 146 9.54 -2.30 -38.89
CA LEU B 146 10.80 -2.02 -38.19
C LEU B 146 11.14 -0.53 -38.10
N GLU B 147 10.52 0.28 -38.95
CA GLU B 147 10.69 1.74 -39.01
C GLU B 147 9.82 2.41 -37.95
N LYS B 148 8.88 1.64 -37.38
CA LYS B 148 7.94 2.12 -36.38
C LYS B 148 8.19 1.52 -35.00
N VAL B 149 9.31 0.76 -34.85
CA VAL B 149 9.74 0.13 -33.59
C VAL B 149 11.01 0.82 -33.05
N GLY B 150 10.89 1.42 -31.85
CA GLY B 150 11.97 2.11 -31.17
C GLY B 150 11.69 2.55 -29.75
N LYS B 151 12.52 3.49 -29.22
CA LYS B 151 12.37 4.04 -27.87
C LYS B 151 12.93 5.46 -27.79
N ASN B 152 12.33 6.29 -26.94
CA ASN B 152 12.77 7.66 -26.69
C ASN B 152 14.14 7.53 -26.05
N ASP B 153 15.08 8.43 -26.35
CA ASP B 153 16.44 8.40 -25.80
C ASP B 153 16.45 8.62 -24.30
N ASP B 154 15.52 9.45 -23.83
CA ASP B 154 15.32 9.78 -22.42
C ASP B 154 14.62 8.68 -21.58
N VAL B 155 14.25 7.51 -22.19
CA VAL B 155 13.62 6.37 -21.49
C VAL B 155 14.59 5.87 -20.43
N PHE B 156 14.13 5.80 -19.16
CA PHE B 156 14.97 5.39 -18.04
C PHE B 156 14.27 4.52 -16.99
N LEU B 157 15.03 3.60 -16.41
CA LEU B 157 14.63 2.76 -15.28
C LEU B 157 15.77 2.97 -14.30
N THR B 158 15.46 3.57 -13.14
CA THR B 158 16.46 3.86 -12.11
C THR B 158 17.12 2.56 -11.70
N GLY B 159 18.44 2.54 -11.79
CA GLY B 159 19.25 1.37 -11.46
C GLY B 159 19.42 0.34 -12.56
N TRP B 160 19.01 0.67 -13.79
CA TRP B 160 19.14 -0.22 -14.92
C TRP B 160 19.69 0.47 -16.13
N ASP B 161 20.46 -0.26 -16.93
CA ASP B 161 21.02 0.23 -18.18
C ASP B 161 20.15 -0.41 -19.27
N ILE B 162 19.31 0.43 -19.95
CA ILE B 162 18.41 -0.03 -21.00
C ILE B 162 19.24 -0.25 -22.26
N GLU B 163 19.57 -1.50 -22.53
CA GLU B 163 20.38 -1.93 -23.67
C GLU B 163 19.66 -1.69 -25.00
N SER B 164 18.52 -2.37 -25.23
CA SER B 164 17.78 -2.31 -26.49
C SER B 164 16.30 -2.60 -26.38
N PHE B 165 15.51 -2.07 -27.34
CA PHE B 165 14.07 -2.37 -27.45
C PHE B 165 13.85 -2.80 -28.88
N THR B 166 13.68 -4.09 -29.07
CA THR B 166 13.54 -4.71 -30.39
C THR B 166 12.28 -5.59 -30.43
N ALA B 167 11.99 -6.21 -31.61
CA ALA B 167 10.89 -7.15 -31.79
C ALA B 167 11.30 -8.34 -32.64
N VAL B 168 10.80 -9.53 -32.29
CA VAL B 168 11.02 -10.77 -33.04
C VAL B 168 9.98 -10.76 -34.18
N VAL B 169 10.43 -10.32 -35.37
CA VAL B 169 9.69 -10.10 -36.64
C VAL B 169 8.79 -11.24 -37.07
N LYS B 170 9.21 -12.50 -36.88
CA LYS B 170 8.37 -13.62 -37.27
C LYS B 170 7.32 -13.88 -36.16
N PRO B 171 6.02 -13.72 -36.47
CA PRO B 171 4.99 -13.95 -35.43
C PRO B 171 4.74 -15.42 -35.14
N ALA B 172 4.19 -15.70 -33.95
CA ALA B 172 3.87 -17.02 -33.50
C ALA B 172 2.40 -17.25 -33.75
N ASN B 173 2.08 -17.87 -34.90
CA ASN B 173 0.71 -18.17 -35.34
C ASN B 173 0.35 -19.56 -34.87
N PHE B 174 -0.78 -19.69 -34.20
CA PHE B 174 -1.20 -20.94 -33.57
C PHE B 174 -2.70 -20.98 -33.41
N ALA B 175 -3.22 -22.19 -33.17
CA ALA B 175 -4.65 -22.38 -33.03
C ALA B 175 -5.04 -22.42 -31.58
N LEU B 176 -6.11 -21.70 -31.26
CA LEU B 176 -6.69 -21.58 -29.93
C LEU B 176 -8.20 -21.43 -30.05
N GLU B 177 -8.96 -22.37 -29.42
CA GLU B 177 -10.42 -22.43 -29.42
C GLU B 177 -11.02 -22.31 -30.87
N ASP B 178 -10.45 -23.14 -31.76
CA ASP B 178 -10.77 -23.31 -33.19
C ASP B 178 -10.50 -22.06 -34.06
N ARG B 179 -9.60 -21.16 -33.65
CA ARG B 179 -9.23 -19.98 -34.44
C ARG B 179 -7.74 -19.73 -34.40
N LEU B 180 -7.21 -19.01 -35.39
CA LEU B 180 -5.79 -18.66 -35.51
C LEU B 180 -5.46 -17.43 -34.65
N GLU B 181 -4.33 -17.49 -33.94
CA GLU B 181 -3.82 -16.43 -33.08
C GLU B 181 -2.42 -16.04 -33.54
N SER B 182 -2.24 -14.82 -34.08
CA SER B 182 -0.93 -14.33 -34.48
C SER B 182 -0.40 -13.50 -33.30
N LYS B 183 0.73 -13.93 -32.73
CA LYS B 183 1.37 -13.31 -31.57
C LYS B 183 2.78 -12.72 -31.91
N LEU B 184 3.09 -11.49 -31.44
CA LEU B 184 4.41 -10.85 -31.63
C LEU B 184 5.19 -10.66 -30.33
N ASP B 185 6.52 -10.79 -30.39
CA ASP B 185 7.37 -10.63 -29.20
C ASP B 185 8.23 -9.38 -29.25
N TYR B 186 7.90 -8.41 -28.42
CA TYR B 186 8.67 -7.18 -28.26
C TYR B 186 9.54 -7.39 -27.03
N GLN B 187 10.85 -7.10 -27.16
CA GLN B 187 11.82 -7.31 -26.09
C GLN B 187 12.56 -6.05 -25.67
N LEU B 188 12.64 -5.83 -24.34
CA LEU B 188 13.36 -4.73 -23.71
C LEU B 188 14.49 -5.37 -22.89
N ARG B 189 15.74 -5.18 -23.34
CA ARG B 189 16.90 -5.76 -22.64
C ARG B 189 17.49 -4.73 -21.74
N ILE B 190 17.60 -5.10 -20.47
CA ILE B 190 18.09 -4.25 -19.39
C ILE B 190 19.17 -4.98 -18.62
N SER B 191 20.12 -4.24 -18.05
CA SER B 191 21.20 -4.78 -17.22
C SER B 191 21.30 -3.91 -15.94
N ARG B 192 21.42 -4.56 -14.77
CA ARG B 192 21.45 -3.87 -13.49
C ARG B 192 22.68 -2.99 -13.24
N GLN B 193 22.51 -1.88 -12.49
CA GLN B 193 23.55 -0.92 -12.05
C GLN B 193 23.98 -1.21 -10.58
N TYR B 194 24.73 -2.31 -10.42
CA TYR B 194 25.19 -2.89 -9.15
C TYR B 194 26.32 -2.17 -8.35
N PHE B 195 26.79 -0.94 -8.72
CA PHE B 195 27.94 -0.39 -8.00
C PHE B 195 27.64 -0.06 -6.55
N SER B 196 26.61 0.74 -6.29
CA SER B 196 26.23 1.10 -4.92
C SER B 196 26.07 -0.09 -3.96
N TYR B 197 25.80 -1.29 -4.50
CA TYR B 197 25.61 -2.53 -3.74
C TYR B 197 26.88 -2.91 -2.93
N ILE B 198 28.09 -2.62 -3.48
CA ILE B 198 29.36 -2.91 -2.81
C ILE B 198 29.47 -2.09 -1.50
N PRO B 199 29.57 -0.73 -1.54
CA PRO B 199 29.66 0.03 -0.29
C PRO B 199 28.42 -0.01 0.59
N ASN B 200 27.22 -0.19 0.01
CA ASN B 200 25.98 -0.19 0.79
C ASN B 200 25.61 -1.52 1.46
N ILE B 201 25.80 -2.67 0.76
CA ILE B 201 25.40 -3.97 1.31
C ILE B 201 26.59 -4.89 1.62
N ILE B 202 27.41 -5.21 0.59
CA ILE B 202 28.55 -6.11 0.67
C ILE B 202 29.56 -5.73 1.80
N LEU B 203 30.24 -4.61 1.69
CA LEU B 203 31.25 -4.27 2.68
C LEU B 203 30.72 -4.21 4.16
N PRO B 204 29.63 -3.49 4.56
CA PRO B 204 29.25 -3.46 5.99
C PRO B 204 28.81 -4.82 6.51
N MET B 205 28.32 -5.67 5.59
CA MET B 205 27.98 -7.04 5.97
C MET B 205 29.27 -7.85 6.18
N LEU B 206 30.33 -7.62 5.35
CA LEU B 206 31.62 -8.28 5.55
C LEU B 206 32.34 -7.84 6.83
N PHE B 207 32.34 -6.52 7.15
CA PHE B 207 32.95 -6.00 8.38
C PHE B 207 32.42 -6.71 9.63
N ILE B 208 31.06 -6.89 9.72
CA ILE B 208 30.41 -7.52 10.88
C ILE B 208 30.97 -8.94 11.04
N LEU B 209 31.07 -9.69 9.93
CA LEU B 209 31.62 -11.06 9.92
C LEU B 209 33.07 -11.08 10.42
N PHE B 210 33.89 -10.12 9.94
CA PHE B 210 35.28 -10.00 10.35
C PHE B 210 35.39 -9.71 11.85
N ILE B 211 34.51 -8.82 12.40
CA ILE B 211 34.47 -8.51 13.83
C ILE B 211 34.34 -9.78 14.65
N SER B 212 33.48 -10.74 14.19
CA SER B 212 33.31 -12.03 14.85
C SER B 212 34.62 -12.86 14.88
N TRP B 213 35.48 -12.70 13.86
CA TRP B 213 36.74 -13.43 13.79
C TRP B 213 37.80 -12.93 14.79
N THR B 214 37.56 -11.78 15.47
CA THR B 214 38.53 -11.31 16.45
C THR B 214 38.53 -12.23 17.69
N ALA B 215 37.50 -13.10 17.82
CA ALA B 215 37.38 -14.08 18.91
C ALA B 215 38.48 -15.19 18.81
N PHE B 216 39.31 -15.14 17.76
CA PHE B 216 40.43 -16.05 17.54
C PHE B 216 41.74 -15.47 18.10
N TRP B 217 41.69 -14.21 18.58
CA TRP B 217 42.81 -13.50 19.20
C TRP B 217 42.44 -13.16 20.64
N SER B 218 41.56 -14.00 21.25
CA SER B 218 41.12 -13.87 22.64
C SER B 218 40.95 -15.24 23.27
N THR B 219 41.15 -15.32 24.61
CA THR B 219 40.94 -16.54 25.41
C THR B 219 39.78 -16.34 26.35
N SER B 220 39.27 -15.08 26.46
CA SER B 220 38.14 -14.74 27.33
C SER B 220 36.83 -15.23 26.72
N TYR B 221 36.26 -16.30 27.30
CA TYR B 221 35.01 -16.92 26.85
C TYR B 221 33.86 -15.95 26.96
N GLU B 222 33.83 -15.09 27.98
CA GLU B 222 32.79 -14.08 28.11
C GLU B 222 32.89 -13.06 26.95
N ALA B 223 34.11 -12.55 26.66
CA ALA B 223 34.36 -11.61 25.57
C ALA B 223 34.06 -12.26 24.20
N ASN B 224 34.41 -13.55 24.04
CA ASN B 224 34.19 -14.31 22.81
C ASN B 224 32.71 -14.57 22.51
N VAL B 225 31.91 -15.00 23.51
CA VAL B 225 30.46 -15.21 23.37
C VAL B 225 29.83 -13.86 22.94
N THR B 226 30.19 -12.77 23.65
CA THR B 226 29.75 -11.42 23.34
C THR B 226 30.14 -11.04 21.90
N LEU B 227 31.35 -11.40 21.44
CA LEU B 227 31.75 -11.13 20.06
C LEU B 227 30.92 -11.87 19.00
N VAL B 228 30.92 -13.22 19.02
CA VAL B 228 30.20 -13.99 18.00
C VAL B 228 28.65 -13.80 18.04
N VAL B 229 28.02 -13.78 19.24
CA VAL B 229 26.56 -13.64 19.32
C VAL B 229 26.12 -12.19 19.03
N SER B 230 26.81 -11.17 19.60
CA SER B 230 26.44 -9.78 19.32
C SER B 230 26.57 -9.45 17.84
N THR B 231 27.62 -9.96 17.17
CA THR B 231 27.78 -9.73 15.71
C THR B 231 26.71 -10.46 14.90
N LEU B 232 26.30 -11.66 15.36
CA LEU B 232 25.22 -12.40 14.72
C LEU B 232 23.95 -11.52 14.78
N ILE B 233 23.62 -10.89 15.97
CA ILE B 233 22.49 -9.96 16.13
C ILE B 233 22.63 -8.77 15.15
N ALA B 234 23.81 -8.17 15.11
CA ALA B 234 24.08 -7.05 14.21
C ALA B 234 23.92 -7.47 12.74
N HIS B 235 24.27 -8.74 12.40
CA HIS B 235 24.13 -9.27 11.03
C HIS B 235 22.67 -9.30 10.63
N ILE B 236 21.83 -9.93 11.48
CA ILE B 236 20.38 -10.05 11.31
C ILE B 236 19.76 -8.62 11.22
N ALA B 237 20.14 -7.73 12.18
CA ALA B 237 19.67 -6.35 12.21
C ALA B 237 20.04 -5.64 10.89
N PHE B 238 21.28 -5.88 10.39
CA PHE B 238 21.73 -5.28 9.13
C PHE B 238 20.86 -5.77 7.99
N ASN B 239 20.59 -7.08 7.94
CA ASN B 239 19.76 -7.67 6.90
C ASN B 239 18.34 -7.14 6.91
N ILE B 240 17.77 -6.83 8.09
CA ILE B 240 16.44 -6.23 8.23
C ILE B 240 16.50 -4.86 7.57
N LEU B 241 17.58 -4.09 7.84
CA LEU B 241 17.81 -2.74 7.28
C LEU B 241 17.94 -2.74 5.76
N VAL B 242 18.82 -3.60 5.18
CA VAL B 242 19.04 -3.63 3.72
C VAL B 242 18.12 -4.66 2.98
N GLU B 243 17.02 -5.07 3.64
CA GLU B 243 16.02 -6.01 3.11
C GLU B 243 15.46 -5.53 1.75
N THR B 244 15.47 -6.43 0.74
CA THR B 244 15.01 -6.22 -0.66
C THR B 244 13.52 -5.85 -0.78
N ASN B 245 12.70 -6.12 0.28
CA ASN B 245 11.23 -5.94 0.37
C ASN B 245 10.48 -7.01 -0.50
N CYS B 246 11.30 -7.90 -1.13
CA CYS B 246 10.91 -9.04 -1.97
C CYS B 246 10.73 -10.28 -1.11
N PRO B 247 9.47 -10.84 -1.10
CA PRO B 247 9.25 -12.11 -0.36
C PRO B 247 10.19 -13.15 -0.98
N LYS B 248 10.79 -13.97 -0.12
CA LYS B 248 11.79 -14.95 -0.54
C LYS B 248 11.45 -15.67 -1.85
N THR B 249 12.49 -15.74 -2.66
CA THR B 249 12.55 -16.34 -3.97
C THR B 249 12.43 -17.87 -3.81
N PRO B 250 11.59 -18.56 -4.62
CA PRO B 250 11.49 -20.03 -4.52
C PRO B 250 12.74 -20.82 -4.86
N TYR B 251 13.62 -20.25 -5.70
CA TYR B 251 14.88 -20.84 -6.16
C TYR B 251 16.10 -20.26 -5.43
N MET B 252 17.24 -20.97 -5.49
CA MET B 252 18.45 -20.53 -4.80
C MET B 252 19.23 -19.56 -5.66
N THR B 253 19.43 -18.37 -5.11
CA THR B 253 20.14 -17.25 -5.70
C THR B 253 21.59 -17.23 -5.21
N TYR B 254 22.46 -16.53 -5.95
CA TYR B 254 23.87 -16.33 -5.60
C TYR B 254 23.94 -15.65 -4.24
N THR B 255 23.20 -14.54 -4.08
CA THR B 255 23.08 -13.74 -2.86
C THR B 255 22.60 -14.60 -1.71
N GLY B 256 21.57 -15.39 -1.97
CA GLY B 256 20.98 -16.30 -1.00
C GLY B 256 21.95 -17.33 -0.46
N ALA B 257 22.81 -17.89 -1.35
CA ALA B 257 23.83 -18.88 -1.02
C ALA B 257 24.87 -18.29 -0.06
N ILE B 258 25.36 -17.08 -0.39
CA ILE B 258 26.33 -16.35 0.44
C ILE B 258 25.78 -16.01 1.82
N ILE B 259 24.54 -15.46 1.90
CA ILE B 259 23.91 -15.18 3.18
C ILE B 259 23.85 -16.47 4.02
N PHE B 260 23.42 -17.61 3.39
CA PHE B 260 23.38 -18.91 4.07
C PHE B 260 24.76 -19.26 4.62
N MET B 261 25.80 -19.08 3.77
CA MET B 261 27.19 -19.34 4.11
C MET B 261 27.64 -18.53 5.33
N ILE B 262 27.26 -17.23 5.38
CA ILE B 262 27.52 -16.31 6.51
C ILE B 262 26.88 -16.84 7.81
N TYR B 263 25.59 -17.27 7.78
CA TYR B 263 24.93 -17.84 8.96
C TYR B 263 25.65 -19.11 9.44
N LEU B 264 26.16 -19.93 8.48
CA LEU B 264 26.92 -21.14 8.79
C LEU B 264 28.23 -20.78 9.53
N PHE B 265 28.93 -19.72 9.02
CA PHE B 265 30.17 -19.22 9.60
C PHE B 265 29.96 -18.68 11.03
N TYR B 266 28.78 -18.05 11.32
CA TYR B 266 28.46 -17.58 12.67
C TYR B 266 28.32 -18.78 13.61
N PHE B 267 27.69 -19.85 13.10
CA PHE B 267 27.51 -21.07 13.87
C PHE B 267 28.83 -21.81 14.09
N VAL B 268 29.68 -21.91 13.05
CA VAL B 268 30.97 -22.60 13.15
C VAL B 268 31.90 -21.86 14.14
N ALA B 269 31.92 -20.51 14.08
CA ALA B 269 32.71 -19.69 15.00
C ALA B 269 32.24 -19.88 16.43
N VAL B 270 30.91 -20.06 16.67
CA VAL B 270 30.43 -20.36 18.03
C VAL B 270 30.96 -21.74 18.45
N ILE B 271 30.86 -22.78 17.56
CA ILE B 271 31.42 -24.11 17.86
C ILE B 271 32.88 -24.01 18.33
N GLU B 272 33.73 -23.28 17.54
CA GLU B 272 35.15 -23.04 17.83
C GLU B 272 35.31 -22.51 19.23
N VAL B 273 34.66 -21.34 19.52
CA VAL B 273 34.64 -20.66 20.82
C VAL B 273 34.23 -21.62 21.94
N THR B 274 33.21 -22.46 21.67
CA THR B 274 32.73 -23.43 22.62
C THR B 274 33.82 -24.52 22.88
N VAL B 275 34.40 -25.10 21.80
CA VAL B 275 35.47 -26.12 21.84
C VAL B 275 36.66 -25.59 22.63
N GLN B 276 37.22 -24.45 22.21
CA GLN B 276 38.38 -23.79 22.82
C GLN B 276 38.26 -23.68 24.35
N HIS B 277 37.13 -23.10 24.82
CA HIS B 277 36.86 -22.93 26.25
C HIS B 277 36.73 -24.27 26.96
N TYR B 278 36.01 -25.25 26.35
CA TYR B 278 35.87 -26.58 26.96
C TYR B 278 37.20 -27.30 27.10
N LEU B 279 38.10 -27.19 26.10
CA LEU B 279 39.44 -27.79 26.17
C LEU B 279 40.28 -27.13 27.28
N LYS B 280 40.23 -25.79 27.39
CA LYS B 280 40.92 -25.01 28.42
C LYS B 280 40.45 -25.51 29.79
N VAL B 281 39.12 -25.59 30.02
CA VAL B 281 38.53 -26.05 31.27
C VAL B 281 38.80 -27.57 31.50
N GLU B 282 38.96 -28.36 30.41
CA GLU B 282 39.26 -29.79 30.51
C GLU B 282 40.77 -30.06 30.46
N SER B 283 41.54 -29.18 31.13
CA SER B 283 42.99 -29.27 31.29
C SER B 283 43.74 -29.68 30.02
N GLN B 284 43.45 -29.00 28.90
CA GLN B 284 44.10 -29.27 27.61
C GLN B 284 44.37 -27.92 26.91
N PRO B 285 45.09 -26.94 27.53
CA PRO B 285 45.30 -25.65 26.86
C PRO B 285 46.22 -25.67 25.63
N ALA B 286 46.83 -26.83 25.34
CA ALA B 286 47.69 -26.99 24.18
C ALA B 286 46.83 -27.09 22.92
N ARG B 287 45.79 -27.95 22.95
CA ARG B 287 44.85 -28.19 21.85
C ARG B 287 43.99 -26.95 21.64
N ALA B 288 43.44 -26.38 22.74
CA ALA B 288 42.63 -25.18 22.72
C ALA B 288 43.36 -24.10 21.93
N ALA B 289 44.60 -23.74 22.33
CA ALA B 289 45.41 -22.73 21.67
C ALA B 289 45.78 -23.05 20.22
N SER B 290 46.02 -24.33 19.90
CA SER B 290 46.36 -24.67 18.51
C SER B 290 45.15 -24.55 17.54
N ILE B 291 43.92 -24.87 18.05
CA ILE B 291 42.66 -24.76 17.31
C ILE B 291 42.41 -23.28 17.00
N THR B 292 42.53 -22.41 18.03
CA THR B 292 42.33 -20.96 17.92
C THR B 292 43.30 -20.36 16.92
N ARG B 293 44.58 -20.73 17.03
CA ARG B 293 45.64 -20.27 16.12
C ARG B 293 45.37 -20.70 14.65
N ALA B 294 44.83 -21.93 14.46
CA ALA B 294 44.46 -22.47 13.15
C ALA B 294 43.30 -21.69 12.53
N SER B 295 42.21 -21.47 13.31
CA SER B 295 41.00 -20.73 12.95
C SER B 295 41.31 -19.35 12.38
N ARG B 296 42.30 -18.65 12.96
CA ARG B 296 42.81 -17.36 12.50
C ARG B 296 43.14 -17.35 10.98
N ILE B 297 43.61 -18.49 10.44
CA ILE B 297 43.96 -18.69 9.03
C ILE B 297 42.82 -19.42 8.31
N ALA B 298 42.32 -20.52 8.94
CA ALA B 298 41.26 -21.37 8.42
C ALA B 298 40.03 -20.59 8.01
N PHE B 299 39.45 -19.81 8.94
CA PHE B 299 38.23 -19.03 8.74
C PHE B 299 38.31 -18.10 7.52
N PRO B 300 39.26 -17.14 7.42
CA PRO B 300 39.31 -16.30 6.19
C PRO B 300 39.61 -17.08 4.89
N VAL B 301 40.52 -18.08 4.96
CA VAL B 301 40.90 -18.87 3.79
C VAL B 301 39.70 -19.66 3.25
N VAL B 302 39.02 -20.46 4.11
CA VAL B 302 37.81 -21.24 3.77
C VAL B 302 36.72 -20.30 3.21
N PHE B 303 36.55 -19.11 3.85
CA PHE B 303 35.59 -18.10 3.40
C PHE B 303 35.91 -17.63 1.97
N LEU B 304 37.16 -17.21 1.73
CA LEU B 304 37.60 -16.74 0.41
C LEU B 304 37.46 -17.82 -0.68
N LEU B 305 37.79 -19.08 -0.32
CA LEU B 305 37.72 -20.24 -1.19
C LEU B 305 36.28 -20.54 -1.58
N ALA B 306 35.40 -20.76 -0.56
CA ALA B 306 33.96 -21.06 -0.70
C ALA B 306 33.24 -19.96 -1.49
N ASN B 307 33.66 -18.69 -1.32
CA ASN B 307 33.11 -17.55 -2.05
C ASN B 307 33.42 -17.62 -3.54
N ILE B 308 34.69 -18.00 -3.89
CA ILE B 308 35.15 -18.20 -5.27
C ILE B 308 34.37 -19.34 -5.93
N ILE B 309 34.22 -20.48 -5.21
CA ILE B 309 33.43 -21.63 -5.69
C ILE B 309 31.98 -21.19 -6.01
N LEU B 310 31.34 -20.41 -5.10
CA LEU B 310 29.99 -19.89 -5.29
C LEU B 310 29.91 -18.96 -6.49
N ALA B 311 30.84 -18.00 -6.58
CA ALA B 311 30.91 -17.06 -7.70
C ALA B 311 31.08 -17.82 -9.01
N PHE B 312 31.85 -18.93 -8.99
CA PHE B 312 32.05 -19.76 -10.17
C PHE B 312 30.77 -20.50 -10.54
N LEU B 313 30.13 -21.16 -9.58
CA LEU B 313 28.91 -21.91 -9.84
C LEU B 313 27.78 -21.03 -10.37
N PHE B 314 27.72 -19.73 -9.95
CA PHE B 314 26.65 -18.84 -10.40
C PHE B 314 26.99 -18.08 -11.67
N PHE B 315 28.28 -17.82 -11.94
CA PHE B 315 28.69 -17.07 -13.13
C PHE B 315 29.80 -17.79 -13.90
N VAL C 5 -14.68 17.39 -38.41
CA VAL C 5 -13.75 18.48 -38.21
C VAL C 5 -12.31 18.00 -38.43
N SER C 6 -11.54 18.86 -39.10
CA SER C 6 -10.16 18.70 -39.53
C SER C 6 -9.41 19.95 -39.05
N PRO C 7 -8.07 20.07 -39.07
CA PRO C 7 -7.43 21.29 -38.54
C PRO C 7 -7.75 22.59 -39.28
N PRO C 8 -7.67 23.77 -38.63
CA PRO C 8 -7.93 25.03 -39.35
C PRO C 8 -6.96 25.24 -40.51
N PRO C 9 -7.41 25.81 -41.64
CA PRO C 9 -6.48 25.99 -42.77
C PRO C 9 -5.58 27.23 -42.63
N PRO C 10 -4.30 27.17 -43.06
CA PRO C 10 -3.44 28.37 -42.90
C PRO C 10 -3.21 29.20 -44.15
N ILE C 11 -3.04 30.50 -43.96
CA ILE C 11 -2.62 31.32 -45.09
C ILE C 11 -1.10 31.29 -45.01
N ALA C 12 -0.58 31.67 -43.80
CA ALA C 12 0.81 31.70 -43.41
C ALA C 12 1.38 30.29 -43.29
N ASP C 13 2.38 30.01 -44.16
CA ASP C 13 3.15 28.76 -44.32
C ASP C 13 3.44 28.13 -42.96
N GLU C 14 3.86 28.97 -41.96
CA GLU C 14 4.10 28.49 -40.60
C GLU C 14 2.89 27.71 -40.11
N PRO C 15 3.23 26.70 -39.36
CA PRO C 15 2.24 25.82 -38.79
C PRO C 15 1.27 26.51 -37.82
N LEU C 16 0.32 25.76 -37.25
CA LEU C 16 -0.62 26.27 -36.26
C LEU C 16 0.06 26.43 -34.91
N THR C 17 -0.08 27.62 -34.33
CA THR C 17 0.50 27.90 -33.03
C THR C 17 -0.56 27.75 -31.95
N VAL C 18 -0.29 26.82 -31.03
CA VAL C 18 -1.17 26.55 -29.90
C VAL C 18 -0.48 27.13 -28.67
N ASN C 19 -1.04 28.24 -28.18
CA ASN C 19 -0.55 28.93 -26.99
C ASN C 19 -1.06 28.18 -25.76
N THR C 20 -0.10 27.62 -25.03
CA THR C 20 -0.36 26.81 -23.85
C THR C 20 -0.22 27.68 -22.60
N GLY C 21 -0.39 27.04 -21.44
CA GLY C 21 -0.29 27.64 -20.12
C GLY C 21 -0.82 26.69 -19.08
N ILE C 22 -0.01 26.43 -18.02
CA ILE C 22 -0.39 25.53 -16.92
C ILE C 22 -0.49 26.32 -15.65
N TYR C 23 -1.56 26.13 -14.87
CA TYR C 23 -1.68 26.83 -13.59
C TYR C 23 -1.92 25.84 -12.47
N LEU C 24 -0.90 25.62 -11.60
CA LEU C 24 -0.96 24.70 -10.47
C LEU C 24 -2.01 25.07 -9.46
N ILE C 25 -2.93 24.16 -9.21
CA ILE C 25 -3.99 24.35 -8.24
C ILE C 25 -3.52 23.67 -6.95
N GLU C 26 -3.13 22.39 -7.07
CA GLU C 26 -2.64 21.58 -5.97
C GLU C 26 -1.49 20.71 -6.45
N SER C 27 -0.51 20.54 -5.57
CA SER C 27 0.63 19.67 -5.75
C SER C 27 0.63 18.84 -4.49
N TYR C 28 0.64 17.53 -4.67
CA TYR C 28 0.62 16.62 -3.53
C TYR C 28 1.41 15.35 -3.88
N SER C 29 1.35 14.36 -3.00
CA SER C 29 1.98 13.07 -3.14
C SER C 29 3.34 13.08 -3.88
N LEU C 30 4.36 13.82 -3.34
CA LEU C 30 5.68 13.73 -3.94
C LEU C 30 6.36 12.51 -3.33
N ASP C 31 6.51 11.46 -4.14
CA ASP C 31 7.14 10.20 -3.75
C ASP C 31 8.57 10.22 -4.25
N ASP C 32 9.52 10.43 -3.33
CA ASP C 32 10.95 10.49 -3.61
C ASP C 32 11.46 9.18 -4.20
N CYS C 33 10.97 8.07 -3.66
CA CYS C 33 11.35 6.73 -4.08
C CYS C 33 10.84 6.40 -5.46
N ALA C 34 9.56 6.69 -5.73
CA ALA C 34 9.01 6.42 -7.05
C ALA C 34 9.42 7.45 -8.10
N GLU C 35 9.94 8.61 -7.65
CA GLU C 35 10.34 9.77 -8.47
C GLU C 35 9.10 10.28 -9.23
N THR C 36 7.95 10.29 -8.53
CA THR C 36 6.68 10.76 -9.06
C THR C 36 6.06 11.76 -8.11
N PHE C 37 5.21 12.62 -8.65
CA PHE C 37 4.44 13.59 -7.90
C PHE C 37 3.09 13.74 -8.57
N LYS C 38 2.06 13.93 -7.76
CA LYS C 38 0.72 14.07 -8.28
C LYS C 38 0.40 15.54 -8.33
N VAL C 39 -0.26 15.98 -9.42
CA VAL C 39 -0.56 17.37 -9.66
C VAL C 39 -2.02 17.58 -10.12
N ASN C 40 -2.67 18.64 -9.60
CA ASN C 40 -4.02 19.07 -10.00
C ASN C 40 -3.85 20.51 -10.50
N ALA C 41 -4.17 20.77 -11.79
CA ALA C 41 -3.95 22.07 -12.41
C ALA C 41 -4.92 22.38 -13.54
N PHE C 42 -4.80 23.60 -14.08
CA PHE C 42 -5.56 24.10 -15.22
C PHE C 42 -4.70 24.02 -16.45
N LEU C 43 -5.27 23.64 -17.59
CA LEU C 43 -4.53 23.68 -18.84
C LEU C 43 -5.29 24.62 -19.76
N SER C 44 -4.65 25.75 -20.12
CA SER C 44 -5.22 26.75 -21.01
C SER C 44 -4.65 26.56 -22.42
N LEU C 45 -5.51 26.59 -23.45
CA LEU C 45 -5.10 26.44 -24.83
C LEU C 45 -5.74 27.49 -25.70
N SER C 46 -4.93 28.08 -26.58
CA SER C 46 -5.37 29.14 -27.46
C SER C 46 -4.89 28.88 -28.88
N TRP C 47 -5.76 29.11 -29.88
CA TRP C 47 -5.50 28.97 -31.32
C TRP C 47 -6.61 29.64 -32.12
N LYS C 48 -6.29 30.09 -33.34
CA LYS C 48 -7.25 30.71 -34.25
C LYS C 48 -7.66 29.71 -35.31
N ASP C 49 -8.97 29.61 -35.49
CA ASP C 49 -9.64 28.75 -36.46
C ASP C 49 -10.67 29.61 -37.18
N ARG C 50 -10.23 30.21 -38.29
CA ARG C 50 -11.03 31.14 -39.10
C ARG C 50 -12.35 30.56 -39.57
N ARG C 51 -12.46 29.22 -39.58
CA ARG C 51 -13.70 28.51 -39.94
C ARG C 51 -14.78 28.80 -38.91
N LEU C 52 -14.36 29.16 -37.70
CA LEU C 52 -15.23 29.46 -36.57
C LEU C 52 -15.55 30.93 -36.48
N ALA C 53 -14.77 31.75 -37.20
CA ALA C 53 -14.95 33.20 -37.23
C ALA C 53 -16.39 33.59 -37.64
N PHE C 54 -16.92 34.67 -37.03
CA PHE C 54 -18.27 35.14 -37.27
C PHE C 54 -18.43 36.67 -37.20
N ASP C 55 -19.65 37.14 -37.55
CA ASP C 55 -19.99 38.55 -37.51
C ASP C 55 -20.90 38.70 -36.31
N PRO C 56 -20.42 39.38 -35.26
CA PRO C 56 -21.21 39.53 -34.03
C PRO C 56 -22.51 40.30 -34.19
N VAL C 57 -22.65 41.00 -35.30
CA VAL C 57 -23.83 41.80 -35.58
C VAL C 57 -24.96 40.87 -36.03
N ARG C 58 -24.71 40.07 -37.11
CA ARG C 58 -25.68 39.14 -37.67
C ARG C 58 -25.95 37.97 -36.72
N SER C 59 -24.92 37.54 -35.93
CA SER C 59 -25.03 36.42 -34.98
C SER C 59 -25.68 36.80 -33.66
N GLY C 60 -25.63 38.08 -33.31
CA GLY C 60 -26.29 38.60 -32.11
C GLY C 60 -25.57 38.35 -30.81
N VAL C 61 -24.42 37.63 -30.87
CA VAL C 61 -23.56 37.29 -29.74
C VAL C 61 -22.14 37.77 -29.97
N ARG C 62 -21.50 38.29 -28.91
CA ARG C 62 -20.10 38.76 -28.97
C ARG C 62 -19.11 37.60 -28.84
N VAL C 63 -19.54 36.53 -28.13
CA VAL C 63 -18.77 35.29 -27.86
C VAL C 63 -19.69 34.10 -28.09
N LYS C 64 -19.11 33.00 -28.61
CA LYS C 64 -19.83 31.75 -28.84
C LYS C 64 -19.18 30.65 -27.98
N THR C 65 -20.01 29.83 -27.31
CA THR C 65 -19.54 28.71 -26.48
C THR C 65 -19.81 27.41 -27.22
N TYR C 66 -18.82 26.51 -27.24
CA TYR C 66 -18.97 25.24 -27.92
C TYR C 66 -18.65 24.05 -27.02
N GLU C 67 -19.19 22.88 -27.41
CA GLU C 67 -18.93 21.62 -26.75
C GLU C 67 -17.67 21.05 -27.39
N PRO C 68 -16.80 20.36 -26.62
CA PRO C 68 -15.54 19.85 -27.20
C PRO C 68 -15.72 19.04 -28.49
N GLU C 69 -16.84 18.33 -28.56
CA GLU C 69 -17.22 17.44 -29.66
C GLU C 69 -17.56 18.25 -30.89
N ALA C 70 -18.15 19.44 -30.69
CA ALA C 70 -18.61 20.37 -31.74
C ALA C 70 -17.52 20.91 -32.65
N ILE C 71 -16.36 21.28 -32.07
CA ILE C 71 -15.24 21.89 -32.82
C ILE C 71 -13.94 21.04 -32.82
N TRP C 72 -12.95 21.48 -33.62
CA TRP C 72 -11.64 20.85 -33.72
C TRP C 72 -10.81 21.38 -32.55
N ILE C 73 -10.21 20.47 -31.76
CA ILE C 73 -9.35 20.83 -30.63
C ILE C 73 -8.03 20.07 -30.76
N PRO C 74 -6.86 20.76 -30.65
CA PRO C 74 -5.58 20.05 -30.75
C PRO C 74 -5.40 18.95 -29.69
N GLU C 75 -4.74 17.84 -30.06
CA GLU C 75 -4.52 16.75 -29.13
C GLU C 75 -3.27 17.01 -28.31
N ILE C 76 -3.42 17.68 -27.13
CA ILE C 76 -2.28 17.94 -26.25
C ILE C 76 -2.15 16.81 -25.26
N ARG C 77 -0.97 16.21 -25.20
CA ARG C 77 -0.68 15.10 -24.31
C ARG C 77 0.53 15.48 -23.44
N PHE C 78 0.80 14.69 -22.40
CA PHE C 78 1.94 14.89 -21.52
C PHE C 78 2.87 13.74 -21.78
N VAL C 79 4.17 14.01 -21.86
CA VAL C 79 5.15 12.98 -22.17
C VAL C 79 5.41 12.09 -20.98
N ASN C 80 5.77 12.68 -19.83
CA ASN C 80 6.17 11.97 -18.62
C ASN C 80 5.04 11.73 -17.62
N VAL C 81 3.93 11.15 -18.07
CA VAL C 81 2.84 10.80 -17.16
C VAL C 81 2.64 9.27 -17.11
N GLU C 82 2.15 8.75 -15.93
CA GLU C 82 1.89 7.32 -15.71
C GLU C 82 0.79 6.89 -16.71
N ASN C 83 -0.39 7.50 -16.60
CA ASN C 83 -1.50 7.31 -17.54
C ASN C 83 -1.92 8.67 -18.00
N ALA C 84 -2.78 8.75 -19.04
CA ALA C 84 -3.26 10.04 -19.50
C ALA C 84 -4.01 10.73 -18.39
N ARG C 85 -3.86 12.06 -18.30
CA ARG C 85 -4.49 12.90 -17.27
C ARG C 85 -6.01 12.76 -17.20
N ASP C 86 -6.58 12.93 -15.99
CA ASP C 86 -8.03 12.96 -15.82
C ASP C 86 -8.37 14.40 -16.03
N ALA C 87 -8.92 14.70 -17.19
CA ALA C 87 -9.24 16.04 -17.59
C ALA C 87 -10.71 16.28 -17.64
N ASP C 88 -11.10 17.52 -17.35
CA ASP C 88 -12.48 17.96 -17.38
C ASP C 88 -12.45 19.35 -17.98
N VAL C 89 -13.05 19.50 -19.20
CA VAL C 89 -13.13 20.77 -19.93
C VAL C 89 -14.01 21.71 -19.13
N VAL C 90 -13.44 22.84 -18.73
CA VAL C 90 -14.09 23.86 -17.93
C VAL C 90 -14.86 24.80 -18.85
N ASP C 91 -14.19 25.34 -19.90
CA ASP C 91 -14.81 26.28 -20.84
C ASP C 91 -14.12 26.31 -22.23
N ILE C 92 -14.96 26.50 -23.30
CA ILE C 92 -14.53 26.71 -24.67
C ILE C 92 -15.25 27.97 -25.15
N SER C 93 -14.46 29.03 -25.50
CA SER C 93 -15.01 30.29 -25.99
C SER C 93 -14.40 30.70 -27.30
N VAL C 94 -15.28 31.11 -28.26
CA VAL C 94 -14.94 31.55 -29.62
C VAL C 94 -15.30 33.01 -29.81
N SER C 95 -14.26 33.79 -30.19
CA SER C 95 -14.30 35.21 -30.49
C SER C 95 -14.52 35.42 -32.01
N PRO C 96 -15.22 36.51 -32.41
CA PRO C 96 -15.56 36.73 -33.83
C PRO C 96 -14.48 36.50 -34.90
N ASP C 97 -13.18 36.63 -34.56
CA ASP C 97 -12.08 36.42 -35.51
C ASP C 97 -11.67 34.95 -35.71
N GLY C 98 -12.30 34.08 -34.93
CA GLY C 98 -12.07 32.64 -34.90
C GLY C 98 -11.07 32.21 -33.85
N THR C 99 -10.90 32.99 -32.79
CA THR C 99 -9.94 32.54 -31.79
C THR C 99 -10.63 31.68 -30.74
N VAL C 100 -10.05 30.51 -30.50
CA VAL C 100 -10.54 29.59 -29.51
C VAL C 100 -9.78 29.77 -28.20
N GLN C 101 -10.54 29.85 -27.11
CA GLN C 101 -10.04 29.93 -25.76
C GLN C 101 -10.55 28.68 -25.05
N TYR C 102 -9.68 27.67 -24.96
CA TYR C 102 -9.95 26.41 -24.33
C TYR C 102 -9.32 26.40 -22.92
N LEU C 103 -10.04 25.80 -21.96
CA LEU C 103 -9.59 25.65 -20.58
C LEU C 103 -10.18 24.37 -20.03
N GLU C 104 -9.32 23.58 -19.37
CA GLU C 104 -9.67 22.34 -18.72
C GLU C 104 -8.99 22.26 -17.36
N ARG C 105 -9.56 21.47 -16.44
CA ARG C 105 -8.95 21.18 -15.15
C ARG C 105 -8.56 19.71 -15.11
N PHE C 106 -7.25 19.43 -15.02
CA PHE C 106 -6.72 18.07 -15.06
C PHE C 106 -5.98 17.64 -13.79
N SER C 107 -5.90 16.32 -13.57
CA SER C 107 -5.14 15.73 -12.47
C SER C 107 -4.25 14.65 -13.12
N ALA C 108 -2.95 14.63 -12.77
CA ALA C 108 -1.98 13.70 -13.36
C ALA C 108 -0.87 13.26 -12.38
N ARG C 109 -0.35 12.01 -12.54
CA ARG C 109 0.79 11.52 -11.76
C ARG C 109 1.97 11.62 -12.71
N VAL C 110 2.85 12.58 -12.43
CA VAL C 110 3.97 12.93 -13.27
C VAL C 110 5.24 12.22 -12.81
N LEU C 111 5.90 11.53 -13.75
CA LEU C 111 7.17 10.86 -13.51
C LEU C 111 8.33 11.82 -13.82
N SER C 112 9.00 12.31 -12.77
CA SER C 112 10.12 13.22 -12.89
C SER C 112 11.32 12.71 -12.05
N PRO C 113 12.47 12.30 -12.69
CA PRO C 113 13.62 11.81 -11.90
C PRO C 113 14.17 12.81 -10.88
N LEU C 114 14.75 12.30 -9.80
CA LEU C 114 15.32 13.13 -8.74
C LEU C 114 16.75 12.73 -8.46
N ASP C 115 17.63 13.72 -8.24
CA ASP C 115 19.03 13.50 -7.92
C ASP C 115 19.28 13.65 -6.43
N PHE C 116 19.53 12.52 -5.77
CA PHE C 116 19.77 12.39 -4.34
C PHE C 116 21.23 12.51 -3.93
N ARG C 117 22.16 12.79 -4.89
CA ARG C 117 23.58 12.97 -4.57
C ARG C 117 23.80 13.99 -3.40
N ARG C 118 23.11 15.15 -3.38
CA ARG C 118 23.28 16.11 -2.29
C ARG C 118 22.19 16.13 -1.21
N TYR C 119 21.44 15.02 -1.07
CA TYR C 119 20.40 14.85 -0.05
C TYR C 119 21.06 14.91 1.34
N PRO C 120 20.44 15.55 2.37
CA PRO C 120 19.14 16.25 2.38
C PRO C 120 19.24 17.75 2.09
N PHE C 121 20.37 18.19 1.52
CA PHE C 121 20.62 19.59 1.21
C PHE C 121 20.27 19.95 -0.24
N ASP C 122 19.78 18.94 -0.97
CA ASP C 122 19.37 19.01 -2.36
C ASP C 122 18.21 19.97 -2.63
N SER C 123 18.12 20.32 -3.92
CA SER C 123 17.08 21.08 -4.58
C SER C 123 16.80 20.32 -5.87
N GLN C 124 15.54 20.34 -6.32
CA GLN C 124 15.14 19.60 -7.51
C GLN C 124 14.33 20.44 -8.47
N THR C 125 14.33 20.03 -9.75
CA THR C 125 13.54 20.66 -10.80
C THR C 125 12.61 19.59 -11.37
N LEU C 126 11.33 19.73 -11.07
CA LEU C 126 10.29 18.82 -11.53
C LEU C 126 9.82 19.24 -12.93
N HIS C 127 9.81 18.29 -13.85
CA HIS C 127 9.43 18.55 -15.23
C HIS C 127 8.04 18.05 -15.58
N ILE C 128 7.37 18.75 -16.49
CA ILE C 128 6.06 18.42 -17.03
C ILE C 128 6.25 18.72 -18.52
N TYR C 129 6.22 17.68 -19.35
CA TYR C 129 6.42 17.89 -20.79
C TYR C 129 5.13 17.84 -21.58
N LEU C 130 4.75 18.99 -22.20
CA LEU C 130 3.57 19.08 -23.06
C LEU C 130 3.96 18.70 -24.46
N ILE C 131 3.12 17.95 -25.13
CA ILE C 131 3.43 17.51 -26.48
C ILE C 131 2.20 17.55 -27.41
N VAL C 132 2.45 17.86 -28.68
CA VAL C 132 1.44 17.88 -29.75
C VAL C 132 2.05 17.28 -31.03
N ARG C 133 1.33 16.34 -31.61
CA ARG C 133 1.76 15.70 -32.85
C ARG C 133 1.06 16.35 -34.03
N SER C 134 1.85 16.72 -35.06
CA SER C 134 1.39 17.38 -36.27
C SER C 134 0.56 16.44 -37.12
N VAL C 135 -0.51 16.97 -37.71
CA VAL C 135 -1.44 16.27 -38.61
C VAL C 135 -0.90 16.30 -40.09
N ASP C 136 -1.56 15.60 -41.05
CA ASP C 136 -1.06 15.59 -42.43
C ASP C 136 -1.28 16.91 -43.18
N THR C 137 -2.47 17.50 -42.97
CA THR C 137 -2.90 18.78 -43.56
C THR C 137 -2.01 19.96 -43.12
N ARG C 138 -1.63 20.03 -41.82
CA ARG C 138 -0.73 21.11 -41.35
C ARG C 138 -0.01 20.76 -40.06
N ASN C 139 1.19 21.29 -39.92
CA ASN C 139 2.01 21.08 -38.73
C ASN C 139 1.48 21.92 -37.54
N ILE C 140 1.67 21.40 -36.32
CA ILE C 140 1.21 22.08 -35.11
C ILE C 140 2.39 22.29 -34.21
N VAL C 141 2.54 23.55 -33.73
CA VAL C 141 3.64 24.01 -32.88
C VAL C 141 3.08 24.68 -31.61
N LEU C 142 3.70 24.36 -30.44
CA LEU C 142 3.37 24.88 -29.11
C LEU C 142 4.09 26.20 -28.80
N ALA C 143 3.43 27.03 -27.98
CA ALA C 143 3.89 28.34 -27.54
C ALA C 143 3.56 28.51 -26.06
N VAL C 144 4.38 29.30 -25.34
CA VAL C 144 4.11 29.58 -23.95
C VAL C 144 3.71 31.04 -23.84
N ASP C 145 2.74 31.32 -22.97
CA ASP C 145 2.40 32.66 -22.56
C ASP C 145 2.70 32.60 -21.05
N LEU C 146 3.81 33.22 -20.61
CA LEU C 146 4.20 33.16 -19.20
C LEU C 146 3.23 33.94 -18.28
N GLU C 147 2.26 34.65 -18.87
CA GLU C 147 1.23 35.32 -18.10
C GLU C 147 0.27 34.22 -17.60
N LYS C 148 0.04 33.20 -18.47
CA LYS C 148 -0.85 32.04 -18.29
C LYS C 148 -0.23 30.86 -17.50
N VAL C 149 1.09 30.97 -17.13
CA VAL C 149 1.85 29.97 -16.37
C VAL C 149 2.01 30.47 -14.93
N GLY C 150 1.35 29.80 -13.99
CA GLY C 150 1.41 30.18 -12.58
C GLY C 150 1.07 29.05 -11.64
N LYS C 151 0.85 29.42 -10.37
CA LYS C 151 0.50 28.49 -9.31
C LYS C 151 -0.28 29.19 -8.20
N ASN C 152 -1.21 28.46 -7.57
CA ASN C 152 -1.99 28.94 -6.44
C ASN C 152 -0.98 29.21 -5.32
N ASP C 153 -1.19 30.26 -4.51
CA ASP C 153 -0.28 30.62 -3.42
C ASP C 153 -0.23 29.54 -2.34
N ASP C 154 -1.38 28.89 -2.12
CA ASP C 154 -1.57 27.83 -1.15
C ASP C 154 -1.00 26.45 -1.58
N VAL C 155 -0.39 26.32 -2.81
CA VAL C 155 0.25 25.10 -3.32
C VAL C 155 1.40 24.72 -2.38
N PHE C 156 1.40 23.49 -1.84
CA PHE C 156 2.41 23.05 -0.89
C PHE C 156 2.85 21.57 -1.05
N LEU C 157 4.13 21.34 -0.76
CA LEU C 157 4.75 20.03 -0.69
C LEU C 157 5.45 20.04 0.66
N THR C 158 4.99 19.18 1.57
CA THR C 158 5.56 19.09 2.91
C THR C 158 7.04 18.74 2.81
N GLY C 159 7.86 19.58 3.45
CA GLY C 159 9.31 19.44 3.49
C GLY C 159 10.04 20.08 2.32
N TRP C 160 9.33 20.86 1.51
CA TRP C 160 9.92 21.52 0.36
C TRP C 160 9.53 22.96 0.28
N ASP C 161 10.45 23.80 -0.22
CA ASP C 161 10.19 25.20 -0.45
C ASP C 161 9.99 25.32 -1.97
N ILE C 162 8.73 25.58 -2.42
CA ILE C 162 8.38 25.68 -3.84
C ILE C 162 8.84 27.03 -4.32
N GLU C 163 9.99 27.05 -4.99
CA GLU C 163 10.62 28.27 -5.51
C GLU C 163 9.80 28.90 -6.64
N SER C 164 9.65 28.17 -7.78
CA SER C 164 8.98 28.71 -8.96
C SER C 164 8.32 27.68 -9.82
N PHE C 165 7.27 28.12 -10.56
CA PHE C 165 6.60 27.36 -11.61
C PHE C 165 6.71 28.19 -12.88
N THR C 166 7.54 27.69 -13.80
CA THR C 166 7.84 28.38 -15.05
C THR C 166 7.94 27.43 -16.23
N ALA C 167 8.15 27.95 -17.45
CA ALA C 167 8.27 27.15 -18.65
C ALA C 167 9.41 27.63 -19.54
N VAL C 168 10.09 26.69 -20.22
CA VAL C 168 11.13 26.95 -21.22
C VAL C 168 10.38 27.27 -22.54
N VAL C 169 10.26 28.59 -22.81
CA VAL C 169 9.57 29.28 -23.92
C VAL C 169 9.83 28.70 -25.28
N LYS C 170 11.09 28.34 -25.59
CA LYS C 170 11.41 27.76 -26.89
C LYS C 170 11.06 26.29 -26.90
N PRO C 171 10.04 25.86 -27.71
CA PRO C 171 9.68 24.43 -27.74
C PRO C 171 10.68 23.58 -28.51
N ALA C 172 10.70 22.28 -28.17
CA ALA C 172 11.60 21.32 -28.77
C ALA C 172 10.84 20.63 -29.86
N ASN C 173 10.99 21.14 -31.10
CA ASN C 173 10.34 20.60 -32.31
C ASN C 173 11.28 19.59 -32.93
N PHE C 174 10.74 18.40 -33.19
CA PHE C 174 11.55 17.30 -33.69
C PHE C 174 10.69 16.30 -34.43
N ALA C 175 11.31 15.45 -35.23
CA ALA C 175 10.62 14.47 -36.02
C ALA C 175 10.57 13.16 -35.30
N LEU C 176 9.39 12.52 -35.32
CA LEU C 176 9.15 11.22 -34.69
C LEU C 176 8.09 10.48 -35.50
N GLU C 177 8.44 9.27 -36.00
CA GLU C 177 7.58 8.40 -36.82
C GLU C 177 6.95 9.16 -38.02
N ASP C 178 7.84 9.90 -38.75
CA ASP C 178 7.56 10.69 -39.95
C ASP C 178 6.63 11.89 -39.72
N ARG C 179 6.59 12.45 -38.50
CA ARG C 179 5.79 13.65 -38.18
C ARG C 179 6.52 14.55 -37.19
N LEU C 180 6.14 15.85 -37.16
CA LEU C 180 6.74 16.87 -36.29
C LEU C 180 6.06 16.86 -34.94
N GLU C 181 6.85 16.99 -33.87
CA GLU C 181 6.39 17.08 -32.50
C GLU C 181 6.99 18.28 -31.82
N SER C 182 6.13 19.25 -31.42
CA SER C 182 6.51 20.46 -30.69
C SER C 182 6.22 20.22 -29.21
N LYS C 183 7.31 20.11 -28.39
CA LYS C 183 7.33 19.79 -26.95
C LYS C 183 7.67 21.00 -26.07
N LEU C 184 6.93 21.17 -24.98
CA LEU C 184 7.23 22.23 -24.02
C LEU C 184 7.71 21.70 -22.69
N ASP C 185 8.64 22.41 -22.08
CA ASP C 185 9.13 22.02 -20.78
C ASP C 185 8.67 22.99 -19.70
N TYR C 186 7.78 22.49 -18.83
CA TYR C 186 7.31 23.20 -17.67
C TYR C 186 8.13 22.71 -16.49
N GLN C 187 8.65 23.63 -15.70
CA GLN C 187 9.51 23.32 -14.57
C GLN C 187 9.01 23.86 -13.23
N LEU C 188 9.00 22.99 -12.22
CA LEU C 188 8.66 23.29 -10.84
C LEU C 188 9.95 23.14 -10.01
N ARG C 189 10.52 24.25 -9.55
CA ARG C 189 11.76 24.24 -8.77
C ARG C 189 11.43 24.25 -7.33
N ILE C 190 11.98 23.26 -6.63
CA ILE C 190 11.75 23.01 -5.22
C ILE C 190 13.11 22.84 -4.55
N SER C 191 13.20 23.23 -3.28
CA SER C 191 14.40 23.06 -2.46
C SER C 191 13.99 22.43 -1.13
N ARG C 192 14.73 21.42 -0.67
CA ARG C 192 14.43 20.68 0.55
C ARG C 192 14.54 21.48 1.85
N GLN C 193 13.68 21.17 2.84
CA GLN C 193 13.64 21.76 4.18
C GLN C 193 14.38 20.79 5.18
N TYR C 194 15.73 20.80 5.10
CA TYR C 194 16.66 19.95 5.85
C TYR C 194 16.91 20.28 7.36
N PHE C 195 16.13 21.20 8.01
CA PHE C 195 16.42 21.51 9.42
C PHE C 195 16.28 20.30 10.33
N SER C 196 15.09 19.68 10.34
CA SER C 196 14.79 18.53 11.16
C SER C 196 15.86 17.45 11.14
N TYR C 197 16.60 17.26 10.01
CA TYR C 197 17.68 16.27 9.84
C TYR C 197 18.74 16.32 10.90
N ILE C 198 19.25 17.52 11.23
CA ILE C 198 20.25 17.67 12.27
C ILE C 198 19.74 17.07 13.62
N PRO C 199 18.72 17.68 14.30
CA PRO C 199 18.22 17.09 15.56
C PRO C 199 17.57 15.71 15.49
N ASN C 200 17.15 15.24 14.28
CA ASN C 200 16.50 13.93 14.15
C ASN C 200 17.42 12.81 13.69
N ILE C 201 18.24 13.05 12.68
CA ILE C 201 19.07 11.98 12.15
C ILE C 201 20.59 12.15 12.42
N ILE C 202 21.18 13.30 12.04
CA ILE C 202 22.62 13.56 12.13
C ILE C 202 23.22 13.59 13.57
N LEU C 203 22.64 14.34 14.52
CA LEU C 203 23.17 14.39 15.88
C LEU C 203 22.98 13.06 16.63
N PRO C 204 21.83 12.38 16.58
CA PRO C 204 21.75 11.09 17.29
C PRO C 204 22.65 10.06 16.62
N MET C 205 22.85 10.12 15.26
CA MET C 205 23.80 9.22 14.63
C MET C 205 25.24 9.50 15.08
N LEU C 206 25.64 10.77 15.15
CA LEU C 206 26.97 11.11 15.67
C LEU C 206 27.13 10.69 17.13
N PHE C 207 26.10 10.84 17.99
CA PHE C 207 26.25 10.46 19.41
C PHE C 207 26.66 9.01 19.63
N ILE C 208 26.01 8.07 18.89
CA ILE C 208 26.30 6.62 18.99
C ILE C 208 27.75 6.34 18.61
N LEU C 209 28.25 6.99 17.53
CA LEU C 209 29.63 6.86 17.07
C LEU C 209 30.61 7.30 18.16
N PHE C 210 30.31 8.43 18.82
CA PHE C 210 31.14 8.97 19.88
C PHE C 210 31.10 8.07 21.08
N ILE C 211 29.97 7.40 21.34
CA ILE C 211 29.91 6.48 22.47
C ILE C 211 30.98 5.41 22.29
N SER C 212 31.13 4.89 21.05
CA SER C 212 32.12 3.86 20.69
C SER C 212 33.56 4.34 20.94
N TRP C 213 33.83 5.64 20.80
CA TRP C 213 35.16 6.19 21.02
C TRP C 213 35.58 6.25 22.49
N THR C 214 34.66 5.98 23.44
CA THR C 214 35.02 5.97 24.85
C THR C 214 35.91 4.75 25.14
N ALA C 215 35.94 3.75 24.21
CA ALA C 215 36.77 2.54 24.31
C ALA C 215 38.27 2.86 24.22
N PHE C 216 38.62 4.15 24.02
CA PHE C 216 40.01 4.64 23.97
C PHE C 216 40.46 5.18 25.35
N TRP C 217 39.53 5.21 26.31
CA TRP C 217 39.79 5.62 27.68
C TRP C 217 39.48 4.45 28.63
N SER C 218 39.61 3.21 28.10
CA SER C 218 39.40 1.98 28.85
C SER C 218 40.43 0.94 28.43
N THR C 219 40.77 0.04 29.37
CA THR C 219 41.69 -1.08 29.16
C THR C 219 40.92 -2.40 29.30
N SER C 220 39.65 -2.33 29.74
CA SER C 220 38.82 -3.51 29.91
C SER C 220 38.30 -3.99 28.58
N TYR C 221 38.86 -5.12 28.08
CA TYR C 221 38.48 -5.73 26.80
C TYR C 221 37.02 -6.14 26.77
N GLU C 222 36.47 -6.59 27.91
CA GLU C 222 35.07 -6.94 27.98
C GLU C 222 34.20 -5.69 27.83
N ALA C 223 34.54 -4.58 28.57
CA ALA C 223 33.82 -3.30 28.46
C ALA C 223 33.95 -2.69 27.06
N ASN C 224 35.15 -2.81 26.45
CA ASN C 224 35.44 -2.31 25.10
C ASN C 224 34.67 -3.03 24.00
N VAL C 225 34.62 -4.39 24.00
CA VAL C 225 33.85 -5.20 23.04
C VAL C 225 32.40 -4.78 23.14
N THR C 226 31.87 -4.72 24.40
CA THR C 226 30.50 -4.29 24.68
C THR C 226 30.27 -2.85 24.14
N LEU C 227 31.26 -1.93 24.30
CA LEU C 227 31.12 -0.58 23.75
C LEU C 227 31.03 -0.54 22.22
N VAL C 228 32.08 -0.99 21.50
CA VAL C 228 32.09 -0.92 20.03
C VAL C 228 30.98 -1.76 19.34
N VAL C 229 30.75 -3.02 19.80
CA VAL C 229 29.76 -3.89 19.14
C VAL C 229 28.34 -3.45 19.49
N SER C 230 28.04 -3.15 20.78
CA SER C 230 26.69 -2.68 21.14
C SER C 230 26.31 -1.39 20.44
N THR C 231 27.28 -0.43 20.29
CA THR C 231 27.01 0.81 19.55
C THR C 231 26.82 0.54 18.05
N LEU C 232 27.56 -0.43 17.47
CA LEU C 232 27.36 -0.81 16.07
C LEU C 232 25.90 -1.30 15.91
N ILE C 233 25.38 -2.15 16.83
CA ILE C 233 23.98 -2.62 16.85
C ILE C 233 23.03 -1.41 16.95
N ALA C 234 23.28 -0.49 17.90
CA ALA C 234 22.48 0.72 18.08
C ALA C 234 22.50 1.60 16.81
N HIS C 235 23.64 1.62 16.06
CA HIS C 235 23.77 2.38 14.82
C HIS C 235 22.82 1.82 13.77
N ILE C 236 22.91 0.48 13.54
CA ILE C 236 22.07 -0.24 12.59
C ILE C 236 20.59 -0.05 12.99
N ALA C 237 20.27 -0.24 14.29
CA ALA C 237 18.93 -0.08 14.82
C ALA C 237 18.45 1.34 14.56
N PHE C 238 19.32 2.35 14.76
CA PHE C 238 18.95 3.74 14.49
C PHE C 238 18.62 3.94 13.03
N ASN C 239 19.45 3.40 12.14
CA ASN C 239 19.23 3.49 10.70
C ASN C 239 17.94 2.82 10.26
N ILE C 240 17.51 1.71 10.91
CA ILE C 240 16.25 1.03 10.66
C ILE C 240 15.12 2.01 11.03
N LEU C 241 15.27 2.71 12.19
CA LEU C 241 14.30 3.68 12.69
C LEU C 241 14.13 4.90 11.78
N VAL C 242 15.23 5.55 11.37
CA VAL C 242 15.19 6.75 10.53
C VAL C 242 15.29 6.42 9.00
N GLU C 243 15.03 5.15 8.63
CA GLU C 243 15.08 4.63 7.25
C GLU C 243 14.25 5.49 6.30
N THR C 244 14.89 5.92 5.17
CA THR C 244 14.31 6.78 4.10
C THR C 244 13.05 6.18 3.42
N ASN C 245 12.82 4.83 3.56
CA ASN C 245 11.75 4.00 2.94
C ASN C 245 12.05 3.80 1.42
N CYS C 246 13.17 4.41 0.95
CA CYS C 246 13.70 4.40 -0.42
C CYS C 246 14.67 3.24 -0.62
N PRO C 247 14.33 2.33 -1.58
CA PRO C 247 15.26 1.23 -1.91
C PRO C 247 16.55 1.87 -2.38
N LYS C 248 17.69 1.30 -1.99
CA LYS C 248 19.00 1.86 -2.27
C LYS C 248 19.13 2.43 -3.70
N THR C 249 19.74 3.60 -3.72
CA THR C 249 20.05 4.43 -4.86
C THR C 249 21.18 3.76 -5.66
N PRO C 250 21.04 3.64 -7.00
CA PRO C 250 22.11 3.00 -7.80
C PRO C 250 23.45 3.74 -7.83
N TYR C 251 23.43 5.09 -7.59
CA TYR C 251 24.59 5.99 -7.59
C TYR C 251 25.05 6.34 -6.17
N MET C 252 26.30 6.83 -6.03
CA MET C 252 26.85 7.17 -4.71
C MET C 252 26.44 8.59 -4.31
N THR C 253 25.74 8.65 -3.19
CA THR C 253 25.22 9.88 -2.58
C THR C 253 26.18 10.35 -1.48
N TYR C 254 26.04 11.64 -1.09
CA TYR C 254 26.80 12.25 -0.01
C TYR C 254 26.53 11.47 1.27
N THR C 255 25.23 11.27 1.58
CA THR C 255 24.71 10.53 2.73
C THR C 255 25.24 9.12 2.74
N GLY C 256 25.21 8.48 1.57
CA GLY C 256 25.68 7.11 1.37
C GLY C 256 27.12 6.92 1.70
N ALA C 257 27.96 7.91 1.30
CA ALA C 257 29.41 7.93 1.54
C ALA C 257 29.70 7.98 3.02
N ILE C 258 29.03 8.91 3.74
CA ILE C 258 29.17 9.09 5.18
C ILE C 258 28.76 7.85 5.96
N ILE C 259 27.58 7.27 5.64
CA ILE C 259 27.13 6.04 6.30
C ILE C 259 28.21 4.96 6.12
N PHE C 260 28.74 4.79 4.89
CA PHE C 260 29.80 3.82 4.61
C PHE C 260 31.01 4.09 5.50
N MET C 261 31.40 5.38 5.60
CA MET C 261 32.51 5.85 6.42
C MET C 261 32.31 5.47 7.90
N ILE C 262 31.07 5.66 8.44
CA ILE C 262 30.69 5.29 9.80
C ILE C 262 30.87 3.76 10.04
N TYR C 263 30.42 2.90 9.10
CA TYR C 263 30.61 1.44 9.19
C TYR C 263 32.09 1.09 9.21
N LEU C 264 32.92 1.82 8.42
CA LEU C 264 34.37 1.65 8.38
C LEU C 264 35.00 1.99 9.75
N PHE C 265 34.56 3.11 10.36
CA PHE C 265 34.98 3.58 11.68
C PHE C 265 34.64 2.57 12.79
N TYR C 266 33.47 1.88 12.68
CA TYR C 266 33.09 0.84 13.65
C TYR C 266 34.05 -0.32 13.53
N PHE C 267 34.40 -0.70 12.28
CA PHE C 267 35.35 -1.79 12.04
C PHE C 267 36.74 -1.44 12.49
N VAL C 268 37.22 -0.21 12.20
CA VAL C 268 38.57 0.23 12.59
C VAL C 268 38.70 0.27 14.13
N ALA C 269 37.65 0.78 14.84
CA ALA C 269 37.63 0.84 16.29
C ALA C 269 37.67 -0.56 16.88
N VAL C 270 37.02 -1.56 16.25
CA VAL C 270 37.11 -2.96 16.71
C VAL C 270 38.56 -3.43 16.53
N ILE C 271 39.17 -3.19 15.34
CA ILE C 271 40.58 -3.54 15.11
C ILE C 271 41.47 -3.02 16.24
N GLU C 272 41.35 -1.71 16.57
CA GLU C 272 42.08 -1.02 17.63
C GLU C 272 41.97 -1.79 18.92
N VAL C 273 40.72 -2.00 19.40
CA VAL C 273 40.35 -2.74 20.61
C VAL C 273 40.95 -4.12 20.61
N THR C 274 40.92 -4.78 19.44
CA THR C 274 41.49 -6.12 19.27
C THR C 274 43.04 -6.06 19.43
N VAL C 275 43.71 -5.14 18.69
CA VAL C 275 45.16 -4.91 18.73
C VAL C 275 45.61 -4.63 20.16
N GLN C 276 45.05 -3.57 20.80
CA GLN C 276 45.36 -3.12 22.16
C GLN C 276 45.37 -4.29 23.15
N HIS C 277 44.30 -5.10 23.17
CA HIS C 277 44.18 -6.27 24.06
C HIS C 277 45.22 -7.33 23.75
N TYR C 278 45.44 -7.64 22.46
CA TYR C 278 46.44 -8.63 22.07
C TYR C 278 47.85 -8.23 22.47
N LEU C 279 48.21 -6.93 22.32
CA LEU C 279 49.51 -6.39 22.74
C LEU C 279 49.70 -6.50 24.26
N LYS C 280 48.65 -6.14 25.01
CA LYS C 280 48.62 -6.20 26.46
C LYS C 280 48.86 -7.62 26.91
N VAL C 281 48.10 -8.58 26.36
CA VAL C 281 48.24 -10.01 26.66
C VAL C 281 49.61 -10.58 26.14
N GLU C 282 50.17 -9.99 25.05
CA GLU C 282 51.47 -10.41 24.51
C GLU C 282 52.63 -9.60 25.10
N SER C 283 52.53 -9.30 26.41
CA SER C 283 53.50 -8.60 27.23
C SER C 283 54.16 -7.40 26.53
N GLN C 284 53.33 -6.49 25.99
CA GLN C 284 53.79 -5.27 25.32
C GLN C 284 52.85 -4.11 25.70
N PRO C 285 52.65 -3.80 27.00
CA PRO C 285 51.70 -2.73 27.37
C PRO C 285 52.12 -1.30 27.03
N ALA C 286 53.34 -1.13 26.51
CA ALA C 286 53.83 0.18 26.13
C ALA C 286 53.19 0.56 24.79
N ARG C 287 53.21 -0.38 23.80
CA ARG C 287 52.64 -0.20 22.44
C ARG C 287 51.13 -0.10 22.54
N ALA C 288 50.51 -1.04 23.29
CA ALA C 288 49.06 -1.07 23.53
C ALA C 288 48.61 0.32 23.98
N ALA C 289 49.18 0.86 25.10
CA ALA C 289 48.83 2.17 25.63
C ALA C 289 49.11 3.34 24.69
N SER C 290 50.17 3.28 23.89
CA SER C 290 50.46 4.39 22.97
C SER C 290 49.47 4.43 21.77
N ILE C 291 48.99 3.25 21.31
CA ILE C 291 48.01 3.10 20.23
C ILE C 291 46.70 3.69 20.71
N THR C 292 46.25 3.32 21.92
CA THR C 292 45.01 3.78 22.56
C THR C 292 45.02 5.29 22.72
N ARG C 293 46.12 5.82 23.27
CA ARG C 293 46.33 7.27 23.45
C ARG C 293 46.29 8.05 22.12
N ALA C 294 46.84 7.45 21.03
CA ALA C 294 46.86 8.03 19.68
C ALA C 294 45.43 8.10 19.11
N SER C 295 44.70 6.97 19.17
CA SER C 295 43.33 6.80 18.71
C SER C 295 42.39 7.86 19.25
N ARG C 296 42.56 8.24 20.55
CA ARG C 296 41.81 9.32 21.22
C ARG C 296 41.80 10.62 20.40
N ILE C 297 42.90 10.92 19.67
CA ILE C 297 43.06 12.11 18.83
C ILE C 297 42.82 11.73 17.37
N ALA C 298 43.43 10.61 16.92
CA ALA C 298 43.36 10.11 15.53
C ALA C 298 41.93 9.94 15.05
N PHE C 299 41.09 9.18 15.79
CA PHE C 299 39.71 8.91 15.45
C PHE C 299 38.89 10.18 15.20
N PRO C 300 38.74 11.14 16.15
CA PRO C 300 37.96 12.36 15.82
C PRO C 300 38.57 13.23 14.72
N VAL C 301 39.91 13.36 14.69
CA VAL C 301 40.60 14.18 13.69
C VAL C 301 40.39 13.60 12.28
N VAL C 302 40.68 12.29 12.05
CA VAL C 302 40.46 11.60 10.78
C VAL C 302 38.98 11.70 10.35
N PHE C 303 38.05 11.54 11.32
CA PHE C 303 36.62 11.68 11.07
C PHE C 303 36.28 13.08 10.56
N LEU C 304 36.71 14.14 11.29
CA LEU C 304 36.48 15.54 10.90
C LEU C 304 37.05 15.88 9.53
N LEU C 305 38.27 15.38 9.22
CA LEU C 305 38.94 15.63 7.93
C LEU C 305 38.24 14.94 6.79
N ALA C 306 38.03 13.60 6.91
CA ALA C 306 37.33 12.78 5.92
C ALA C 306 35.94 13.33 5.62
N ASN C 307 35.24 13.85 6.65
CA ASN C 307 33.93 14.48 6.51
C ASN C 307 33.99 15.76 5.67
N ILE C 308 35.02 16.61 5.90
CA ILE C 308 35.26 17.85 5.17
C ILE C 308 35.58 17.53 3.70
N ILE C 309 36.45 16.52 3.43
CA ILE C 309 36.77 16.07 2.07
C ILE C 309 35.49 15.65 1.35
N LEU C 310 34.62 14.85 2.02
CA LEU C 310 33.34 14.38 1.48
C LEU C 310 32.39 15.55 1.19
N ALA C 311 32.22 16.46 2.17
CA ALA C 311 31.38 17.65 2.01
C ALA C 311 31.87 18.49 0.85
N PHE C 312 33.20 18.58 0.68
CA PHE C 312 33.78 19.34 -0.42
C PHE C 312 33.55 18.68 -1.76
N LEU C 313 33.80 17.37 -1.86
CA LEU C 313 33.59 16.63 -3.10
C LEU C 313 32.14 16.64 -3.55
N PHE C 314 31.17 16.69 -2.62
CA PHE C 314 29.76 16.68 -2.99
C PHE C 314 29.18 18.06 -3.18
N PHE C 315 29.72 19.10 -2.51
CA PHE C 315 29.20 20.47 -2.65
C PHE C 315 30.32 21.48 -2.92
N VAL D 5 -30.19 25.51 -21.30
CA VAL D 5 -28.79 25.10 -21.13
C VAL D 5 -27.81 26.27 -21.49
N SER D 6 -28.12 27.44 -20.94
CA SER D 6 -27.39 28.71 -21.01
C SER D 6 -27.66 29.33 -19.62
N PRO D 7 -26.80 30.16 -19.00
CA PRO D 7 -27.14 30.68 -17.65
C PRO D 7 -28.40 31.55 -17.60
N PRO D 8 -29.10 31.62 -16.43
CA PRO D 8 -30.31 32.46 -16.34
C PRO D 8 -29.98 33.93 -16.62
N PRO D 9 -30.87 34.67 -17.31
CA PRO D 9 -30.54 36.06 -17.65
C PRO D 9 -30.71 37.06 -16.50
N PRO D 10 -29.80 38.05 -16.37
CA PRO D 10 -29.94 39.03 -15.28
C PRO D 10 -30.97 40.11 -15.60
N ILE D 11 -31.76 40.51 -14.61
CA ILE D 11 -32.73 41.57 -14.87
C ILE D 11 -32.04 42.93 -15.00
N ALA D 12 -31.17 43.29 -14.03
CA ALA D 12 -30.44 44.56 -14.00
C ALA D 12 -28.91 44.44 -13.77
N ASP D 13 -28.20 43.73 -14.67
CA ASP D 13 -26.72 43.48 -14.63
C ASP D 13 -26.22 42.86 -13.28
N GLU D 14 -27.07 42.06 -12.58
CA GLU D 14 -26.67 41.47 -11.29
C GLU D 14 -25.93 40.13 -11.43
N PRO D 15 -24.93 39.75 -10.58
CA PRO D 15 -24.36 38.40 -10.76
C PRO D 15 -25.29 37.39 -10.09
N LEU D 16 -25.18 36.14 -10.56
CA LEU D 16 -25.99 35.05 -10.05
C LEU D 16 -25.48 34.59 -8.70
N THR D 17 -26.37 34.54 -7.71
CA THR D 17 -26.01 34.07 -6.38
C THR D 17 -26.42 32.63 -6.24
N VAL D 18 -25.42 31.79 -6.00
CA VAL D 18 -25.61 30.37 -5.78
C VAL D 18 -25.45 30.11 -4.29
N ASN D 19 -26.56 29.87 -3.63
CA ASN D 19 -26.60 29.57 -2.22
C ASN D 19 -26.18 28.10 -2.00
N THR D 20 -25.08 27.92 -1.25
CA THR D 20 -24.51 26.61 -0.97
C THR D 20 -24.82 26.14 0.46
N GLY D 21 -24.42 24.90 0.73
CA GLY D 21 -24.56 24.23 2.00
C GLY D 21 -23.94 22.84 1.91
N ILE D 22 -23.18 22.45 2.96
CA ILE D 22 -22.58 21.12 3.04
C ILE D 22 -23.07 20.49 4.31
N TYR D 23 -23.56 19.24 4.21
CA TYR D 23 -24.02 18.51 5.38
C TYR D 23 -23.25 17.19 5.50
N LEU D 24 -22.30 17.12 6.47
CA LEU D 24 -21.48 15.94 6.71
C LEU D 24 -22.28 14.74 7.08
N ILE D 25 -22.12 13.67 6.31
CA ILE D 25 -22.80 12.42 6.56
C ILE D 25 -21.81 11.54 7.28
N GLU D 26 -20.61 11.38 6.68
CA GLU D 26 -19.52 10.57 7.21
C GLU D 26 -18.20 11.29 6.98
N SER D 27 -17.31 11.15 7.94
CA SER D 27 -15.94 11.64 7.89
C SER D 27 -15.15 10.41 8.26
N TYR D 28 -14.18 10.05 7.44
CA TYR D 28 -13.34 8.89 7.72
C TYR D 28 -11.93 9.11 7.16
N SER D 29 -11.12 8.04 7.17
CA SER D 29 -9.77 7.99 6.64
C SER D 29 -8.98 9.29 6.78
N LEU D 30 -8.77 9.78 8.03
CA LEU D 30 -7.92 10.96 8.20
C LEU D 30 -6.48 10.42 8.25
N ASP D 31 -5.72 10.68 7.19
CA ASP D 31 -4.34 10.27 7.08
C ASP D 31 -3.45 11.48 7.45
N ASP D 32 -2.84 11.40 8.63
CA ASP D 32 -1.99 12.45 9.18
C ASP D 32 -0.76 12.67 8.32
N CYS D 33 -0.18 11.58 7.81
CA CYS D 33 1.00 11.60 6.96
C CYS D 33 0.72 12.19 5.61
N ALA D 34 -0.38 11.79 4.96
CA ALA D 34 -0.75 12.32 3.66
C ALA D 34 -1.39 13.70 3.72
N GLU D 35 -1.85 14.13 4.93
CA GLU D 35 -2.55 15.40 5.21
C GLU D 35 -3.84 15.44 4.39
N THR D 36 -4.51 14.28 4.30
CA THR D 36 -5.77 14.10 3.59
C THR D 36 -6.79 13.44 4.48
N PHE D 37 -8.06 13.68 4.18
CA PHE D 37 -9.17 13.07 4.87
C PHE D 37 -10.26 12.83 3.85
N LYS D 38 -10.98 11.73 4.02
CA LYS D 38 -12.03 11.41 3.11
C LYS D 38 -13.34 11.82 3.76
N VAL D 39 -14.23 12.39 2.94
CA VAL D 39 -15.52 12.90 3.40
C VAL D 39 -16.70 12.45 2.52
N ASN D 40 -17.83 12.10 3.14
CA ASN D 40 -19.08 11.74 2.46
C ASN D 40 -20.14 12.73 2.99
N ALA D 41 -20.72 13.54 2.10
CA ALA D 41 -21.66 14.58 2.49
C ALA D 41 -22.67 14.93 1.41
N PHE D 42 -23.59 15.83 1.78
CA PHE D 42 -24.62 16.37 0.90
C PHE D 42 -24.17 17.74 0.44
N LEU D 43 -24.36 18.06 -0.84
CA LEU D 43 -24.10 19.41 -1.34
C LEU D 43 -25.42 19.97 -1.83
N SER D 44 -25.88 21.04 -1.16
CA SER D 44 -27.12 21.71 -1.51
C SER D 44 -26.80 22.99 -2.28
N LEU D 45 -27.52 23.24 -3.40
CA LEU D 45 -27.32 24.42 -4.24
C LEU D 45 -28.64 25.07 -4.57
N SER D 46 -28.74 26.40 -4.34
CA SER D 46 -29.97 27.15 -4.63
C SER D 46 -29.72 28.42 -5.43
N TRP D 47 -30.48 28.63 -6.51
CA TRP D 47 -30.37 29.82 -7.35
C TRP D 47 -31.66 30.12 -8.05
N LYS D 48 -31.84 31.37 -8.52
CA LYS D 48 -33.04 31.81 -9.22
C LYS D 48 -32.86 31.88 -10.74
N ASP D 49 -33.69 31.10 -11.46
CA ASP D 49 -33.75 31.04 -12.92
C ASP D 49 -35.22 31.33 -13.27
N ARG D 50 -35.52 32.60 -13.70
CA ARG D 50 -36.91 33.01 -14.02
C ARG D 50 -37.48 32.31 -15.27
N ARG D 51 -36.61 31.74 -16.13
CA ARG D 51 -37.03 30.95 -17.30
C ARG D 51 -37.79 29.69 -16.84
N LEU D 52 -37.65 29.32 -15.56
CA LEU D 52 -38.28 28.15 -14.96
C LEU D 52 -39.50 28.49 -14.11
N ALA D 53 -39.78 29.81 -13.94
CA ALA D 53 -40.92 30.30 -13.16
C ALA D 53 -42.23 29.90 -13.84
N PHE D 54 -43.29 29.61 -13.04
CA PHE D 54 -44.60 29.14 -13.53
C PHE D 54 -45.81 29.56 -12.67
N ASP D 55 -47.05 29.43 -13.23
CA ASP D 55 -48.30 29.69 -12.52
C ASP D 55 -48.79 28.33 -12.01
N PRO D 56 -48.77 28.14 -10.67
CA PRO D 56 -49.18 26.84 -10.10
C PRO D 56 -50.62 26.42 -10.37
N VAL D 57 -51.47 27.41 -10.73
CA VAL D 57 -52.89 27.21 -11.00
C VAL D 57 -53.06 26.51 -12.34
N ARG D 58 -52.50 27.10 -13.42
CA ARG D 58 -52.57 26.55 -14.77
C ARG D 58 -51.74 25.28 -14.92
N SER D 59 -50.61 25.20 -14.16
CA SER D 59 -49.69 24.05 -14.16
C SER D 59 -50.23 22.85 -13.36
N GLY D 60 -51.00 23.13 -12.32
CA GLY D 60 -51.61 22.11 -11.47
C GLY D 60 -50.72 21.61 -10.35
N VAL D 61 -49.40 21.92 -10.39
CA VAL D 61 -48.40 21.52 -9.39
C VAL D 61 -47.86 22.69 -8.62
N ARG D 62 -47.51 22.47 -7.35
CA ARG D 62 -46.93 23.54 -6.52
C ARG D 62 -45.39 23.58 -6.65
N VAL D 63 -44.78 22.44 -7.08
CA VAL D 63 -43.34 22.25 -7.30
C VAL D 63 -43.15 21.47 -8.62
N LYS D 64 -42.05 21.73 -9.33
CA LYS D 64 -41.69 20.99 -10.55
C LYS D 64 -40.33 20.29 -10.33
N THR D 65 -40.22 19.02 -10.75
CA THR D 65 -38.97 18.26 -10.61
C THR D 65 -38.34 18.09 -11.97
N TYR D 66 -37.03 18.29 -12.08
CA TYR D 66 -36.32 18.17 -13.35
C TYR D 66 -35.14 17.22 -13.28
N GLU D 67 -34.73 16.73 -14.45
CA GLU D 67 -33.54 15.89 -14.60
C GLU D 67 -32.35 16.83 -14.79
N PRO D 68 -31.15 16.49 -14.27
CA PRO D 68 -30.00 17.41 -14.40
C PRO D 68 -29.72 17.91 -15.81
N GLU D 69 -29.97 17.03 -16.79
CA GLU D 69 -29.77 17.31 -18.20
C GLU D 69 -30.78 18.31 -18.75
N ALA D 70 -31.99 18.31 -18.18
CA ALA D 70 -33.11 19.18 -18.57
C ALA D 70 -32.88 20.67 -18.36
N ILE D 71 -32.25 21.05 -17.23
CA ILE D 71 -32.03 22.46 -16.89
C ILE D 71 -30.53 22.85 -16.76
N TRP D 72 -30.28 24.17 -16.59
CA TRP D 72 -28.94 24.71 -16.39
C TRP D 72 -28.61 24.60 -14.91
N ILE D 73 -27.45 24.01 -14.60
CA ILE D 73 -26.97 23.86 -13.23
C ILE D 73 -25.52 24.41 -13.13
N PRO D 74 -25.22 25.28 -12.13
CA PRO D 74 -23.83 25.80 -11.99
C PRO D 74 -22.78 24.70 -11.75
N GLU D 75 -21.61 24.86 -12.36
CA GLU D 75 -20.54 23.91 -12.14
C GLU D 75 -19.74 24.27 -10.88
N ILE D 76 -20.08 23.65 -9.76
CA ILE D 76 -19.36 23.84 -8.50
C ILE D 76 -18.31 22.76 -8.40
N ARG D 77 -17.09 23.16 -8.15
CA ARG D 77 -15.94 22.27 -8.00
C ARG D 77 -15.28 22.54 -6.65
N PHE D 78 -14.37 21.66 -6.26
CA PHE D 78 -13.63 21.77 -5.00
C PHE D 78 -12.19 22.16 -5.33
N VAL D 79 -11.60 23.04 -4.52
CA VAL D 79 -10.24 23.50 -4.81
C VAL D 79 -9.22 22.48 -4.38
N ASN D 80 -9.25 22.09 -3.09
CA ASN D 80 -8.30 21.19 -2.47
C ASN D 80 -8.70 19.71 -2.50
N VAL D 81 -9.01 19.17 -3.67
CA VAL D 81 -9.34 17.75 -3.76
C VAL D 81 -8.31 17.02 -4.63
N GLU D 82 -8.08 15.69 -4.36
CA GLU D 82 -7.13 14.87 -5.11
C GLU D 82 -7.64 14.80 -6.58
N ASN D 83 -8.86 14.26 -6.77
CA ASN D 83 -9.59 14.18 -8.04
C ASN D 83 -10.98 14.70 -7.75
N ALA D 84 -11.77 14.93 -8.79
CA ALA D 84 -13.11 15.44 -8.57
C ALA D 84 -13.95 14.44 -7.81
N ARG D 85 -14.83 14.97 -6.95
CA ARG D 85 -15.74 14.21 -6.10
C ARG D 85 -16.61 13.21 -6.85
N ASP D 86 -16.98 12.11 -6.20
CA ASP D 86 -17.93 11.15 -6.77
C ASP D 86 -19.24 11.67 -6.30
N ALA D 87 -19.99 12.26 -7.21
CA ALA D 87 -21.26 12.87 -6.90
C ALA D 87 -22.41 12.13 -7.53
N ASP D 88 -23.58 12.23 -6.89
CA ASP D 88 -24.82 11.64 -7.36
C ASP D 88 -25.95 12.56 -6.96
N VAL D 89 -26.63 13.11 -7.97
CA VAL D 89 -27.76 14.06 -7.79
C VAL D 89 -28.91 13.32 -7.16
N VAL D 90 -29.33 13.81 -5.99
CA VAL D 90 -30.40 13.23 -5.18
C VAL D 90 -31.76 13.82 -5.63
N ASP D 91 -31.86 15.17 -5.73
CA ASP D 91 -33.09 15.88 -6.11
C ASP D 91 -32.87 17.28 -6.70
N ILE D 92 -33.74 17.65 -7.67
CA ILE D 92 -33.81 18.98 -8.31
C ILE D 92 -35.27 19.44 -8.24
N SER D 93 -35.53 20.54 -7.50
CA SER D 93 -36.88 21.08 -7.33
C SER D 93 -36.96 22.55 -7.72
N VAL D 94 -38.03 22.94 -8.49
CA VAL D 94 -38.29 24.32 -8.93
C VAL D 94 -39.60 24.82 -8.32
N SER D 95 -39.57 25.94 -7.60
CA SER D 95 -40.75 26.55 -6.98
C SER D 95 -41.43 27.50 -8.00
N PRO D 96 -42.66 28.08 -7.74
CA PRO D 96 -43.31 28.94 -8.78
C PRO D 96 -42.53 30.17 -9.25
N ASP D 97 -41.70 30.76 -8.39
CA ASP D 97 -40.89 31.94 -8.71
C ASP D 97 -39.62 31.64 -9.51
N GLY D 98 -39.35 30.35 -9.76
CA GLY D 98 -38.18 29.89 -10.50
C GLY D 98 -36.94 29.62 -9.66
N THR D 99 -37.10 29.47 -8.31
CA THR D 99 -35.98 29.17 -7.40
C THR D 99 -35.67 27.69 -7.46
N VAL D 100 -34.49 27.36 -7.99
CA VAL D 100 -34.01 25.99 -8.09
C VAL D 100 -33.38 25.51 -6.76
N GLN D 101 -33.69 24.27 -6.38
CA GLN D 101 -33.18 23.62 -5.17
C GLN D 101 -32.55 22.31 -5.64
N TYR D 102 -31.25 22.32 -5.74
CA TYR D 102 -30.44 21.19 -6.15
C TYR D 102 -29.81 20.55 -4.91
N LEU D 103 -29.72 19.21 -4.90
CA LEU D 103 -29.12 18.42 -3.84
C LEU D 103 -28.48 17.19 -4.43
N GLU D 104 -27.25 16.95 -4.02
CA GLU D 104 -26.46 15.81 -4.45
C GLU D 104 -25.74 15.20 -3.24
N ARG D 105 -25.38 13.92 -3.35
CA ARG D 105 -24.59 13.25 -2.32
C ARG D 105 -23.23 12.90 -2.92
N PHE D 106 -22.15 13.48 -2.35
CA PHE D 106 -20.78 13.32 -2.86
C PHE D 106 -19.81 12.70 -1.86
N SER D 107 -18.72 12.12 -2.37
CA SER D 107 -17.62 11.57 -1.57
C SER D 107 -16.36 12.12 -2.18
N ALA D 108 -15.45 12.68 -1.35
CA ALA D 108 -14.20 13.31 -1.83
C ALA D 108 -13.02 13.11 -0.89
N ARG D 109 -11.78 13.02 -1.44
CA ARG D 109 -10.54 12.94 -0.65
C ARG D 109 -9.95 14.34 -0.69
N VAL D 110 -10.10 15.03 0.45
CA VAL D 110 -9.73 16.42 0.62
C VAL D 110 -8.30 16.56 1.15
N LEU D 111 -7.50 17.37 0.46
CA LEU D 111 -6.14 17.66 0.87
C LEU D 111 -6.14 18.93 1.75
N SER D 112 -5.89 18.74 3.05
CA SER D 112 -5.84 19.84 4.01
C SER D 112 -4.56 19.70 4.89
N PRO D 113 -3.59 20.66 4.81
CA PRO D 113 -2.36 20.55 5.65
C PRO D 113 -2.60 20.50 7.15
N LEU D 114 -1.69 19.84 7.88
CA LEU D 114 -1.80 19.69 9.34
C LEU D 114 -0.53 20.15 10.07
N ASP D 115 -0.70 20.85 11.22
CA ASP D 115 0.40 21.35 12.05
C ASP D 115 0.60 20.43 13.26
N PHE D 116 1.71 19.67 13.23
CA PHE D 116 2.11 18.69 14.24
C PHE D 116 2.99 19.24 15.34
N ARG D 117 3.25 20.56 15.35
CA ARG D 117 4.07 21.19 16.40
C ARG D 117 3.60 20.81 17.82
N ARG D 118 2.28 20.83 18.10
CA ARG D 118 1.80 20.49 19.44
C ARG D 118 1.24 19.06 19.61
N TYR D 119 1.61 18.13 18.71
CA TYR D 119 1.20 16.72 18.75
C TYR D 119 1.72 16.10 20.06
N PRO D 120 0.97 15.24 20.79
CA PRO D 120 -0.40 14.74 20.52
C PRO D 120 -1.51 15.56 21.17
N PHE D 121 -1.18 16.80 21.58
CA PHE D 121 -2.13 17.69 22.24
C PHE D 121 -2.77 18.68 21.25
N ASP D 122 -2.43 18.54 19.96
CA ASP D 122 -2.88 19.39 18.86
C ASP D 122 -4.35 19.37 18.58
N SER D 123 -4.78 20.39 17.84
CA SER D 123 -6.12 20.61 17.30
C SER D 123 -5.90 21.07 15.88
N GLN D 124 -6.80 20.71 14.98
CA GLN D 124 -6.68 21.06 13.58
C GLN D 124 -7.97 21.64 13.01
N THR D 125 -7.85 22.42 11.91
CA THR D 125 -8.98 23.00 11.18
C THR D 125 -8.86 22.50 9.75
N LEU D 126 -9.77 21.59 9.41
CA LEU D 126 -9.84 20.98 8.08
C LEU D 126 -10.65 21.85 7.14
N HIS D 127 -10.08 22.17 5.99
CA HIS D 127 -10.73 23.04 5.02
C HIS D 127 -11.29 22.29 3.82
N ILE D 128 -12.40 22.79 3.28
CA ILE D 128 -13.08 22.31 2.08
C ILE D 128 -13.39 23.59 1.33
N TYR D 129 -12.75 23.80 0.17
CA TYR D 129 -12.98 25.00 -0.60
C TYR D 129 -13.86 24.77 -1.80
N LEU D 130 -15.02 25.44 -1.81
CA LEU D 130 -15.98 25.39 -2.90
C LEU D 130 -15.59 26.47 -3.86
N ILE D 131 -15.71 26.21 -5.18
CA ILE D 131 -15.38 27.20 -6.20
C ILE D 131 -16.34 27.15 -7.37
N VAL D 132 -16.65 28.32 -7.98
CA VAL D 132 -17.51 28.47 -9.17
C VAL D 132 -16.90 29.47 -10.15
N ARG D 133 -16.76 29.06 -11.41
CA ARG D 133 -16.18 29.94 -12.41
C ARG D 133 -17.30 30.68 -13.14
N SER D 134 -17.24 32.02 -13.12
CA SER D 134 -18.24 32.85 -13.77
C SER D 134 -18.26 32.59 -15.26
N VAL D 135 -19.42 32.80 -15.88
CA VAL D 135 -19.62 32.53 -17.30
C VAL D 135 -19.64 33.83 -18.13
N ASP D 136 -19.46 33.66 -19.46
CA ASP D 136 -19.42 34.74 -20.44
C ASP D 136 -20.63 35.67 -20.26
N THR D 137 -21.85 35.11 -20.33
CA THR D 137 -23.11 35.84 -20.18
C THR D 137 -23.24 36.58 -18.84
N ARG D 138 -22.85 35.94 -17.72
CA ARG D 138 -22.97 36.61 -16.41
C ARG D 138 -22.03 36.05 -15.33
N ASN D 139 -21.69 36.91 -14.36
CA ASN D 139 -20.86 36.53 -13.25
C ASN D 139 -21.62 35.68 -12.26
N ILE D 140 -20.93 34.68 -11.68
CA ILE D 140 -21.47 33.78 -10.67
C ILE D 140 -20.73 33.99 -9.33
N VAL D 141 -21.52 34.26 -8.26
CA VAL D 141 -21.05 34.47 -6.90
C VAL D 141 -21.72 33.45 -5.93
N LEU D 142 -20.92 32.82 -5.02
CA LEU D 142 -21.35 31.86 -4.00
C LEU D 142 -21.84 32.55 -2.72
N ALA D 143 -22.73 31.86 -1.99
CA ALA D 143 -23.34 32.32 -0.74
C ALA D 143 -23.53 31.11 0.17
N VAL D 144 -23.68 31.34 1.49
CA VAL D 144 -23.90 30.23 2.43
C VAL D 144 -25.33 30.24 2.98
N ASP D 145 -26.10 29.15 2.75
CA ASP D 145 -27.42 28.96 3.34
C ASP D 145 -27.12 28.20 4.62
N LEU D 146 -27.05 28.94 5.73
CA LEU D 146 -26.65 28.43 7.04
C LEU D 146 -27.56 27.35 7.58
N GLU D 147 -28.79 27.29 7.06
CA GLU D 147 -29.80 26.31 7.41
C GLU D 147 -29.42 24.95 6.82
N LYS D 148 -28.72 24.99 5.70
CA LYS D 148 -28.33 23.82 4.93
C LYS D 148 -26.89 23.35 5.20
N VAL D 149 -26.21 23.96 6.21
CA VAL D 149 -24.85 23.62 6.66
C VAL D 149 -24.91 22.94 8.03
N GLY D 150 -24.47 21.69 8.08
CA GLY D 150 -24.44 20.92 9.32
C GLY D 150 -23.67 19.61 9.23
N LYS D 151 -23.87 18.73 10.21
CA LYS D 151 -23.22 17.42 10.25
C LYS D 151 -24.08 16.42 11.02
N ASN D 152 -24.03 15.15 10.61
CA ASN D 152 -24.73 14.06 11.26
C ASN D 152 -24.10 13.96 12.65
N ASP D 153 -24.92 13.68 13.68
CA ASP D 153 -24.44 13.55 15.06
C ASP D 153 -23.47 12.39 15.22
N ASP D 154 -23.71 11.31 14.47
CA ASP D 154 -22.90 10.10 14.46
C ASP D 154 -21.56 10.22 13.69
N VAL D 155 -21.24 11.41 13.09
CA VAL D 155 -19.98 11.68 12.37
C VAL D 155 -18.81 11.50 13.36
N PHE D 156 -17.83 10.65 13.01
CA PHE D 156 -16.71 10.34 13.88
C PHE D 156 -15.37 10.16 13.16
N LEU D 157 -14.31 10.58 13.84
CA LEU D 157 -12.92 10.37 13.45
C LEU D 157 -12.30 9.75 14.68
N THR D 158 -11.84 8.50 14.56
CA THR D 158 -11.22 7.79 15.66
C THR D 158 -10.02 8.56 16.16
N GLY D 159 -10.00 8.84 17.46
CA GLY D 159 -8.94 9.60 18.12
C GLY D 159 -9.08 11.12 18.04
N TRP D 160 -10.24 11.62 17.59
CA TRP D 160 -10.47 13.05 17.48
C TRP D 160 -11.80 13.43 18.02
N ASP D 161 -11.89 14.64 18.58
CA ASP D 161 -13.16 15.19 19.05
C ASP D 161 -13.56 16.21 18.02
N ILE D 162 -14.64 15.92 17.24
CA ILE D 162 -15.14 16.81 16.18
C ILE D 162 -15.89 17.96 16.84
N GLU D 163 -15.21 19.10 16.95
CA GLU D 163 -15.73 20.29 17.60
C GLU D 163 -16.90 20.90 16.81
N SER D 164 -16.65 21.36 15.55
CA SER D 164 -17.65 22.05 14.73
C SER D 164 -17.45 21.91 13.25
N PHE D 165 -18.55 22.09 12.48
CA PHE D 165 -18.61 22.15 11.01
C PHE D 165 -19.35 23.42 10.58
N THR D 166 -18.57 24.43 10.23
CA THR D 166 -19.05 25.77 9.86
C THR D 166 -18.38 26.31 8.62
N ALA D 167 -18.96 27.35 8.05
CA ALA D 167 -18.46 27.94 6.84
C ALA D 167 -18.25 29.43 6.97
N VAL D 168 -17.22 29.97 6.30
CA VAL D 168 -16.90 31.40 6.24
C VAL D 168 -17.82 31.98 5.14
N VAL D 169 -18.97 32.54 5.59
CA VAL D 169 -20.09 33.11 4.82
C VAL D 169 -19.69 34.06 3.73
N LYS D 170 -18.69 34.94 3.97
CA LYS D 170 -18.26 35.89 2.93
C LYS D 170 -17.30 35.18 1.96
N PRO D 171 -17.67 35.06 0.67
CA PRO D 171 -16.80 34.36 -0.29
C PRO D 171 -15.60 35.17 -0.74
N ALA D 172 -14.58 34.48 -1.23
CA ALA D 172 -13.36 35.07 -1.72
C ALA D 172 -13.44 35.12 -3.22
N ASN D 173 -13.87 36.28 -3.76
CA ASN D 173 -14.05 36.50 -5.20
C ASN D 173 -12.78 37.11 -5.77
N PHE D 174 -12.32 36.59 -6.90
CA PHE D 174 -11.04 36.99 -7.46
C PHE D 174 -10.95 36.54 -8.89
N ALA D 175 -9.96 37.05 -9.63
CA ALA D 175 -9.75 36.70 -11.04
C ALA D 175 -8.78 35.56 -11.19
N LEU D 176 -9.12 34.65 -12.08
CA LEU D 176 -8.30 33.51 -12.42
C LEU D 176 -8.53 33.16 -13.89
N GLU D 177 -7.44 33.22 -14.68
CA GLU D 177 -7.41 32.95 -16.13
C GLU D 177 -8.51 33.77 -16.91
N ASP D 178 -8.53 35.09 -16.62
CA ASP D 178 -9.41 36.13 -17.18
C ASP D 178 -10.89 35.96 -16.81
N ARG D 179 -11.21 35.25 -15.73
CA ARG D 179 -12.60 35.11 -15.29
C ARG D 179 -12.68 35.26 -13.79
N LEU D 180 -13.78 35.81 -13.31
CA LEU D 180 -14.01 36.00 -11.89
C LEU D 180 -14.42 34.63 -11.30
N GLU D 181 -13.85 34.27 -10.12
CA GLU D 181 -14.18 33.04 -9.42
C GLU D 181 -14.60 33.35 -7.98
N SER D 182 -15.66 32.69 -7.50
CA SER D 182 -16.16 32.84 -6.14
C SER D 182 -15.80 31.57 -5.34
N LYS D 183 -15.01 31.75 -4.25
CA LYS D 183 -14.52 30.66 -3.41
C LYS D 183 -15.10 30.70 -1.98
N LEU D 184 -15.57 29.54 -1.48
CA LEU D 184 -16.10 29.38 -0.12
C LEU D 184 -15.24 28.47 0.79
N ASP D 185 -15.18 28.83 2.07
CA ASP D 185 -14.38 28.07 3.00
C ASP D 185 -15.24 27.37 4.05
N TYR D 186 -15.30 26.05 3.94
CA TYR D 186 -15.96 25.19 4.90
C TYR D 186 -14.87 24.66 5.82
N GLN D 187 -15.09 24.78 7.14
CA GLN D 187 -14.13 24.38 8.17
C GLN D 187 -14.68 23.33 9.12
N LEU D 188 -13.88 22.26 9.33
CA LEU D 188 -14.13 21.17 10.25
C LEU D 188 -13.07 21.26 11.34
N ARG D 189 -13.46 21.67 12.56
CA ARG D 189 -12.52 21.79 13.68
C ARG D 189 -12.54 20.53 14.50
N ILE D 190 -11.36 19.96 14.67
CA ILE D 190 -11.12 18.71 15.36
C ILE D 190 -10.00 18.93 16.37
N SER D 191 -10.05 18.20 17.47
CA SER D 191 -9.04 18.28 18.51
C SER D 191 -8.64 16.85 18.81
N ARG D 192 -7.36 16.60 19.02
CA ARG D 192 -6.90 15.23 19.26
C ARG D 192 -7.24 14.75 20.63
N GLN D 193 -7.93 13.59 20.70
CA GLN D 193 -8.28 12.85 21.92
C GLN D 193 -7.35 11.64 21.90
N TYR D 194 -6.20 11.75 22.54
CA TYR D 194 -5.26 10.65 22.56
C TYR D 194 -4.70 10.58 23.97
N PHE D 195 -5.53 10.00 24.84
CA PHE D 195 -5.27 9.91 26.26
C PHE D 195 -4.28 8.84 26.52
N SER D 196 -4.46 7.71 25.82
CA SER D 196 -3.62 6.54 25.88
C SER D 196 -2.18 6.79 25.46
N TYR D 197 -1.87 7.96 24.85
CA TYR D 197 -0.50 8.33 24.46
C TYR D 197 0.45 8.30 25.69
N ILE D 198 -0.08 8.71 26.87
CA ILE D 198 0.64 8.71 28.14
C ILE D 198 1.08 7.26 28.52
N PRO D 199 0.15 6.31 28.77
CA PRO D 199 0.59 4.94 29.14
C PRO D 199 1.26 4.15 28.03
N ASN D 200 0.90 4.44 26.75
CA ASN D 200 1.42 3.73 25.58
C ASN D 200 2.79 4.19 25.09
N ILE D 201 3.05 5.52 25.06
CA ILE D 201 4.33 6.01 24.54
C ILE D 201 5.20 6.71 25.60
N ILE D 202 4.66 7.70 26.30
CA ILE D 202 5.34 8.49 27.33
C ILE D 202 5.94 7.64 28.49
N LEU D 203 5.12 6.92 29.28
CA LEU D 203 5.64 6.18 30.44
C LEU D 203 6.63 5.06 30.08
N PRO D 204 6.46 4.19 29.03
CA PRO D 204 7.51 3.18 28.79
C PRO D 204 8.80 3.85 28.30
N MET D 205 8.67 4.92 27.49
CA MET D 205 9.84 5.68 27.02
C MET D 205 10.63 6.31 28.18
N LEU D 206 9.93 6.74 29.24
CA LEU D 206 10.58 7.29 30.43
C LEU D 206 11.22 6.23 31.30
N PHE D 207 10.58 5.05 31.44
CA PHE D 207 11.13 3.97 32.27
C PHE D 207 12.51 3.57 31.76
N ILE D 208 12.67 3.43 30.42
CA ILE D 208 13.91 3.04 29.74
C ILE D 208 15.05 4.02 30.10
N LEU D 209 14.72 5.35 30.07
CA LEU D 209 15.62 6.45 30.42
C LEU D 209 16.02 6.37 31.91
N PHE D 210 15.04 6.10 32.78
CA PHE D 210 15.28 5.97 34.21
C PHE D 210 16.19 4.81 34.49
N ILE D 211 16.00 3.65 33.83
CA ILE D 211 16.86 2.47 33.97
C ILE D 211 18.34 2.85 33.73
N SER D 212 18.61 3.72 32.74
CA SER D 212 19.96 4.23 32.44
C SER D 212 20.55 5.03 33.62
N TRP D 213 19.70 5.73 34.38
CA TRP D 213 20.15 6.51 35.52
C TRP D 213 20.57 5.66 36.74
N THR D 214 20.30 4.34 36.72
CA THR D 214 20.72 3.50 37.83
C THR D 214 22.26 3.33 37.85
N ALA D 215 22.93 3.64 36.73
CA ALA D 215 24.39 3.57 36.64
C ALA D 215 25.07 4.67 37.52
N PHE D 216 24.27 5.54 38.20
CA PHE D 216 24.75 6.55 39.15
C PHE D 216 24.79 5.97 40.58
N TRP D 217 24.32 4.72 40.76
CA TRP D 217 24.36 4.00 42.03
C TRP D 217 25.20 2.74 41.86
N SER D 218 26.15 2.79 40.90
CA SER D 218 27.07 1.69 40.62
C SER D 218 28.45 2.23 40.32
N THR D 219 29.48 1.43 40.64
CA THR D 219 30.89 1.74 40.39
C THR D 219 31.46 0.78 39.38
N SER D 220 30.69 -0.27 39.01
CA SER D 220 31.09 -1.27 38.03
C SER D 220 30.94 -0.72 36.61
N TYR D 221 32.08 -0.42 35.97
CA TYR D 221 32.14 0.12 34.60
C TYR D 221 31.54 -0.85 33.59
N GLU D 222 31.71 -2.16 33.78
CA GLU D 222 31.11 -3.15 32.90
C GLU D 222 29.58 -3.13 33.03
N ALA D 223 29.05 -3.12 34.28
CA ALA D 223 27.61 -3.02 34.55
C ALA D 223 27.02 -1.69 34.03
N ASN D 224 27.77 -0.57 34.20
CA ASN D 224 27.38 0.76 33.75
C ASN D 224 27.28 0.89 32.23
N VAL D 225 28.30 0.40 31.48
CA VAL D 225 28.30 0.42 30.01
C VAL D 225 27.08 -0.36 29.54
N THR D 226 26.86 -1.58 30.11
CA THR D 226 25.72 -2.44 29.81
C THR D 226 24.41 -1.70 30.11
N LEU D 227 24.33 -0.95 31.24
CA LEU D 227 23.13 -0.16 31.54
C LEU D 227 22.83 0.96 30.51
N VAL D 228 23.73 1.95 30.33
CA VAL D 228 23.50 3.07 29.42
C VAL D 228 23.38 2.65 27.93
N VAL D 229 24.25 1.74 27.42
CA VAL D 229 24.19 1.34 26.01
C VAL D 229 22.99 0.41 25.73
N SER D 230 22.74 -0.61 26.60
CA SER D 230 21.59 -1.48 26.38
C SER D 230 20.28 -0.72 26.42
N THR D 231 20.13 0.27 27.34
CA THR D 231 18.90 1.10 27.40
C THR D 231 18.78 1.98 26.17
N LEU D 232 19.93 2.51 25.65
CA LEU D 232 19.91 3.30 24.41
C LEU D 232 19.32 2.41 23.28
N ILE D 233 19.76 1.12 23.16
CA ILE D 233 19.25 0.15 22.18
C ILE D 233 17.74 -0.05 22.40
N ALA D 234 17.33 -0.30 23.64
CA ALA D 234 15.93 -0.48 24.00
C ALA D 234 15.10 0.78 23.65
N HIS D 235 15.69 1.98 23.79
CA HIS D 235 15.02 3.24 23.46
C HIS D 235 14.72 3.29 21.96
N ILE D 236 15.75 3.07 21.13
CA ILE D 236 15.66 3.04 19.66
C ILE D 236 14.64 1.96 19.24
N ALA D 237 14.77 0.74 19.82
CA ALA D 237 13.87 -0.38 19.54
C ALA D 237 12.44 0.01 19.89
N PHE D 238 12.23 0.71 21.05
CA PHE D 238 10.90 1.16 21.45
C PHE D 238 10.35 2.13 20.44
N ASN D 239 11.18 3.08 20.00
CA ASN D 239 10.77 4.08 19.01
C ASN D 239 10.40 3.45 17.65
N ILE D 240 11.08 2.35 17.25
CA ILE D 240 10.75 1.59 16.03
C ILE D 240 9.35 1.02 16.21
N LEU D 241 9.06 0.48 17.41
CA LEU D 241 7.76 -0.12 17.76
C LEU D 241 6.61 0.91 17.75
N VAL D 242 6.77 2.06 18.45
CA VAL D 242 5.72 3.08 18.54
C VAL D 242 5.84 4.18 17.42
N GLU D 243 6.59 3.87 16.35
CA GLU D 243 6.81 4.75 15.18
C GLU D 243 5.47 5.23 14.58
N THR D 244 5.34 6.57 14.41
CA THR D 244 4.15 7.28 13.87
C THR D 244 3.73 6.83 12.44
N ASN D 245 4.66 6.18 11.68
CA ASN D 245 4.55 5.74 10.27
C ASN D 245 4.61 6.95 9.30
N CYS D 246 4.72 8.17 9.90
CA CYS D 246 4.84 9.49 9.26
C CYS D 246 6.31 9.81 9.00
N PRO D 247 6.66 10.02 7.69
CA PRO D 247 8.04 10.41 7.34
C PRO D 247 8.35 11.70 8.08
N LYS D 248 9.57 11.84 8.58
CA LYS D 248 9.96 13.00 9.38
C LYS D 248 9.41 14.33 8.84
N THR D 249 8.87 15.09 9.80
CA THR D 249 8.27 16.40 9.67
C THR D 249 9.42 17.40 9.40
N PRO D 250 9.28 18.29 8.39
CA PRO D 250 10.36 19.26 8.11
C PRO D 250 10.66 20.28 9.21
N TYR D 251 9.64 20.57 10.06
CA TYR D 251 9.69 21.52 11.18
C TYR D 251 9.89 20.82 12.53
N MET D 252 10.32 21.60 13.55
CA MET D 252 10.56 21.06 14.88
C MET D 252 9.28 21.03 15.69
N THR D 253 8.90 19.81 16.10
CA THR D 253 7.73 19.49 16.89
C THR D 253 8.12 19.38 18.37
N TYR D 254 7.11 19.49 19.25
CA TYR D 254 7.27 19.35 20.70
C TYR D 254 7.85 17.97 21.00
N THR D 255 7.21 16.93 20.44
CA THR D 255 7.59 15.53 20.55
C THR D 255 9.02 15.32 20.06
N GLY D 256 9.33 15.92 18.92
CA GLY D 256 10.65 15.83 18.29
C GLY D 256 11.76 16.39 19.14
N ALA D 257 11.47 17.53 19.84
CA ALA D 257 12.41 18.21 20.74
C ALA D 257 12.75 17.31 21.94
N ILE D 258 11.72 16.70 22.56
CA ILE D 258 11.87 15.79 23.69
C ILE D 258 12.67 14.55 23.30
N ILE D 259 12.33 13.89 22.18
CA ILE D 259 13.09 12.73 21.70
C ILE D 259 14.57 13.12 21.54
N PHE D 260 14.86 14.29 20.91
CA PHE D 260 16.22 14.81 20.76
C PHE D 260 16.90 14.93 22.11
N MET D 261 16.17 15.50 23.08
CA MET D 261 16.64 15.71 24.45
C MET D 261 17.02 14.38 25.12
N ILE D 262 16.18 13.33 24.93
CA ILE D 262 16.43 11.97 25.43
C ILE D 262 17.75 11.39 24.83
N TYR D 263 17.98 11.55 23.49
CA TYR D 263 19.22 11.09 22.87
C TYR D 263 20.43 11.82 23.45
N LEU D 264 20.28 13.12 23.76
CA LEU D 264 21.33 13.92 24.38
C LEU D 264 21.66 13.38 25.78
N PHE D 265 20.61 13.07 26.58
CA PHE D 265 20.73 12.50 27.92
C PHE D 265 21.44 11.14 27.91
N TYR D 266 21.22 10.30 26.85
CA TYR D 266 21.90 9.00 26.73
C TYR D 266 23.39 9.26 26.53
N PHE D 267 23.72 10.27 25.70
CA PHE D 267 25.09 10.63 25.43
C PHE D 267 25.79 11.21 26.65
N VAL D 268 25.11 12.12 27.38
CA VAL D 268 25.67 12.75 28.57
C VAL D 268 25.94 11.71 29.69
N ALA D 269 25.00 10.76 29.89
CA ALA D 269 25.13 9.68 30.85
C ALA D 269 26.30 8.78 30.48
N VAL D 270 26.58 8.55 29.17
CA VAL D 270 27.76 7.78 28.76
C VAL D 270 29.01 8.58 29.16
N ILE D 271 29.05 9.89 28.83
CA ILE D 271 30.18 10.75 29.22
C ILE D 271 30.50 10.59 30.72
N GLU D 272 29.46 10.72 31.59
CA GLU D 272 29.55 10.60 33.05
C GLU D 272 30.24 9.30 33.40
N VAL D 273 29.65 8.15 32.96
CA VAL D 273 30.14 6.78 33.16
C VAL D 273 31.60 6.67 32.71
N THR D 274 31.93 7.30 31.57
CA THR D 274 33.29 7.29 31.05
C THR D 274 34.24 8.10 32.00
N VAL D 275 33.85 9.34 32.37
CA VAL D 275 34.59 10.22 33.28
C VAL D 275 34.84 9.52 34.61
N GLN D 276 33.75 9.07 35.30
CA GLN D 276 33.79 8.38 36.60
C GLN D 276 34.84 7.25 36.64
N HIS D 277 34.79 6.33 35.66
CA HIS D 277 35.73 5.21 35.55
C HIS D 277 37.16 5.70 35.30
N TYR D 278 37.35 6.70 34.41
CA TYR D 278 38.67 7.23 34.14
C TYR D 278 39.30 7.88 35.36
N LEU D 279 38.52 8.62 36.17
CA LEU D 279 38.99 9.22 37.42
C LEU D 279 39.38 8.16 38.44
N LYS D 280 38.56 7.12 38.57
CA LYS D 280 38.79 5.98 39.46
C LYS D 280 40.12 5.31 39.09
N VAL D 281 40.30 4.99 37.79
CA VAL D 281 41.52 4.38 37.28
C VAL D 281 42.72 5.35 37.36
N GLU D 282 42.48 6.68 37.28
CA GLU D 282 43.55 7.69 37.39
C GLU D 282 43.72 8.19 38.82
N SER D 283 43.64 7.25 39.77
CA SER D 283 43.83 7.44 41.21
C SER D 283 43.20 8.72 41.75
N GLN D 284 41.92 8.94 41.48
CA GLN D 284 41.17 10.11 41.96
C GLN D 284 39.74 9.67 42.35
N PRO D 285 39.56 8.67 43.24
CA PRO D 285 38.20 8.20 43.56
C PRO D 285 37.31 9.18 44.33
N ALA D 286 37.87 10.30 44.77
CA ALA D 286 37.12 11.32 45.48
C ALA D 286 36.26 12.09 44.49
N ARG D 287 36.86 12.54 43.35
CA ARG D 287 36.19 13.28 42.26
C ARG D 287 35.17 12.38 41.58
N ALA D 288 35.60 11.15 41.21
CA ALA D 288 34.76 10.16 40.58
C ALA D 288 33.47 10.01 41.38
N ALA D 289 33.55 9.68 42.69
CA ALA D 289 32.38 9.52 43.57
C ALA D 289 31.54 10.78 43.75
N SER D 290 32.17 11.98 43.75
CA SER D 290 31.37 13.20 43.91
C SER D 290 30.56 13.56 42.64
N ILE D 291 31.12 13.24 41.44
CA ILE D 291 30.47 13.43 40.14
C ILE D 291 29.23 12.51 40.07
N THR D 292 29.40 11.21 40.42
CA THR D 292 28.36 10.19 40.41
C THR D 292 27.24 10.59 41.34
N ARG D 293 27.59 11.00 42.56
CA ARG D 293 26.63 11.48 43.58
C ARG D 293 25.82 12.70 43.11
N ALA D 294 26.49 13.63 42.38
CA ALA D 294 25.88 14.83 41.82
C ALA D 294 24.85 14.49 40.74
N SER D 295 25.27 13.63 39.79
CA SER D 295 24.48 13.12 38.67
C SER D 295 23.14 12.53 39.10
N ARG D 296 23.13 11.79 40.22
CA ARG D 296 21.93 11.23 40.85
C ARG D 296 20.81 12.28 41.04
N ILE D 297 21.18 13.56 41.29
CA ILE D 297 20.25 14.67 41.50
C ILE D 297 20.19 15.50 40.22
N ALA D 298 21.37 15.84 39.64
CA ALA D 298 21.53 16.65 38.43
C ALA D 298 20.68 16.13 37.27
N PHE D 299 20.85 14.84 36.88
CA PHE D 299 20.15 14.21 35.78
C PHE D 299 18.63 14.36 35.88
N PRO D 300 17.93 13.86 36.94
CA PRO D 300 16.46 14.07 37.00
C PRO D 300 16.01 15.54 37.07
N VAL D 301 16.75 16.38 37.84
CA VAL D 301 16.41 17.79 37.99
C VAL D 301 16.50 18.53 36.65
N VAL D 302 17.67 18.43 35.95
CA VAL D 302 17.88 19.04 34.62
C VAL D 302 16.83 18.53 33.62
N PHE D 303 16.51 17.21 33.67
CA PHE D 303 15.47 16.61 32.83
C PHE D 303 14.10 17.26 33.09
N LEU D 304 13.65 17.32 34.36
CA LEU D 304 12.38 17.93 34.74
C LEU D 304 12.28 19.42 34.33
N LEU D 305 13.37 20.17 34.53
CA LEU D 305 13.40 21.59 34.19
C LEU D 305 13.35 21.81 32.68
N ALA D 306 14.27 21.15 31.91
CA ALA D 306 14.33 21.22 30.44
C ALA D 306 13.00 20.82 29.80
N ASN D 307 12.30 19.84 30.40
CA ASN D 307 10.98 19.39 29.96
C ASN D 307 9.92 20.48 30.12
N ILE D 308 9.94 21.18 31.29
CA ILE D 308 9.05 22.30 31.59
C ILE D 308 9.29 23.45 30.61
N ILE D 309 10.58 23.81 30.36
CA ILE D 309 10.98 24.85 29.39
C ILE D 309 10.41 24.51 27.99
N LEU D 310 10.55 23.23 27.56
CA LEU D 310 10.04 22.77 26.26
C LEU D 310 8.52 22.85 26.20
N ALA D 311 7.83 22.34 27.25
CA ALA D 311 6.37 22.40 27.35
C ALA D 311 5.90 23.85 27.29
N PHE D 312 6.66 24.76 27.92
CA PHE D 312 6.32 26.17 27.92
C PHE D 312 6.50 26.79 26.56
N LEU D 313 7.64 26.53 25.91
CA LEU D 313 7.92 27.08 24.59
C LEU D 313 6.95 26.59 23.53
N PHE D 314 6.40 25.37 23.65
CA PHE D 314 5.46 24.85 22.66
C PHE D 314 4.01 25.17 22.97
N PHE D 315 3.65 25.36 24.26
CA PHE D 315 2.27 25.64 24.67
C PHE D 315 2.22 26.85 25.60
N VAL E 5 -41.48 8.63 -14.71
CA VAL E 5 -40.27 9.07 -13.99
C VAL E 5 -40.63 10.20 -12.95
N SER E 6 -41.72 9.97 -12.23
CA SER E 6 -42.29 10.77 -11.14
C SER E 6 -42.74 9.73 -10.08
N PRO E 7 -42.77 10.02 -8.76
CA PRO E 7 -43.22 8.99 -7.80
C PRO E 7 -44.68 8.58 -8.07
N PRO E 8 -45.09 7.30 -7.84
CA PRO E 8 -46.47 6.90 -8.13
C PRO E 8 -47.52 7.55 -7.22
N PRO E 9 -48.67 7.98 -7.79
CA PRO E 9 -49.63 8.72 -7.00
C PRO E 9 -50.56 7.84 -6.18
N PRO E 10 -50.42 7.94 -4.86
CA PRO E 10 -51.27 7.12 -3.99
C PRO E 10 -52.51 7.88 -3.57
N ILE E 11 -53.53 7.11 -3.24
CA ILE E 11 -54.82 7.58 -2.76
C ILE E 11 -54.74 7.70 -1.25
N ALA E 12 -54.13 6.69 -0.66
CA ALA E 12 -53.90 6.51 0.74
C ALA E 12 -52.83 7.46 1.30
N ASP E 13 -53.16 8.08 2.45
CA ASP E 13 -52.33 9.02 3.18
C ASP E 13 -50.93 8.46 3.38
N GLU E 14 -50.82 7.16 3.81
CA GLU E 14 -49.53 6.52 4.04
C GLU E 14 -48.57 6.67 2.83
N PRO E 15 -47.29 6.81 3.19
CA PRO E 15 -46.23 6.94 2.19
C PRO E 15 -45.95 5.63 1.47
N LEU E 16 -45.06 5.66 0.45
CA LEU E 16 -44.67 4.50 -0.33
C LEU E 16 -43.76 3.58 0.48
N THR E 17 -44.12 2.30 0.53
CA THR E 17 -43.34 1.32 1.27
C THR E 17 -42.43 0.57 0.31
N VAL E 18 -41.13 0.70 0.55
CA VAL E 18 -40.13 0.03 -0.22
C VAL E 18 -39.58 -1.10 0.64
N ASN E 19 -39.97 -2.35 0.27
CA ASN E 19 -39.51 -3.56 0.94
C ASN E 19 -38.12 -3.87 0.43
N THR E 20 -37.16 -3.86 1.37
CA THR E 20 -35.75 -4.08 1.13
C THR E 20 -35.35 -5.47 1.63
N GLY E 21 -34.15 -5.88 1.23
CA GLY E 21 -33.53 -7.16 1.55
C GLY E 21 -32.11 -7.21 1.04
N ILE E 22 -31.15 -7.52 1.94
CA ILE E 22 -29.73 -7.65 1.63
C ILE E 22 -29.36 -9.11 1.76
N TYR E 23 -28.64 -9.65 0.78
CA TYR E 23 -28.17 -11.02 0.86
C TYR E 23 -26.68 -11.08 0.59
N LEU E 24 -25.87 -11.31 1.67
CA LEU E 24 -24.40 -11.38 1.58
C LEU E 24 -23.93 -12.50 0.68
N ILE E 25 -23.15 -12.14 -0.33
CA ILE E 25 -22.58 -13.10 -1.24
C ILE E 25 -21.16 -13.35 -0.77
N GLU E 26 -20.38 -12.28 -0.56
CA GLU E 26 -19.00 -12.31 -0.09
C GLU E 26 -18.76 -11.16 0.87
N SER E 27 -17.96 -11.45 1.89
CA SER E 27 -17.49 -10.50 2.89
C SER E 27 -16.00 -10.72 2.88
N TYR E 28 -15.25 -9.66 2.69
CA TYR E 28 -13.80 -9.73 2.65
C TYR E 28 -13.19 -8.45 3.22
N SER E 29 -11.87 -8.32 3.10
CA SER E 29 -11.10 -7.18 3.54
C SER E 29 -11.61 -6.48 4.81
N LEU E 30 -11.67 -7.20 5.95
CA LEU E 30 -12.04 -6.52 7.19
C LEU E 30 -10.75 -5.90 7.74
N ASP E 31 -10.66 -4.58 7.66
CA ASP E 31 -9.53 -3.81 8.15
C ASP E 31 -9.88 -3.26 9.52
N ASP E 32 -9.29 -3.87 10.55
CA ASP E 32 -9.51 -3.51 11.95
C ASP E 32 -9.07 -2.08 12.23
N CYS E 33 -7.93 -1.69 11.65
CA CYS E 33 -7.33 -0.39 11.80
C CYS E 33 -8.18 0.70 11.16
N ALA E 34 -8.64 0.47 9.91
CA ALA E 34 -9.47 1.45 9.20
C ALA E 34 -10.91 1.44 9.66
N GLU E 35 -11.34 0.37 10.38
CA GLU E 35 -12.72 0.12 10.86
C GLU E 35 -13.67 0.04 9.65
N THR E 36 -13.19 -0.62 8.58
CA THR E 36 -13.91 -0.83 7.35
C THR E 36 -13.87 -2.30 6.95
N PHE E 37 -14.87 -2.71 6.18
CA PHE E 37 -14.97 -4.06 5.63
C PHE E 37 -15.60 -3.94 4.27
N LYS E 38 -15.14 -4.77 3.35
CA LYS E 38 -15.67 -4.74 2.00
C LYS E 38 -16.71 -5.84 1.87
N VAL E 39 -17.82 -5.54 1.19
CA VAL E 39 -18.93 -6.44 1.05
C VAL E 39 -19.46 -6.53 -0.40
N ASN E 40 -19.80 -7.76 -0.83
CA ASN E 40 -20.39 -8.05 -2.14
C ASN E 40 -21.72 -8.76 -1.84
N ALA E 41 -22.85 -8.15 -2.24
CA ALA E 41 -24.18 -8.68 -1.91
C ALA E 41 -25.25 -8.32 -2.93
N PHE E 42 -26.46 -8.84 -2.69
CA PHE E 42 -27.65 -8.58 -3.47
C PHE E 42 -28.51 -7.57 -2.75
N LEU E 43 -29.11 -6.62 -3.50
CA LEU E 43 -30.07 -5.70 -2.92
C LEU E 43 -31.39 -5.92 -3.63
N SER E 44 -32.40 -6.36 -2.89
CA SER E 44 -33.75 -6.59 -3.42
C SER E 44 -34.66 -5.42 -3.01
N LEU E 45 -35.47 -4.92 -3.96
CA LEU E 45 -36.39 -3.82 -3.70
C LEU E 45 -37.77 -4.11 -4.28
N SER E 46 -38.82 -3.89 -3.45
CA SER E 46 -40.20 -4.13 -3.83
C SER E 46 -41.11 -3.02 -3.41
N TRP E 47 -41.87 -2.52 -4.38
CA TRP E 47 -42.81 -1.42 -4.24
C TRP E 47 -43.86 -1.60 -5.31
N LYS E 48 -45.03 -0.96 -5.12
CA LYS E 48 -46.11 -1.07 -6.10
C LYS E 48 -46.45 0.29 -6.70
N ASP E 49 -46.32 0.35 -8.04
CA ASP E 49 -46.56 1.49 -8.91
C ASP E 49 -47.74 1.15 -9.82
N ARG E 50 -48.96 1.54 -9.39
CA ARG E 50 -50.22 1.23 -10.08
C ARG E 50 -50.25 1.70 -11.55
N ARG E 51 -49.43 2.72 -11.91
CA ARG E 51 -49.30 3.20 -13.28
C ARG E 51 -48.69 2.10 -14.17
N LEU E 52 -48.04 1.10 -13.56
CA LEU E 52 -47.40 -0.01 -14.26
C LEU E 52 -48.32 -1.20 -14.47
N ALA E 53 -49.49 -1.20 -13.75
CA ALA E 53 -50.50 -2.26 -13.76
C ALA E 53 -51.03 -2.55 -15.16
N PHE E 54 -51.24 -3.82 -15.48
CA PHE E 54 -51.71 -4.18 -16.81
C PHE E 54 -52.63 -5.42 -16.87
N ASP E 55 -53.45 -5.53 -17.95
CA ASP E 55 -54.28 -6.71 -18.21
C ASP E 55 -53.33 -7.68 -18.92
N PRO E 56 -53.04 -8.82 -18.28
CA PRO E 56 -52.12 -9.78 -18.91
C PRO E 56 -52.75 -10.51 -20.10
N VAL E 57 -54.08 -10.36 -20.27
CA VAL E 57 -54.84 -10.94 -21.39
C VAL E 57 -54.55 -10.11 -22.66
N ARG E 58 -54.74 -8.77 -22.57
CA ARG E 58 -54.48 -7.79 -23.63
C ARG E 58 -53.00 -7.76 -23.97
N SER E 59 -52.13 -7.82 -22.93
CA SER E 59 -50.68 -7.75 -23.03
C SER E 59 -50.03 -9.05 -23.56
N GLY E 60 -50.68 -10.17 -23.34
CA GLY E 60 -50.19 -11.48 -23.78
C GLY E 60 -49.09 -12.02 -22.89
N VAL E 61 -48.59 -11.19 -21.93
CA VAL E 61 -47.55 -11.54 -20.98
C VAL E 61 -48.05 -11.49 -19.53
N ARG E 62 -47.60 -12.45 -18.71
CA ARG E 62 -47.97 -12.52 -17.30
C ARG E 62 -47.10 -11.58 -16.45
N VAL E 63 -45.86 -11.32 -16.92
CA VAL E 63 -44.84 -10.46 -16.30
C VAL E 63 -44.19 -9.60 -17.40
N LYS E 64 -43.82 -8.37 -17.06
CA LYS E 64 -43.14 -7.43 -17.95
C LYS E 64 -41.77 -7.10 -17.35
N THR E 65 -40.74 -7.03 -18.21
CA THR E 65 -39.37 -6.70 -17.79
C THR E 65 -39.07 -5.31 -18.28
N TYR E 66 -38.47 -4.48 -17.42
CA TYR E 66 -38.12 -3.10 -17.76
C TYR E 66 -36.65 -2.80 -17.52
N GLU E 67 -36.16 -1.77 -18.23
CA GLU E 67 -34.82 -1.26 -18.08
C GLU E 67 -34.89 -0.20 -16.98
N PRO E 68 -33.83 -0.06 -16.14
CA PRO E 68 -33.90 0.89 -15.02
C PRO E 68 -34.30 2.31 -15.40
N GLU E 69 -33.89 2.72 -16.61
CA GLU E 69 -34.12 4.02 -17.22
C GLU E 69 -35.60 4.19 -17.56
N ALA E 70 -36.27 3.07 -17.96
CA ALA E 70 -37.67 3.02 -18.39
C ALA E 70 -38.69 3.39 -17.31
N ILE E 71 -38.48 2.94 -16.08
CA ILE E 71 -39.43 3.18 -14.98
C ILE E 71 -38.84 4.01 -13.81
N TRP E 72 -39.72 4.39 -12.85
CA TRP E 72 -39.36 5.11 -11.63
C TRP E 72 -38.82 4.07 -10.64
N ILE E 73 -37.64 4.30 -10.08
CA ILE E 73 -37.03 3.40 -9.10
C ILE E 73 -36.60 4.26 -7.92
N PRO E 74 -36.92 3.87 -6.65
CA PRO E 74 -36.51 4.69 -5.51
C PRO E 74 -34.97 4.83 -5.40
N GLU E 75 -34.50 6.01 -4.95
CA GLU E 75 -33.08 6.22 -4.78
C GLU E 75 -32.63 5.68 -3.42
N ILE E 76 -32.21 4.39 -3.38
CA ILE E 76 -31.71 3.79 -2.14
C ILE E 76 -30.22 3.98 -2.06
N ARG E 77 -29.74 4.56 -0.95
CA ARG E 77 -28.34 4.82 -0.72
C ARG E 77 -27.96 4.19 0.62
N PHE E 78 -26.65 4.13 0.89
CA PHE E 78 -26.11 3.56 2.11
C PHE E 78 -25.54 4.73 2.87
N VAL E 79 -25.73 4.77 4.19
CA VAL E 79 -25.26 5.88 5.00
C VAL E 79 -23.77 5.81 5.23
N ASN E 80 -23.30 4.69 5.77
CA ASN E 80 -21.91 4.48 6.17
C ASN E 80 -21.02 3.81 5.08
N VAL E 81 -21.02 4.35 3.87
CA VAL E 81 -20.13 3.83 2.84
C VAL E 81 -19.07 4.89 2.43
N GLU E 82 -17.87 4.41 1.95
CA GLU E 82 -16.76 5.27 1.49
C GLU E 82 -17.26 6.07 0.28
N ASN E 83 -17.64 5.37 -0.79
CA ASN E 83 -18.25 6.02 -1.96
C ASN E 83 -19.53 5.23 -2.22
N ALA E 84 -20.40 5.72 -3.13
CA ALA E 84 -21.61 4.97 -3.45
C ALA E 84 -21.23 3.63 -4.05
N ARG E 85 -21.99 2.59 -3.70
CA ARG E 85 -21.78 1.21 -4.13
C ARG E 85 -21.65 1.01 -5.63
N ASP E 86 -20.86 0.02 -6.05
CA ASP E 86 -20.76 -0.33 -7.46
C ASP E 86 -21.87 -1.34 -7.62
N ALA E 87 -22.95 -0.90 -8.25
CA ALA E 87 -24.14 -1.69 -8.43
C ALA E 87 -24.31 -2.11 -9.87
N ASP E 88 -24.95 -3.26 -10.05
CA ASP E 88 -25.28 -3.81 -11.36
C ASP E 88 -26.66 -4.42 -11.22
N VAL E 89 -27.67 -3.82 -11.92
CA VAL E 89 -29.07 -4.25 -11.88
C VAL E 89 -29.13 -5.60 -12.56
N VAL E 90 -29.57 -6.62 -11.79
CA VAL E 90 -29.66 -8.01 -12.21
C VAL E 90 -30.98 -8.24 -12.94
N ASP E 91 -32.11 -7.80 -12.32
CA ASP E 91 -33.45 -7.94 -12.91
C ASP E 91 -34.50 -6.93 -12.36
N ILE E 92 -35.42 -6.50 -13.27
CA ILE E 92 -36.58 -5.68 -12.94
C ILE E 92 -37.81 -6.41 -13.52
N SER E 93 -38.76 -6.83 -12.65
CA SER E 93 -39.96 -7.51 -13.10
C SER E 93 -41.21 -6.84 -12.55
N VAL E 94 -42.22 -6.66 -13.47
CA VAL E 94 -43.53 -6.05 -13.19
C VAL E 94 -44.64 -7.05 -13.47
N SER E 95 -45.50 -7.22 -12.46
CA SER E 95 -46.66 -8.10 -12.44
C SER E 95 -47.92 -7.27 -12.76
N PRO E 96 -49.01 -7.92 -13.24
CA PRO E 96 -50.20 -7.18 -13.65
C PRO E 96 -50.79 -6.12 -12.70
N ASP E 97 -50.45 -6.15 -11.41
CA ASP E 97 -50.99 -5.19 -10.42
C ASP E 97 -50.15 -3.91 -10.21
N GLY E 98 -48.93 -3.92 -10.74
CA GLY E 98 -47.97 -2.82 -10.64
C GLY E 98 -46.85 -3.05 -9.64
N THR E 99 -46.63 -4.31 -9.27
CA THR E 99 -45.58 -4.64 -8.31
C THR E 99 -44.23 -4.68 -9.02
N VAL E 100 -43.27 -3.92 -8.48
CA VAL E 100 -41.94 -3.92 -9.04
C VAL E 100 -41.04 -4.78 -8.19
N GLN E 101 -40.40 -5.74 -8.84
CA GLN E 101 -39.45 -6.62 -8.20
C GLN E 101 -38.11 -6.28 -8.79
N TYR E 102 -37.36 -5.44 -8.07
CA TYR E 102 -36.04 -4.98 -8.44
C TYR E 102 -34.99 -5.79 -7.68
N LEU E 103 -33.89 -6.12 -8.38
CA LEU E 103 -32.75 -6.84 -7.81
C LEU E 103 -31.50 -6.36 -8.50
N GLU E 104 -30.49 -6.06 -7.69
CA GLU E 104 -29.17 -5.63 -8.14
C GLU E 104 -28.08 -6.36 -7.33
N ARG E 105 -26.88 -6.49 -7.92
CA ARG E 105 -25.73 -7.03 -7.22
C ARG E 105 -24.70 -5.90 -7.03
N PHE E 106 -24.41 -5.53 -5.77
CA PHE E 106 -23.54 -4.42 -5.44
C PHE E 106 -22.29 -4.82 -4.63
N SER E 107 -21.26 -3.97 -4.69
CA SER E 107 -20.02 -4.13 -3.92
C SER E 107 -19.78 -2.76 -3.26
N ALA E 108 -19.47 -2.76 -1.96
CA ALA E 108 -19.28 -1.52 -1.19
C ALA E 108 -18.24 -1.68 -0.05
N ARG E 109 -17.52 -0.58 0.28
CA ARG E 109 -16.59 -0.57 1.43
C ARG E 109 -17.33 0.18 2.52
N VAL E 110 -17.74 -0.59 3.52
CA VAL E 110 -18.57 -0.11 4.61
C VAL E 110 -17.74 0.33 5.80
N LEU E 111 -17.99 1.55 6.27
CA LEU E 111 -17.33 2.10 7.44
C LEU E 111 -18.17 1.77 8.70
N SER E 112 -17.68 0.85 9.53
CA SER E 112 -18.36 0.47 10.76
C SER E 112 -17.35 0.47 11.93
N PRO E 113 -17.54 1.36 12.96
CA PRO E 113 -16.58 1.39 14.10
C PRO E 113 -16.46 0.06 14.86
N LEU E 114 -15.27 -0.19 15.41
CA LEU E 114 -14.98 -1.40 16.17
C LEU E 114 -14.46 -1.06 17.57
N ASP E 115 -14.93 -1.81 18.59
CA ASP E 115 -14.51 -1.63 19.97
C ASP E 115 -13.50 -2.70 20.34
N PHE E 116 -12.23 -2.27 20.49
CA PHE E 116 -11.08 -3.10 20.80
C PHE E 116 -10.83 -3.25 22.28
N ARG E 117 -11.68 -2.66 23.16
CA ARG E 117 -11.52 -2.77 24.61
C ARG E 117 -11.31 -4.26 25.06
N ARG E 118 -12.08 -5.24 24.54
CA ARG E 118 -11.90 -6.63 24.94
C ARG E 118 -11.13 -7.54 23.96
N TYR E 119 -10.31 -6.93 23.07
CA TYR E 119 -9.48 -7.64 22.11
C TYR E 119 -8.46 -8.51 22.88
N PRO E 120 -8.13 -9.75 22.45
CA PRO E 120 -8.62 -10.48 21.26
C PRO E 120 -9.82 -11.36 21.55
N PHE E 121 -10.51 -11.12 22.68
CA PHE E 121 -11.68 -11.92 23.08
C PHE E 121 -13.00 -11.28 22.67
N ASP E 122 -12.89 -10.13 21.99
CA ASP E 122 -13.98 -9.32 21.48
C ASP E 122 -14.86 -10.01 20.45
N SER E 123 -16.06 -9.43 20.30
CA SER E 123 -17.09 -9.73 19.33
C SER E 123 -17.57 -8.35 18.86
N GLN E 124 -17.95 -8.26 17.57
CA GLN E 124 -18.38 -6.99 16.98
C GLN E 124 -19.69 -7.13 16.22
N THR E 125 -20.40 -5.99 16.08
CA THR E 125 -21.64 -5.89 15.30
C THR E 125 -21.39 -4.87 14.19
N LEU E 126 -21.28 -5.37 12.97
CA LEU E 126 -21.05 -4.56 11.79
C LEU E 126 -22.38 -4.03 11.27
N HIS E 127 -22.44 -2.73 11.05
CA HIS E 127 -23.66 -2.08 10.58
C HIS E 127 -23.60 -1.69 9.12
N ILE E 128 -24.76 -1.74 8.44
CA ILE E 128 -24.97 -1.34 7.06
C ILE E 128 -26.28 -0.57 7.14
N TYR E 129 -26.24 0.73 6.91
CA TYR E 129 -27.43 1.54 7.00
C TYR E 129 -28.02 1.88 5.63
N LEU E 130 -29.25 1.39 5.35
CA LEU E 130 -29.97 1.70 4.12
C LEU E 130 -30.77 2.96 4.35
N ILE E 131 -30.81 3.84 3.35
CA ILE E 131 -31.53 5.10 3.49
C ILE E 131 -32.24 5.50 2.18
N VAL E 132 -33.42 6.14 2.34
CA VAL E 132 -34.23 6.68 1.24
C VAL E 132 -34.79 8.06 1.63
N ARG E 133 -34.57 9.04 0.77
CA ARG E 133 -35.06 10.38 1.00
C ARG E 133 -36.37 10.57 0.26
N SER E 134 -37.36 11.08 1.00
CA SER E 134 -38.72 11.34 0.55
C SER E 134 -38.76 12.48 -0.47
N VAL E 135 -39.52 12.28 -1.56
CA VAL E 135 -39.74 13.23 -2.65
C VAL E 135 -40.77 14.33 -2.21
N ASP E 136 -41.05 15.29 -3.11
CA ASP E 136 -41.97 16.40 -2.97
C ASP E 136 -43.41 15.89 -2.91
N THR E 137 -43.83 15.14 -3.95
CA THR E 137 -45.19 14.61 -4.07
C THR E 137 -45.59 13.64 -2.93
N ARG E 138 -44.69 12.70 -2.53
CA ARG E 138 -45.00 11.76 -1.44
C ARG E 138 -43.78 11.28 -0.67
N ASN E 139 -44.01 10.87 0.57
CA ASN E 139 -42.96 10.32 1.42
C ASN E 139 -42.69 8.87 1.06
N ILE E 140 -41.46 8.43 1.28
CA ILE E 140 -41.04 7.05 0.99
C ILE E 140 -40.45 6.51 2.28
N VAL E 141 -40.98 5.34 2.72
CA VAL E 141 -40.63 4.61 3.95
C VAL E 141 -40.14 3.18 3.61
N LEU E 142 -39.03 2.78 4.25
CA LEU E 142 -38.39 1.46 4.10
C LEU E 142 -39.01 0.38 5.02
N ALA E 143 -38.92 -0.87 4.56
CA ALA E 143 -39.44 -2.04 5.22
C ALA E 143 -38.45 -3.19 5.05
N VAL E 144 -38.38 -4.12 6.03
CA VAL E 144 -37.50 -5.29 5.94
C VAL E 144 -38.30 -6.59 5.86
N ASP E 145 -38.03 -7.44 4.86
CA ASP E 145 -38.59 -8.79 4.90
C ASP E 145 -37.43 -9.68 5.29
N LEU E 146 -37.42 -10.17 6.54
CA LEU E 146 -36.31 -10.95 7.07
C LEU E 146 -36.10 -12.32 6.39
N GLU E 147 -37.06 -12.69 5.53
CA GLU E 147 -37.05 -13.88 4.69
C GLU E 147 -35.93 -13.66 3.63
N LYS E 148 -35.90 -12.43 3.08
CA LYS E 148 -35.02 -11.97 2.02
C LYS E 148 -33.65 -11.55 2.54
N VAL E 149 -33.53 -11.29 3.88
CA VAL E 149 -32.28 -10.93 4.58
C VAL E 149 -31.50 -12.19 4.94
N GLY E 150 -30.40 -12.43 4.22
CA GLY E 150 -29.59 -13.60 4.48
C GLY E 150 -28.13 -13.46 4.08
N LYS E 151 -27.41 -14.60 4.05
CA LYS E 151 -26.02 -14.68 3.67
C LYS E 151 -25.66 -16.05 3.10
N ASN E 152 -24.72 -16.08 2.14
CA ASN E 152 -24.21 -17.30 1.54
C ASN E 152 -23.53 -18.06 2.65
N ASP E 153 -23.62 -19.40 2.64
CA ASP E 153 -23.02 -20.26 3.68
C ASP E 153 -21.50 -20.15 3.67
N ASP E 154 -20.94 -19.99 2.45
CA ASP E 154 -19.51 -19.87 2.20
C ASP E 154 -18.91 -18.48 2.56
N VAL E 155 -19.73 -17.50 3.04
CA VAL E 155 -19.28 -16.15 3.47
C VAL E 155 -18.29 -16.32 4.63
N PHE E 156 -17.08 -15.77 4.49
CA PHE E 156 -16.04 -15.90 5.50
C PHE E 156 -15.18 -14.65 5.71
N LEU E 157 -14.76 -14.45 6.95
CA LEU E 157 -13.84 -13.42 7.39
C LEU E 157 -12.79 -14.19 8.19
N THR E 158 -11.56 -14.19 7.68
CA THR E 158 -10.45 -14.91 8.31
C THR E 158 -10.27 -14.43 9.74
N GLY E 159 -10.32 -15.37 10.68
CA GLY E 159 -10.17 -15.12 12.11
C GLY E 159 -11.43 -14.68 12.83
N TRP E 160 -12.59 -14.82 12.18
CA TRP E 160 -13.87 -14.44 12.76
C TRP E 160 -14.90 -15.52 12.55
N ASP E 161 -15.80 -15.64 13.53
CA ASP E 161 -16.92 -16.56 13.46
C ASP E 161 -18.12 -15.66 13.15
N ILE E 162 -18.68 -15.78 11.91
CA ILE E 162 -19.83 -14.97 11.47
C ILE E 162 -21.07 -15.59 12.09
N GLU E 163 -21.56 -14.98 13.16
CA GLU E 163 -22.71 -15.44 13.92
C GLU E 163 -24.01 -15.29 13.10
N SER E 164 -24.40 -14.05 12.74
CA SER E 164 -25.66 -13.78 12.05
C SER E 164 -25.65 -12.53 11.19
N PHE E 165 -26.48 -12.53 10.14
CA PHE E 165 -26.77 -11.35 9.33
C PHE E 165 -28.27 -11.15 9.45
N THR E 166 -28.67 -9.98 9.94
CA THR E 166 -30.06 -9.66 10.20
C THR E 166 -30.33 -8.17 10.05
N ALA E 167 -31.57 -7.73 10.29
CA ALA E 167 -31.94 -6.33 10.20
C ALA E 167 -32.92 -5.92 11.31
N VAL E 168 -32.78 -4.67 11.77
CA VAL E 168 -33.69 -4.06 12.75
C VAL E 168 -34.88 -3.52 11.90
N VAL E 169 -35.95 -4.34 11.86
CA VAL E 169 -37.21 -4.19 11.10
C VAL E 169 -37.85 -2.82 11.22
N LYS E 170 -37.83 -2.18 12.41
CA LYS E 170 -38.42 -0.86 12.58
C LYS E 170 -37.46 0.18 12.01
N PRO E 171 -37.85 0.91 10.93
CA PRO E 171 -36.94 1.92 10.37
C PRO E 171 -36.90 3.20 11.20
N ALA E 172 -35.79 3.93 11.08
CA ALA E 172 -35.56 5.17 11.77
C ALA E 172 -35.93 6.27 10.83
N ASN E 173 -37.17 6.78 10.95
CA ASN E 173 -37.70 7.86 10.13
C ASN E 173 -37.44 9.17 10.86
N PHE E 174 -36.83 10.13 10.16
CA PHE E 174 -36.42 11.38 10.77
C PHE E 174 -36.33 12.46 9.71
N ALA E 175 -36.28 13.72 10.17
CA ALA E 175 -36.20 14.87 9.29
C ALA E 175 -34.78 15.28 9.09
N LEU E 176 -34.43 15.56 7.83
CA LEU E 176 -33.12 16.03 7.42
C LEU E 176 -33.29 16.96 6.23
N GLU E 177 -32.81 18.23 6.36
CA GLU E 177 -32.91 19.30 5.34
C GLU E 177 -34.36 19.45 4.78
N ASP E 178 -35.33 19.51 5.71
CA ASP E 178 -36.77 19.66 5.52
C ASP E 178 -37.44 18.53 4.73
N ARG E 179 -36.90 17.30 4.83
CA ARG E 179 -37.50 16.10 4.22
C ARG E 179 -37.35 14.91 5.14
N LEU E 180 -38.17 13.87 4.91
CA LEU E 180 -38.17 12.63 5.66
C LEU E 180 -37.17 11.64 5.07
N GLU E 181 -36.43 10.97 5.98
CA GLU E 181 -35.45 9.94 5.65
C GLU E 181 -35.81 8.72 6.46
N SER E 182 -36.11 7.62 5.78
CA SER E 182 -36.37 6.30 6.38
C SER E 182 -35.05 5.51 6.29
N LYS E 183 -34.50 5.16 7.45
CA LYS E 183 -33.20 4.47 7.59
C LYS E 183 -33.38 3.05 8.18
N LEU E 184 -32.76 2.02 7.55
CA LEU E 184 -32.79 0.63 8.04
C LEU E 184 -31.41 0.15 8.49
N ASP E 185 -31.35 -0.55 9.66
CA ASP E 185 -30.12 -1.05 10.21
C ASP E 185 -29.93 -2.54 9.97
N TYR E 186 -28.96 -2.88 9.12
CA TYR E 186 -28.58 -4.25 8.84
C TYR E 186 -27.36 -4.52 9.71
N GLN E 187 -27.39 -5.66 10.42
CA GLN E 187 -26.32 -6.03 11.33
C GLN E 187 -25.68 -7.37 11.01
N LEU E 188 -24.33 -7.39 10.98
CA LEU E 188 -23.50 -8.58 10.81
C LEU E 188 -22.76 -8.80 12.15
N ARG E 189 -23.13 -9.85 12.90
CA ARG E 189 -22.51 -10.15 14.19
C ARG E 189 -21.43 -11.15 14.00
N ILE E 190 -20.24 -10.78 14.46
CA ILE E 190 -19.01 -11.56 14.31
C ILE E 190 -18.35 -11.66 15.66
N SER E 191 -17.64 -12.77 15.91
CA SER E 191 -16.88 -13.01 17.14
C SER E 191 -15.47 -13.49 16.75
N ARG E 192 -14.44 -12.94 17.38
CA ARG E 192 -13.05 -13.25 17.07
C ARG E 192 -12.62 -14.67 17.42
N GLN E 193 -11.70 -15.24 16.61
CA GLN E 193 -11.08 -16.56 16.76
C GLN E 193 -9.70 -16.42 17.44
N TYR E 194 -9.73 -16.13 18.76
CA TYR E 194 -8.57 -15.85 19.63
C TYR E 194 -7.66 -17.04 20.03
N PHE E 195 -7.86 -18.24 19.48
CA PHE E 195 -7.07 -19.36 19.98
C PHE E 195 -5.60 -19.18 19.77
N SER E 196 -5.17 -19.02 18.52
CA SER E 196 -3.78 -18.82 18.13
C SER E 196 -3.03 -17.75 18.95
N TYR E 197 -3.74 -16.79 19.58
CA TYR E 197 -3.14 -15.75 20.42
C TYR E 197 -2.40 -16.31 21.61
N ILE E 198 -2.93 -17.39 22.22
CA ILE E 198 -2.29 -17.99 23.39
C ILE E 198 -0.87 -18.44 23.02
N PRO E 199 -0.67 -19.47 22.12
CA PRO E 199 0.70 -19.88 21.75
C PRO E 199 1.50 -18.84 20.97
N ASN E 200 0.83 -17.97 20.17
CA ASN E 200 1.57 -17.00 19.35
C ASN E 200 1.96 -15.73 20.07
N ILE E 201 1.07 -15.14 20.90
CA ILE E 201 1.38 -13.86 21.54
C ILE E 201 1.51 -13.93 23.05
N ILE E 202 0.48 -14.42 23.75
CA ILE E 202 0.42 -14.48 25.21
C ILE E 202 1.61 -15.25 25.85
N LEU E 203 1.71 -16.54 25.59
CA LEU E 203 2.76 -17.38 26.17
C LEU E 203 4.19 -16.90 25.88
N PRO E 204 4.63 -16.61 24.63
CA PRO E 204 6.05 -16.22 24.46
C PRO E 204 6.40 -14.91 25.15
N MET E 205 5.42 -13.96 25.18
CA MET E 205 5.56 -12.68 25.86
C MET E 205 5.67 -12.90 27.37
N LEU E 206 4.96 -13.92 27.92
CA LEU E 206 5.09 -14.24 29.34
C LEU E 206 6.44 -14.83 29.65
N PHE E 207 6.92 -15.80 28.83
CA PHE E 207 8.22 -16.45 29.02
C PHE E 207 9.35 -15.43 29.23
N ILE E 208 9.41 -14.41 28.34
CA ILE E 208 10.40 -13.34 28.40
C ILE E 208 10.33 -12.63 29.78
N LEU E 209 9.11 -12.29 30.27
CA LEU E 209 8.90 -11.67 31.58
C LEU E 209 9.43 -12.56 32.71
N PHE E 210 9.13 -13.88 32.62
CA PHE E 210 9.58 -14.85 33.61
C PHE E 210 11.10 -14.93 33.64
N ILE E 211 11.76 -14.92 32.45
CA ILE E 211 13.23 -14.95 32.38
C ILE E 211 13.83 -13.81 33.21
N SER E 212 13.19 -12.61 33.15
CA SER E 212 13.64 -11.44 33.95
C SER E 212 13.55 -11.71 35.45
N TRP E 213 12.59 -12.55 35.90
CA TRP E 213 12.41 -12.88 37.32
C TRP E 213 13.52 -13.82 37.87
N THR E 214 14.36 -14.39 37.00
CA THR E 214 15.43 -15.25 37.50
C THR E 214 16.50 -14.40 38.23
N ALA E 215 16.42 -13.07 38.09
CA ALA E 215 17.32 -12.11 38.73
C ALA E 215 17.07 -12.02 40.26
N PHE E 216 16.10 -12.80 40.73
CA PHE E 216 15.77 -12.90 42.15
C PHE E 216 16.45 -14.14 42.77
N TRP E 217 17.12 -14.96 41.94
CA TRP E 217 17.88 -16.13 42.37
C TRP E 217 19.36 -15.95 42.03
N SER E 218 19.79 -14.68 41.92
CA SER E 218 21.17 -14.29 41.64
C SER E 218 21.58 -13.08 42.47
N THR E 219 22.88 -12.98 42.78
CA THR E 219 23.49 -11.87 43.52
C THR E 219 24.44 -11.13 42.61
N SER E 220 24.74 -11.68 41.42
CA SER E 220 25.63 -11.08 40.43
C SER E 220 24.94 -9.93 39.71
N TYR E 221 25.34 -8.68 40.05
CA TYR E 221 24.77 -7.46 39.46
C TYR E 221 25.00 -7.37 37.97
N GLU E 222 26.13 -7.88 37.48
CA GLU E 222 26.42 -7.93 36.05
C GLU E 222 25.45 -8.89 35.36
N ALA E 223 25.27 -10.11 35.91
CA ALA E 223 24.32 -11.09 35.37
C ALA E 223 22.87 -10.58 35.45
N ASN E 224 22.51 -9.89 36.55
CA ASN E 224 21.18 -9.33 36.78
C ASN E 224 20.82 -8.22 35.82
N VAL E 225 21.74 -7.24 35.59
CA VAL E 225 21.55 -6.14 34.63
C VAL E 225 21.30 -6.75 33.26
N THR E 226 22.17 -7.71 32.86
CA THR E 226 22.04 -8.44 31.61
C THR E 226 20.68 -9.15 31.53
N LEU E 227 20.19 -9.75 32.63
CA LEU E 227 18.88 -10.40 32.63
C LEU E 227 17.72 -9.43 32.42
N VAL E 228 17.53 -8.43 33.32
CA VAL E 228 16.39 -7.51 33.24
C VAL E 228 16.40 -6.63 31.95
N VAL E 229 17.58 -6.06 31.58
CA VAL E 229 17.65 -5.18 30.41
C VAL E 229 17.58 -5.96 29.10
N SER E 230 18.32 -7.10 28.96
CA SER E 230 18.22 -7.91 27.73
C SER E 230 16.82 -8.43 27.49
N THR E 231 16.10 -8.86 28.56
CA THR E 231 14.70 -9.32 28.41
C THR E 231 13.77 -8.16 28.05
N LEU E 232 14.03 -6.95 28.60
CA LEU E 232 13.25 -5.76 28.21
C LEU E 232 13.40 -5.54 26.69
N ILE E 233 14.65 -5.62 26.14
CA ILE E 233 14.93 -5.53 24.68
C ILE E 233 14.17 -6.62 23.93
N ALA E 234 14.25 -7.88 24.40
CA ALA E 234 13.54 -9.02 23.80
C ALA E 234 12.02 -8.80 23.83
N HIS E 235 11.49 -8.13 24.90
CA HIS E 235 10.06 -7.84 25.01
C HIS E 235 9.62 -6.90 23.90
N ILE E 236 10.32 -5.76 23.77
CA ILE E 236 10.10 -4.74 22.76
C ILE E 236 10.23 -5.39 21.36
N ALA E 237 11.34 -6.18 21.14
CA ALA E 237 11.59 -6.87 19.88
C ALA E 237 10.42 -7.82 19.57
N PHE E 238 9.92 -8.52 20.60
CA PHE E 238 8.79 -9.43 20.39
C PHE E 238 7.56 -8.66 19.95
N ASN E 239 7.29 -7.51 20.60
CA ASN E 239 6.15 -6.66 20.27
C ASN E 239 6.23 -6.11 18.87
N ILE E 240 7.45 -5.81 18.36
CA ILE E 240 7.69 -5.37 16.98
C ILE E 240 7.26 -6.50 16.06
N LEU E 241 7.66 -7.75 16.39
CA LEU E 241 7.34 -8.95 15.62
C LEU E 241 5.83 -9.25 15.56
N VAL E 242 5.14 -9.28 16.71
CA VAL E 242 3.70 -9.60 16.76
C VAL E 242 2.79 -8.33 16.67
N GLU E 243 3.36 -7.19 16.21
CA GLU E 243 2.68 -5.90 16.03
C GLU E 243 1.39 -6.04 15.23
N THR E 244 0.27 -5.52 15.80
CA THR E 244 -1.12 -5.53 15.25
C THR E 244 -1.25 -4.83 13.88
N ASN E 245 -0.27 -3.95 13.49
CA ASN E 245 -0.22 -3.11 12.27
C ASN E 245 -1.20 -1.90 12.41
N CYS E 246 -1.94 -1.88 13.56
CA CYS E 246 -2.91 -0.88 13.98
C CYS E 246 -2.26 0.23 14.77
N PRO E 247 -2.34 1.49 14.25
CA PRO E 247 -1.80 2.63 15.03
C PRO E 247 -2.56 2.66 16.35
N LYS E 248 -1.87 2.93 17.43
CA LYS E 248 -2.46 2.90 18.76
C LYS E 248 -3.88 3.56 18.83
N THR E 249 -4.72 2.82 19.53
CA THR E 249 -6.10 3.07 19.84
C THR E 249 -6.19 4.27 20.80
N PRO E 250 -7.08 5.24 20.53
CA PRO E 250 -7.22 6.40 21.42
C PRO E 250 -7.70 6.12 22.84
N TYR E 251 -8.42 4.99 23.05
CA TYR E 251 -8.98 4.52 24.32
C TYR E 251 -8.16 3.40 24.95
N MET E 252 -8.35 3.16 26.26
CA MET E 252 -7.61 2.10 26.96
C MET E 252 -8.30 0.73 26.80
N THR E 253 -7.54 -0.19 26.20
CA THR E 253 -7.89 -1.56 25.93
C THR E 253 -7.36 -2.49 27.03
N TYR E 254 -7.93 -3.70 27.12
CA TYR E 254 -7.51 -4.74 28.06
C TYR E 254 -6.05 -5.06 27.79
N THR E 255 -5.73 -5.34 26.51
CA THR E 255 -4.40 -5.65 26.01
C THR E 255 -3.42 -4.53 26.33
N GLY E 256 -3.85 -3.29 26.08
CA GLY E 256 -3.08 -2.09 26.35
C GLY E 256 -2.67 -1.93 27.79
N ALA E 257 -3.61 -2.25 28.73
CA ALA E 257 -3.42 -2.19 30.19
C ALA E 257 -2.34 -3.19 30.62
N ILE E 258 -2.44 -4.44 30.13
CA ILE E 258 -1.49 -5.51 30.42
C ILE E 258 -0.09 -5.19 29.89
N ILE E 259 0.03 -4.75 28.62
CA ILE E 259 1.34 -4.34 28.06
C ILE E 259 1.96 -3.26 28.97
N PHE E 260 1.16 -2.22 29.37
CA PHE E 260 1.62 -1.17 30.26
C PHE E 260 2.14 -1.77 31.56
N MET E 261 1.37 -2.73 32.13
CA MET E 261 1.70 -3.44 33.36
C MET E 261 3.03 -4.16 33.25
N ILE E 262 3.28 -4.85 32.10
CA ILE E 262 4.54 -5.54 31.78
C ILE E 262 5.76 -4.54 31.78
N TYR E 263 5.61 -3.36 31.12
CA TYR E 263 6.65 -2.33 31.12
C TYR E 263 6.93 -1.82 32.54
N LEU E 264 5.89 -1.71 33.38
CA LEU E 264 6.01 -1.32 34.79
C LEU E 264 6.83 -2.37 35.58
N PHE E 265 6.52 -3.68 35.34
CA PHE E 265 7.21 -4.82 35.94
C PHE E 265 8.69 -4.85 35.57
N TYR E 266 9.05 -4.47 34.30
CA TYR E 266 10.45 -4.40 33.87
C TYR E 266 11.18 -3.31 34.65
N PHE E 267 10.50 -2.17 34.84
CA PHE E 267 11.05 -1.06 35.59
C PHE E 267 11.19 -1.37 37.06
N VAL E 268 10.18 -2.02 37.68
CA VAL E 268 10.22 -2.36 39.11
C VAL E 268 11.34 -3.39 39.38
N ALA E 269 11.51 -4.39 38.47
CA ALA E 269 12.55 -5.41 38.57
C ALA E 269 13.92 -4.77 38.48
N VAL E 270 14.08 -3.71 37.64
CA VAL E 270 15.37 -2.97 37.59
C VAL E 270 15.58 -2.28 38.95
N ILE E 271 14.56 -1.58 39.50
CA ILE E 271 14.66 -0.94 40.81
C ILE E 271 15.18 -1.95 41.87
N GLU E 272 14.55 -3.14 41.95
CA GLU E 272 14.90 -4.23 42.86
C GLU E 272 16.37 -4.55 42.73
N VAL E 273 16.82 -4.93 41.51
CA VAL E 273 18.20 -5.25 41.15
C VAL E 273 19.15 -4.12 41.57
N THR E 274 18.73 -2.87 41.35
CA THR E 274 19.51 -1.72 41.71
C THR E 274 19.65 -1.61 43.25
N VAL E 275 18.49 -1.71 43.98
CA VAL E 275 18.39 -1.67 45.45
C VAL E 275 19.28 -2.75 46.07
N GLN E 276 19.07 -4.03 45.66
CA GLN E 276 19.80 -5.21 46.13
C GLN E 276 21.30 -4.96 46.12
N HIS E 277 21.84 -4.61 44.95
CA HIS E 277 23.26 -4.35 44.76
C HIS E 277 23.76 -3.19 45.62
N TYR E 278 23.00 -2.07 45.68
CA TYR E 278 23.39 -0.92 46.49
C TYR E 278 23.43 -1.27 47.98
N LEU E 279 22.47 -2.08 48.48
CA LEU E 279 22.48 -2.50 49.89
C LEU E 279 23.69 -3.40 50.19
N LYS E 280 23.99 -4.34 49.27
CA LYS E 280 25.14 -5.24 49.35
C LYS E 280 26.42 -4.42 49.45
N VAL E 281 26.61 -3.45 48.53
CA VAL E 281 27.77 -2.58 48.50
C VAL E 281 27.78 -1.61 49.71
N GLU E 282 26.58 -1.25 50.26
CA GLU E 282 26.48 -0.39 51.44
C GLU E 282 26.42 -1.18 52.75
N SER E 283 27.22 -2.26 52.80
CA SER E 283 27.41 -3.17 53.94
C SER E 283 26.10 -3.51 54.67
N GLN E 284 25.10 -3.96 53.93
CA GLN E 284 23.79 -4.35 54.48
C GLN E 284 23.28 -5.60 53.74
N PRO E 285 24.04 -6.71 53.69
CA PRO E 285 23.58 -7.89 52.93
C PRO E 285 22.38 -8.64 53.52
N ALA E 286 21.93 -8.23 54.71
CA ALA E 286 20.76 -8.84 55.36
C ALA E 286 19.50 -8.35 54.65
N ARG E 287 19.39 -7.00 54.43
CA ARG E 287 18.26 -6.34 53.76
C ARG E 287 18.21 -6.73 52.30
N ALA E 288 19.37 -6.66 51.61
CA ALA E 288 19.50 -7.04 50.20
C ALA E 288 18.98 -8.47 49.98
N ALA E 289 19.42 -9.45 50.78
CA ALA E 289 18.93 -10.81 50.65
C ALA E 289 17.45 -10.99 50.99
N SER E 290 16.92 -10.25 51.98
CA SER E 290 15.51 -10.39 52.33
C SER E 290 14.55 -9.81 51.26
N ILE E 291 14.99 -8.70 50.60
CA ILE E 291 14.26 -8.02 49.51
C ILE E 291 14.17 -8.99 48.33
N THR E 292 15.31 -9.61 47.94
CA THR E 292 15.44 -10.55 46.83
C THR E 292 14.55 -11.74 47.06
N ARG E 293 14.63 -12.31 48.27
CA ARG E 293 13.82 -13.47 48.68
C ARG E 293 12.30 -13.16 48.62
N ALA E 294 11.90 -11.93 49.02
CA ALA E 294 10.52 -11.46 48.99
C ALA E 294 10.00 -11.35 47.54
N SER E 295 10.78 -10.68 46.68
CA SER E 295 10.51 -10.46 45.25
C SER E 295 10.19 -11.75 44.51
N ARG E 296 10.89 -12.86 44.85
CA ARG E 296 10.66 -14.21 44.31
C ARG E 296 9.17 -14.64 44.42
N ILE E 297 8.47 -14.18 45.47
CA ILE E 297 7.05 -14.48 45.74
C ILE E 297 6.20 -13.29 45.30
N ALA E 298 6.62 -12.06 45.72
CA ALA E 298 5.93 -10.80 45.44
C ALA E 298 5.63 -10.61 43.97
N PHE E 299 6.67 -10.66 43.11
CA PHE E 299 6.57 -10.45 41.66
C PHE E 299 5.52 -11.36 41.02
N PRO E 300 5.60 -12.71 41.08
CA PRO E 300 4.53 -13.53 40.45
C PRO E 300 3.14 -13.35 41.06
N VAL E 301 3.06 -13.22 42.40
CA VAL E 301 1.78 -13.04 43.11
C VAL E 301 1.10 -11.73 42.71
N VAL E 302 1.81 -10.57 42.80
CA VAL E 302 1.32 -9.25 42.38
C VAL E 302 0.88 -9.28 40.89
N PHE E 303 1.68 -9.96 40.04
CA PHE E 303 1.37 -10.12 38.62
C PHE E 303 0.05 -10.87 38.43
N LEU E 304 -0.09 -12.05 39.06
CA LEU E 304 -1.31 -12.87 38.99
C LEU E 304 -2.56 -12.13 39.50
N LEU E 305 -2.43 -11.37 40.60
CA LEU E 305 -3.55 -10.62 41.18
C LEU E 305 -3.95 -9.47 40.29
N ALA E 306 -2.98 -8.59 39.93
CA ALA E 306 -3.21 -7.44 39.04
C ALA E 306 -3.83 -7.87 37.71
N ASN E 307 -3.44 -9.05 37.18
CA ASN E 307 -3.98 -9.62 35.96
C ASN E 307 -5.46 -10.00 36.10
N ILE E 308 -5.82 -10.63 37.25
CA ILE E 308 -7.20 -11.00 37.61
C ILE E 308 -8.06 -9.74 37.74
N ILE E 309 -7.56 -8.69 38.45
CA ILE E 309 -8.24 -7.41 38.60
C ILE E 309 -8.54 -6.81 37.21
N LEU E 310 -7.53 -6.81 36.31
CA LEU E 310 -7.67 -6.28 34.94
C LEU E 310 -8.69 -7.07 34.16
N ALA E 311 -8.59 -8.42 34.18
CA ALA E 311 -9.52 -9.32 33.50
C ALA E 311 -10.93 -9.07 34.01
N PHE E 312 -11.08 -8.81 35.32
CA PHE E 312 -12.39 -8.51 35.90
C PHE E 312 -12.94 -7.18 35.45
N LEU E 313 -12.13 -6.14 35.50
CA LEU E 313 -12.55 -4.81 35.08
C LEU E 313 -12.96 -4.76 33.60
N PHE E 314 -12.31 -5.57 32.74
CA PHE E 314 -12.60 -5.56 31.31
C PHE E 314 -13.70 -6.54 30.91
N PHE E 315 -13.89 -7.64 31.65
CA PHE E 315 -14.93 -8.63 31.32
C PHE E 315 -15.78 -8.98 32.54
CL CL F . -18.36 -10.91 -12.62
CL CL G . -4.54 -5.01 -23.91
CL CL H . -1.83 12.98 -21.02
C1 LMT I . 17.87 -5.80 18.24
C2 LMT I . 16.88 -4.71 17.95
C3 LMT I . 16.47 -4.98 16.51
C4 LMT I . 15.29 -4.16 16.13
C5 LMT I . 14.75 -4.79 14.87
C6 LMT I . 13.50 -4.03 14.55
C7 LMT I . 12.93 -4.57 13.29
C8 LMT I . 12.27 -3.38 12.64
C9 LMT I . 11.47 -3.81 11.45
C10 LMT I . 10.64 -2.63 11.03
C11 LMT I . 9.61 -3.04 9.97
C12 LMT I . 8.76 -1.78 9.62
CL CL J . -14.82 18.40 -7.35
CL CL K . -24.82 4.02 -1.82
C 6JW L . 21.71 -4.11 23.74
O 6JW L . 20.29 -6.40 23.23
N 6JW L . 21.60 -7.72 24.49
BR 6JW L . 19.74 -5.70 19.71
C1 6JW L . 22.91 -4.82 23.14
C2 6JW L . 22.63 -6.29 22.75
C3 6JW L . 22.28 -6.44 21.25
C4 6JW L . 21.36 -5.33 20.83
C5 6JW L . 21.43 -6.77 23.52
C6 6JW L . 22.76 -8.39 24.77
C7 6JW L . 23.91 -7.09 23.05
O2 6JW L . 24.95 -6.86 22.46
N1 6JW L . 23.86 -8.03 24.03
O1 6JW L . 22.80 -9.27 25.62
#